data_6RZA
#
_entry.id   6RZA
#
_cell.length_a   1.00
_cell.length_b   1.00
_cell.length_c   1.00
_cell.angle_alpha   90.00
_cell.angle_beta   90.00
_cell.angle_gamma   90.00
#
_symmetry.space_group_name_H-M   'P 1'
#
loop_
_entity.id
_entity.type
_entity.pdbx_description
1 polymer 'Cytoplasmic dynein 1 heavy chain 1,Dynein heavy chain 7, axonemal,Cytoplasmic dynein 1 heavy chain 1'
2 polymer 'Tubulin alpha-1B chain'
3 polymer 'Tubulin beta chain'
4 non-polymer "GUANOSINE-5'-TRIPHOSPHATE"
5 non-polymer 'MAGNESIUM ION'
6 non-polymer "GUANOSINE-5'-DIPHOSPHATE"
7 non-polymer TAXOL
#
loop_
_entity_poly.entity_id
_entity_poly.type
_entity_poly.pdbx_seq_one_letter_code
_entity_poly.pdbx_strand_id
1 'polypeptide(L)'
;ADKQMSVKEDLDKVEPILESALAALDTLTAQDITVVKSMKSPPAGVKLVMEAICILKGIKADKIPDPTGSGKKIEDFWGP
AKRLLGDMRFLQSLHEYDKDNIPPAYMNIIRKNYIPNPDFVPEKIRNASTAAEGLCKWVIAMDSYDKVAKIVAPLRNELQ
KLE
;
X
2 'polypeptide(L)'
;MRECISIHVGQAGVQIGNACWELYCLEHGIQPDGQMPSDKTIGGGDDSFNTFFSETGAGKHVPRAVFVDLEPTVIDEVRT
GTYRQLFHPEQLITGKEDAANNYARGHYTIGKEIIDLVLDRIRKLADQCTGLQGFLVFHSFGGGTGSGFTSLLMERLSVD
YGKKSKLEFSIYPAPQVSTAVVEPYNSILTTHTTLEHSDCAFMVDNEAIYDICRRNLDIERPTYTNLNRLISQIVSSITA
SLRFDGALNVDLTEFQTNLVPYPRIHFPLATYAPVISAEKAYHEQLSVAEITNACFEPANQMVKCDPRHGKYMACCLLYR
GDVVPKDVNAAIATIKTKRTIQFVDWCPTGFKVGINYQPPTVVPGGDLAKVQRAVCMLSNTTAIAEAWARLDHKFDLMYA
KRAFVHWYVGEGMEEGEFSEAREDMAALEKDYEEVGV
;
A,C
3 'polypeptide(L)'
;MREIVHIQAGQCGNQIGAKFWEVISDEHGIDPTGSYHGDSDLQLERINVYYNEAAGNKYVPRAILVDLEPGTMDSVRSGP
FGQIFRPDNFVFGQSGAGNNWAKGHYTEGAELVDSVLDVVRKESESCDCLQGFQLTHSLGGGTGSGMGTLLISKIREEYP
DRIMNTFSVVPSPKVSDTVVEPYNATLSVHQLVENTDETYCIDNEALYDICFRTLKLTTPTYGDLNHLVSATMSGVTTCL
RFPGQLNADLRKLAVNMVPFPRLHFFMPGFAPLTSRGSQQYRALTVPELTQQMFDAKNMMAACDPRHGRYLTVAAVFRGR
MSMKEVDEQMLNVQNKNSSYFVEWIPNNVKTAVCDIPPRGLKMSATFIGNSTAIQELFKRISEQFTAMFRRKAFLHWYTG
EGMDEMEFTEAESNMNDLVSEYQQYQ
;
B,D
#
# COMPACT_ATOMS: atom_id res chain seq x y z
N ALA A 1 35.51 -38.51 -46.34
CA ALA A 1 36.38 -38.14 -45.19
C ALA A 1 36.79 -36.66 -45.30
N ASP A 2 37.12 -36.21 -46.52
CA ASP A 2 37.44 -34.81 -46.81
C ASP A 2 36.22 -33.92 -46.56
N LYS A 3 35.03 -34.42 -46.96
CA LYS A 3 33.75 -33.75 -46.70
C LYS A 3 33.56 -33.61 -45.18
N GLN A 4 33.85 -34.69 -44.44
CA GLN A 4 33.79 -34.68 -42.98
C GLN A 4 34.74 -33.61 -42.42
N MET A 5 35.98 -33.57 -42.95
CA MET A 5 36.97 -32.60 -42.55
C MET A 5 36.48 -31.18 -42.83
N SER A 6 35.76 -30.99 -43.96
CA SER A 6 35.17 -29.72 -44.36
C SER A 6 34.09 -29.26 -43.38
N VAL A 7 33.23 -30.19 -42.91
CA VAL A 7 32.23 -29.87 -41.88
C VAL A 7 32.92 -29.58 -40.55
N LYS A 8 34.08 -30.22 -40.31
CA LYS A 8 34.88 -30.04 -39.12
C LYS A 8 35.69 -28.74 -39.21
N GLU A 9 35.93 -28.24 -40.43
CA GLU A 9 36.47 -26.91 -40.69
C GLU A 9 35.37 -25.87 -40.48
N ASP A 10 34.14 -26.20 -40.90
CA ASP A 10 32.97 -25.39 -40.63
C ASP A 10 32.84 -25.18 -39.13
N LEU A 11 33.01 -26.28 -38.36
CA LEU A 11 33.03 -26.24 -36.91
C LEU A 11 34.18 -25.39 -36.39
N ASP A 12 35.37 -25.49 -37.01
CA ASP A 12 36.55 -24.72 -36.63
C ASP A 12 36.34 -23.22 -36.86
N LYS A 13 35.60 -22.89 -37.93
CA LYS A 13 35.16 -21.53 -38.19
C LYS A 13 34.12 -21.12 -37.14
N VAL A 14 33.29 -22.10 -36.75
CA VAL A 14 32.21 -21.95 -35.78
C VAL A 14 32.73 -22.14 -34.36
N GLU A 15 33.89 -22.78 -34.20
CA GLU A 15 34.46 -23.08 -32.89
C GLU A 15 34.61 -21.81 -32.04
N PRO A 16 35.18 -20.68 -32.59
CA PRO A 16 35.20 -19.40 -31.87
C PRO A 16 33.86 -18.89 -31.34
N ILE A 17 32.77 -19.02 -32.12
CA ILE A 17 31.43 -18.64 -31.65
C ILE A 17 30.95 -19.60 -30.56
N LEU A 18 31.25 -20.90 -30.70
CA LEU A 18 31.00 -21.85 -29.62
C LEU A 18 31.86 -21.48 -28.43
N GLU A 19 33.12 -21.11 -28.71
CA GLU A 19 34.08 -20.64 -27.72
C GLU A 19 33.59 -19.33 -27.12
N SER A 20 32.95 -18.47 -27.94
CA SER A 20 32.37 -17.22 -27.47
C SER A 20 31.26 -17.50 -26.46
N ALA A 21 30.41 -18.49 -26.76
CA ALA A 21 29.36 -18.93 -25.85
C ALA A 21 29.97 -19.45 -24.57
N LEU A 22 31.03 -20.26 -24.69
CA LEU A 22 31.79 -20.79 -23.57
C LEU A 22 32.42 -19.65 -22.75
N ALA A 23 32.98 -18.66 -23.47
CA ALA A 23 33.59 -17.49 -22.86
C ALA A 23 32.53 -16.68 -22.10
N ALA A 24 31.31 -16.63 -22.65
CA ALA A 24 30.16 -15.98 -22.04
C ALA A 24 29.80 -16.69 -20.73
N LEU A 25 29.75 -18.02 -20.78
CA LEU A 25 29.55 -18.85 -19.60
C LEU A 25 30.60 -18.52 -18.53
N ASP A 26 31.86 -18.37 -18.97
CA ASP A 26 32.99 -18.06 -18.10
C ASP A 26 32.88 -16.64 -17.53
N THR A 27 32.46 -15.68 -18.37
CA THR A 27 32.39 -14.27 -18.01
C THR A 27 31.32 -14.03 -16.94
N LEU A 28 30.44 -15.01 -16.73
CA LEU A 28 29.65 -15.09 -15.51
C LEU A 28 30.60 -15.05 -14.29
N THR A 29 30.78 -13.85 -13.73
CA THR A 29 31.66 -13.60 -12.60
C THR A 29 31.05 -14.25 -11.36
N ALA A 30 31.86 -14.40 -10.30
CA ALA A 30 31.43 -15.05 -9.08
C ALA A 30 30.13 -14.43 -8.55
N GLN A 31 30.20 -13.20 -8.00
CA GLN A 31 29.13 -12.65 -7.20
C GLN A 31 28.81 -11.20 -7.57
N ASP A 32 29.41 -10.68 -8.64
CA ASP A 32 29.03 -9.36 -9.14
C ASP A 32 27.68 -9.49 -9.85
N ILE A 33 27.53 -10.54 -10.66
CA ILE A 33 26.24 -10.90 -11.21
C ILE A 33 25.28 -11.13 -10.04
N THR A 34 25.76 -11.86 -9.02
CA THR A 34 24.88 -12.26 -7.92
C THR A 34 24.31 -11.05 -7.20
N VAL A 35 25.06 -9.95 -7.21
CA VAL A 35 24.69 -8.74 -6.48
C VAL A 35 23.93 -7.77 -7.38
N VAL A 36 24.24 -7.73 -8.68
CA VAL A 36 23.58 -6.77 -9.54
C VAL A 36 22.12 -7.22 -9.62
N LYS A 37 21.93 -8.55 -9.54
CA LYS A 37 20.64 -9.21 -9.54
C LYS A 37 19.95 -9.05 -8.18
N SER A 38 20.73 -9.09 -7.08
CA SER A 38 20.20 -8.89 -5.74
C SER A 38 19.55 -7.52 -5.62
N MET A 39 20.21 -6.49 -6.17
CA MET A 39 19.64 -5.16 -6.30
C MET A 39 18.44 -5.22 -7.24
N LYS A 40 17.39 -4.46 -6.88
CA LYS A 40 16.05 -4.54 -7.43
C LYS A 40 16.02 -4.24 -8.93
N SER A 41 16.42 -3.01 -9.31
CA SER A 41 16.14 -2.42 -10.62
C SER A 41 17.40 -1.81 -11.26
N PRO A 42 18.33 -2.64 -11.80
CA PRO A 42 19.60 -2.14 -12.36
C PRO A 42 19.35 -1.47 -13.72
N PRO A 43 20.39 -1.03 -14.47
CA PRO A 43 20.15 -0.29 -15.72
C PRO A 43 19.23 -1.12 -16.60
N ALA A 44 18.28 -0.42 -17.25
CA ALA A 44 17.24 -1.04 -18.06
C ALA A 44 17.86 -2.02 -19.06
N GLY A 45 19.01 -1.64 -19.63
CA GLY A 45 19.80 -2.48 -20.52
C GLY A 45 20.00 -3.89 -19.95
N VAL A 46 20.45 -3.94 -18.69
CA VAL A 46 20.66 -5.20 -17.99
C VAL A 46 19.31 -5.84 -17.69
N LYS A 47 18.26 -5.03 -17.47
CA LYS A 47 16.90 -5.54 -17.30
C LYS A 47 16.42 -6.20 -18.58
N LEU A 48 16.79 -5.62 -19.73
CA LEU A 48 16.50 -6.21 -21.03
C LEU A 48 17.29 -7.51 -21.17
N VAL A 49 18.56 -7.50 -20.72
CA VAL A 49 19.48 -8.62 -20.82
C VAL A 49 19.00 -9.81 -20.00
N MET A 50 18.55 -9.57 -18.76
CA MET A 50 18.03 -10.62 -17.90
C MET A 50 16.68 -11.13 -18.42
N GLU A 51 15.91 -10.24 -19.05
CA GLU A 51 14.68 -10.62 -19.74
C GLU A 51 15.05 -11.56 -20.89
N ALA A 52 16.13 -11.22 -21.60
CA ALA A 52 16.66 -12.06 -22.66
C ALA A 52 17.09 -13.41 -22.12
N ILE A 53 17.73 -13.42 -20.94
CA ILE A 53 18.13 -14.63 -20.24
C ILE A 53 16.90 -15.47 -19.91
N CYS A 54 15.83 -14.81 -19.46
CA CYS A 54 14.55 -15.44 -19.13
C CYS A 54 13.99 -16.16 -20.36
N ILE A 55 14.02 -15.47 -21.50
CA ILE A 55 13.56 -16.02 -22.77
C ILE A 55 14.46 -17.21 -23.15
N LEU A 56 15.78 -17.06 -22.94
CA LEU A 56 16.77 -18.09 -23.18
C LEU A 56 16.45 -19.33 -22.35
N LYS A 57 16.13 -19.12 -21.07
CA LYS A 57 15.73 -20.18 -20.15
C LYS A 57 14.37 -20.75 -20.54
N GLY A 58 13.60 -19.96 -21.28
CA GLY A 58 12.27 -20.37 -21.74
C GLY A 58 11.18 -19.96 -20.77
N ILE A 59 11.56 -19.36 -19.63
CA ILE A 59 10.62 -18.88 -18.64
C ILE A 59 9.89 -17.67 -19.22
N LYS A 60 8.59 -17.65 -19.00
CA LYS A 60 7.68 -16.71 -19.63
C LYS A 60 7.52 -15.48 -18.74
N ALA A 61 7.33 -14.32 -19.38
CA ALA A 61 6.91 -13.10 -18.71
C ALA A 61 5.51 -13.32 -18.11
N ASP A 62 5.31 -12.79 -16.90
CA ASP A 62 4.05 -12.84 -16.15
C ASP A 62 3.27 -11.56 -16.44
N LYS A 63 2.09 -11.41 -15.80
CA LYS A 63 1.23 -10.23 -15.94
C LYS A 63 1.22 -9.43 -14.65
N ILE A 64 1.62 -8.13 -14.72
CA ILE A 64 1.52 -7.20 -13.62
C ILE A 64 0.06 -6.83 -13.45
N PRO A 65 -0.48 -6.69 -12.20
CA PRO A 65 -1.90 -6.36 -12.01
C PRO A 65 -2.16 -5.07 -12.78
N ASP A 66 -3.24 -5.06 -13.56
CA ASP A 66 -3.57 -3.94 -14.43
C ASP A 66 -3.78 -2.68 -13.61
N PRO A 67 -3.20 -1.52 -14.03
CA PRO A 67 -3.46 -0.25 -13.35
C PRO A 67 -4.87 0.23 -13.67
N THR A 68 -5.35 1.20 -12.87
CA THR A 68 -6.65 1.86 -13.06
C THR A 68 -6.76 2.40 -14.47
N GLY A 69 -5.70 3.09 -14.91
CA GLY A 69 -5.62 3.76 -16.20
C GLY A 69 -5.82 2.80 -17.37
N SER A 70 -5.14 1.64 -17.32
CA SER A 70 -5.11 0.66 -18.41
C SER A 70 -5.73 -0.65 -17.95
N GLY A 71 -6.83 -1.05 -18.62
CA GLY A 71 -7.50 -2.31 -18.40
C GLY A 71 -6.54 -3.50 -18.55
N LYS A 72 -5.65 -3.42 -19.55
CA LYS A 72 -4.70 -4.48 -19.87
C LYS A 72 -3.66 -4.59 -18.77
N LYS A 73 -3.32 -5.83 -18.37
CA LYS A 73 -2.27 -6.09 -17.39
C LYS A 73 -0.92 -5.86 -18.06
N ILE A 74 -0.02 -5.15 -17.37
CA ILE A 74 1.29 -4.80 -17.93
C ILE A 74 2.10 -6.08 -18.10
N GLU A 75 2.85 -6.18 -19.22
CA GLU A 75 3.67 -7.35 -19.51
C GLU A 75 5.01 -7.16 -18.80
N ASP A 76 5.28 -7.99 -17.76
CA ASP A 76 6.48 -7.89 -16.94
C ASP A 76 7.26 -9.20 -17.04
N PHE A 77 8.52 -9.12 -17.47
CA PHE A 77 9.40 -10.26 -17.60
C PHE A 77 10.48 -10.23 -16.51
N TRP A 78 10.49 -9.15 -15.72
CA TRP A 78 11.50 -8.96 -14.67
C TRP A 78 11.22 -9.80 -13.42
N GLY A 79 9.94 -10.02 -13.07
CA GLY A 79 9.56 -10.87 -11.95
C GLY A 79 10.01 -12.33 -12.13
N PRO A 80 9.72 -12.95 -13.31
CA PRO A 80 10.33 -14.23 -13.67
C PRO A 80 11.84 -14.15 -13.52
N ALA A 81 12.44 -13.06 -14.03
CA ALA A 81 13.87 -12.85 -13.95
C ALA A 81 14.33 -12.84 -12.50
N LYS A 82 13.56 -12.17 -11.62
CA LYS A 82 13.84 -11.99 -10.20
C LYS A 82 14.01 -13.34 -9.51
N ARG A 83 13.13 -14.28 -9.86
CA ARG A 83 13.06 -15.60 -9.26
C ARG A 83 14.13 -16.50 -9.88
N LEU A 84 14.33 -16.35 -11.20
CA LEU A 84 15.32 -17.09 -11.98
C LEU A 84 16.73 -16.76 -11.49
N LEU A 85 17.00 -15.46 -11.30
CA LEU A 85 18.28 -15.00 -10.80
C LEU A 85 18.44 -15.46 -9.35
N GLY A 86 17.36 -15.35 -8.57
CA GLY A 86 17.30 -15.69 -7.15
C GLY A 86 17.81 -17.09 -6.84
N ASP A 87 17.55 -18.05 -7.75
CA ASP A 87 18.07 -19.41 -7.62
C ASP A 87 19.56 -19.34 -7.28
N MET A 88 19.96 -20.08 -6.24
CA MET A 88 21.32 -20.08 -5.73
C MET A 88 22.27 -20.56 -6.82
N ARG A 89 21.83 -21.57 -7.58
CA ARG A 89 22.61 -22.22 -8.62
C ARG A 89 22.30 -21.64 -10.00
N PHE A 90 21.72 -20.43 -10.05
CA PHE A 90 21.34 -19.78 -11.30
C PHE A 90 22.55 -19.66 -12.23
N LEU A 91 23.67 -19.19 -11.69
CA LEU A 91 24.94 -19.07 -12.41
C LEU A 91 25.39 -20.44 -12.89
N GLN A 92 25.23 -21.43 -12.01
CA GLN A 92 25.53 -22.82 -12.31
C GLN A 92 24.61 -23.31 -13.43
N SER A 93 23.33 -22.90 -13.37
CA SER A 93 22.30 -23.28 -14.34
C SER A 93 22.63 -22.72 -15.72
N LEU A 94 23.14 -21.48 -15.76
CA LEU A 94 23.60 -20.87 -16.99
C LEU A 94 24.71 -21.71 -17.60
N HIS A 95 25.64 -22.18 -16.73
CA HIS A 95 26.78 -23.01 -17.10
C HIS A 95 26.31 -24.37 -17.61
N GLU A 96 25.17 -24.85 -17.09
CA GLU A 96 24.57 -26.13 -17.45
C GLU A 96 23.77 -26.04 -18.76
N TYR A 97 23.29 -24.85 -19.14
CA TYR A 97 22.41 -24.69 -20.29
C TYR A 97 23.06 -25.14 -21.60
N ASP A 98 22.27 -25.78 -22.47
CA ASP A 98 22.73 -26.40 -23.71
C ASP A 98 22.20 -25.63 -24.92
N LYS A 99 23.08 -25.47 -25.93
CA LYS A 99 22.80 -24.77 -27.17
C LYS A 99 21.71 -25.49 -27.96
N ASP A 100 21.79 -26.82 -27.99
CA ASP A 100 20.84 -27.66 -28.69
C ASP A 100 19.45 -27.46 -28.10
N ASN A 101 19.40 -27.42 -26.76
CA ASN A 101 18.17 -27.23 -26.00
C ASN A 101 17.89 -25.73 -25.85
N ILE A 102 17.64 -25.06 -26.99
CA ILE A 102 17.24 -23.66 -27.03
C ILE A 102 15.92 -23.59 -27.80
N PRO A 103 14.85 -22.96 -27.24
CA PRO A 103 13.60 -22.77 -27.99
C PRO A 103 13.88 -21.87 -29.19
N PRO A 104 13.39 -22.23 -30.40
CA PRO A 104 13.51 -21.33 -31.56
C PRO A 104 12.75 -20.03 -31.31
N ALA A 105 11.72 -20.11 -30.45
CA ALA A 105 10.93 -18.96 -29.99
C ALA A 105 11.85 -17.90 -29.38
N TYR A 106 12.81 -18.38 -28.57
CA TYR A 106 13.77 -17.52 -27.89
C TYR A 106 14.66 -16.79 -28.89
N MET A 107 15.08 -17.48 -29.95
CA MET A 107 15.92 -16.90 -31.00
C MET A 107 15.10 -15.82 -31.71
N ASN A 108 13.83 -16.13 -32.00
CA ASN A 108 12.92 -15.20 -32.63
C ASN A 108 12.80 -13.92 -31.80
N ILE A 109 12.72 -14.07 -30.46
CA ILE A 109 12.54 -12.95 -29.55
C ILE A 109 13.81 -12.10 -29.52
N ILE A 110 14.97 -12.77 -29.41
CA ILE A 110 16.27 -12.18 -29.11
C ILE A 110 16.96 -11.79 -30.41
N ARG A 111 17.25 -12.73 -31.33
CA ARG A 111 17.77 -12.29 -32.61
C ARG A 111 16.64 -11.63 -33.39
N LYS A 112 16.91 -10.40 -33.87
CA LYS A 112 15.98 -9.49 -34.55
C LYS A 112 16.07 -8.12 -33.90
N ASN A 113 15.99 -8.10 -32.56
CA ASN A 113 15.93 -6.90 -31.74
C ASN A 113 17.10 -6.84 -30.76
N TYR A 114 17.24 -7.88 -29.91
CA TYR A 114 18.16 -7.88 -28.78
C TYR A 114 19.60 -8.09 -29.27
N ILE A 115 19.84 -9.00 -30.22
CA ILE A 115 21.18 -9.24 -30.77
C ILE A 115 21.72 -8.00 -31.50
N PRO A 116 20.94 -7.30 -32.38
CA PRO A 116 21.40 -6.08 -33.06
C PRO A 116 21.07 -4.72 -32.42
N ASN A 117 20.52 -4.73 -31.20
CA ASN A 117 20.27 -3.52 -30.42
C ASN A 117 21.61 -2.89 -30.03
N PRO A 118 21.75 -1.53 -30.02
CA PRO A 118 22.99 -0.89 -29.61
C PRO A 118 23.24 -0.94 -28.09
N ASP A 119 22.18 -0.76 -27.29
CA ASP A 119 22.29 -0.86 -25.85
C ASP A 119 22.61 -2.29 -25.42
N PHE A 120 22.02 -3.27 -26.10
CA PHE A 120 22.26 -4.68 -25.84
C PHE A 120 23.66 -5.09 -26.29
N VAL A 121 24.23 -4.37 -27.28
CA VAL A 121 25.58 -4.61 -27.77
C VAL A 121 26.55 -4.45 -26.58
N PRO A 122 27.60 -5.30 -26.46
CA PRO A 122 28.44 -5.34 -25.25
C PRO A 122 29.02 -4.00 -24.79
N GLU A 123 29.42 -3.14 -25.71
CA GLU A 123 30.06 -1.86 -25.41
C GLU A 123 29.19 -1.03 -24.46
N LYS A 124 27.90 -0.91 -24.81
CA LYS A 124 26.92 -0.19 -24.00
C LYS A 124 26.69 -0.91 -22.66
N ILE A 125 26.63 -2.24 -22.71
CA ILE A 125 26.52 -3.07 -21.53
C ILE A 125 27.79 -2.97 -20.68
N ARG A 126 28.97 -2.85 -21.33
CA ARG A 126 30.23 -2.62 -20.63
C ARG A 126 30.11 -1.36 -19.78
N ASN A 127 29.54 -0.30 -20.39
CA ASN A 127 29.20 0.92 -19.70
C ASN A 127 28.12 0.64 -18.64
N ALA A 128 27.00 0.05 -19.08
CA ALA A 128 25.80 -0.11 -18.26
C ALA A 128 26.13 -0.77 -16.92
N SER A 129 26.75 -1.97 -16.95
CA SER A 129 27.20 -2.70 -15.77
C SER A 129 28.33 -3.66 -16.15
N THR A 130 29.42 -3.68 -15.36
CA THR A 130 30.54 -4.59 -15.58
C THR A 130 30.07 -6.03 -15.46
N ALA A 131 29.21 -6.30 -14.47
CA ALA A 131 28.61 -7.60 -14.24
C ALA A 131 27.78 -8.04 -15.45
N ALA A 132 27.01 -7.11 -16.01
CA ALA A 132 26.09 -7.38 -17.11
C ALA A 132 26.82 -7.77 -18.40
N GLU A 133 28.09 -7.37 -18.55
CA GLU A 133 28.87 -7.69 -19.73
C GLU A 133 28.69 -9.17 -20.05
N GLY A 134 28.99 -10.00 -19.05
CA GLY A 134 28.84 -11.45 -19.11
C GLY A 134 27.46 -11.88 -19.57
N LEU A 135 26.42 -11.30 -18.93
CA LEU A 135 25.03 -11.68 -19.17
C LEU A 135 24.65 -11.37 -20.62
N CYS A 136 24.98 -10.15 -21.08
CA CYS A 136 24.67 -9.73 -22.44
C CYS A 136 25.40 -10.63 -23.42
N LYS A 137 26.69 -10.86 -23.12
CA LYS A 137 27.54 -11.70 -23.95
C LYS A 137 26.91 -13.10 -24.02
N TRP A 138 26.46 -13.59 -22.85
CA TRP A 138 25.83 -14.89 -22.74
C TRP A 138 24.63 -14.97 -23.68
N VAL A 139 23.71 -14.01 -23.59
CA VAL A 139 22.52 -14.04 -24.42
C VAL A 139 22.91 -14.04 -25.91
N ILE A 140 23.77 -13.07 -26.30
CA ILE A 140 24.19 -12.90 -27.69
C ILE A 140 24.86 -14.18 -28.20
N ALA A 141 25.83 -14.68 -27.43
CA ALA A 141 26.62 -15.84 -27.80
C ALA A 141 25.75 -17.10 -27.87
N MET A 142 24.81 -17.24 -26.92
CA MET A 142 23.85 -18.33 -26.92
C MET A 142 23.01 -18.32 -28.20
N ASP A 143 22.52 -17.13 -28.61
CA ASP A 143 21.73 -17.00 -29.83
C ASP A 143 22.56 -17.37 -31.06
N SER A 144 23.82 -16.88 -31.10
CA SER A 144 24.74 -17.20 -32.18
C SER A 144 24.99 -18.70 -32.23
N TYR A 145 25.16 -19.33 -31.05
CA TYR A 145 25.35 -20.76 -30.92
C TYR A 145 24.08 -21.52 -31.33
N ASP A 146 22.90 -21.00 -31.02
CA ASP A 146 21.71 -21.65 -31.57
C ASP A 146 21.53 -21.30 -33.04
N LYS A 147 22.08 -20.17 -33.50
CA LYS A 147 22.14 -19.93 -34.94
C LYS A 147 23.01 -21.03 -35.54
N VAL A 148 24.06 -21.40 -34.79
CA VAL A 148 25.13 -22.28 -35.23
C VAL A 148 24.72 -23.76 -35.14
N ALA A 149 23.99 -24.16 -34.08
CA ALA A 149 23.45 -25.51 -33.95
C ALA A 149 22.45 -25.79 -35.07
N LYS A 150 21.62 -24.79 -35.39
CA LYS A 150 20.58 -24.89 -36.41
C LYS A 150 21.21 -25.12 -37.80
N ILE A 151 22.38 -24.53 -38.07
CA ILE A 151 23.02 -24.57 -39.39
C ILE A 151 23.98 -25.75 -39.53
N VAL A 152 24.78 -26.05 -38.48
CA VAL A 152 25.88 -27.01 -38.55
C VAL A 152 25.44 -28.40 -38.09
N ALA A 153 24.52 -28.49 -37.10
CA ALA A 153 24.10 -29.78 -36.54
C ALA A 153 23.41 -30.66 -37.60
N PRO A 154 22.41 -30.16 -38.38
CA PRO A 154 21.80 -30.97 -39.45
C PRO A 154 22.83 -31.29 -40.53
N LEU A 155 23.72 -30.33 -40.83
CA LEU A 155 24.80 -30.53 -41.79
C LEU A 155 25.73 -31.66 -41.33
N ARG A 156 26.08 -31.67 -40.03
CA ARG A 156 26.91 -32.72 -39.43
C ARG A 156 26.21 -34.08 -39.49
N ASN A 157 24.89 -34.10 -39.28
CA ASN A 157 24.09 -35.31 -39.40
C ASN A 157 24.08 -35.83 -40.84
N GLU A 158 23.96 -34.92 -41.81
CA GLU A 158 24.03 -35.22 -43.24
C GLU A 158 25.42 -35.78 -43.57
N LEU A 159 26.45 -35.17 -42.96
CA LEU A 159 27.83 -35.62 -43.11
C LEU A 159 27.99 -37.03 -42.54
N GLN A 160 27.33 -37.28 -41.39
CA GLN A 160 27.34 -38.60 -40.77
C GLN A 160 26.73 -39.64 -41.70
N LYS A 161 25.65 -39.27 -42.41
CA LYS A 161 25.03 -40.12 -43.43
C LYS A 161 26.04 -40.43 -44.55
N LEU A 162 26.77 -39.40 -45.00
CA LEU A 162 27.83 -39.53 -46.00
C LEU A 162 28.92 -40.48 -45.49
N GLU A 163 29.29 -40.34 -44.20
CA GLU A 163 30.30 -41.16 -43.56
C GLU A 163 29.81 -42.62 -43.44
N MET B 1 6.44 42.02 -3.88
CA MET B 1 7.79 42.09 -3.26
C MET B 1 8.69 40.95 -3.75
N ARG B 2 10.00 41.15 -3.57
CA ARG B 2 11.02 40.11 -3.64
C ARG B 2 10.70 39.05 -2.60
N GLU B 3 10.48 37.81 -3.05
CA GLU B 3 10.03 36.75 -2.16
C GLU B 3 10.68 35.42 -2.56
N CYS B 4 10.85 34.55 -1.56
CA CYS B 4 11.74 33.40 -1.67
C CYS B 4 11.09 32.09 -1.27
N ILE B 5 11.84 31.01 -1.59
CA ILE B 5 11.47 29.63 -1.37
C ILE B 5 12.61 28.90 -0.66
N SER B 6 12.21 28.13 0.36
CA SER B 6 13.10 27.26 1.14
C SER B 6 12.84 25.81 0.73
N ILE B 7 13.94 25.04 0.57
CA ILE B 7 13.86 23.62 0.27
C ILE B 7 14.89 22.90 1.13
N HIS B 8 14.44 22.23 2.21
CA HIS B 8 15.28 21.39 3.07
C HIS B 8 15.18 19.94 2.61
N VAL B 9 16.33 19.34 2.23
CA VAL B 9 16.38 18.01 1.61
C VAL B 9 17.39 17.18 2.38
N GLY B 10 16.96 15.98 2.76
CA GLY B 10 17.79 15.11 3.56
C GLY B 10 17.69 15.45 5.04
N GLN B 11 18.23 14.55 5.87
CA GLN B 11 18.14 14.72 7.32
C GLN B 11 18.84 16.02 7.69
N ALA B 12 20.05 16.23 7.14
CA ALA B 12 20.85 17.42 7.37
C ALA B 12 20.04 18.66 7.01
N GLY B 13 19.47 18.64 5.83
CA GLY B 13 18.70 19.78 5.39
C GLY B 13 17.61 20.10 6.39
N VAL B 14 16.87 19.08 6.81
CA VAL B 14 15.71 19.33 7.64
C VAL B 14 16.14 19.82 9.02
N GLN B 15 17.23 19.24 9.54
CA GLN B 15 17.71 19.66 10.85
C GLN B 15 18.07 21.15 10.79
N ILE B 16 18.76 21.54 9.71
CA ILE B 16 19.18 22.92 9.55
C ILE B 16 17.94 23.79 9.47
N GLY B 17 16.94 23.26 8.80
CA GLY B 17 15.66 23.93 8.67
C GLY B 17 15.05 24.18 10.03
N ASN B 18 15.14 23.18 10.92
CA ASN B 18 14.55 23.25 12.26
C ASN B 18 15.16 24.45 13.00
N ALA B 19 16.46 24.57 12.80
CA ALA B 19 17.16 25.71 13.36
C ALA B 19 16.78 26.99 12.62
N CYS B 20 16.74 26.98 11.27
CA CYS B 20 16.54 28.16 10.42
C CYS B 20 15.25 28.87 10.77
N TRP B 21 14.16 28.10 10.86
CA TRP B 21 12.82 28.65 10.97
C TRP B 21 12.57 29.15 12.37
N GLU B 22 13.39 28.67 13.31
CA GLU B 22 13.38 29.19 14.65
C GLU B 22 13.83 30.64 14.60
N LEU B 23 14.98 30.84 13.95
CA LEU B 23 15.69 32.10 13.88
C LEU B 23 14.82 33.18 13.24
N TYR B 24 14.28 32.84 12.07
CA TYR B 24 13.51 33.78 11.28
C TYR B 24 12.35 34.28 12.12
N CYS B 25 11.69 33.35 12.81
CA CYS B 25 10.54 33.65 13.65
C CYS B 25 10.94 34.61 14.75
N LEU B 26 12.11 34.35 15.33
CA LEU B 26 12.54 35.17 16.43
C LEU B 26 12.83 36.58 15.94
N GLU B 27 13.30 36.69 14.68
CA GLU B 27 13.67 37.95 14.06
C GLU B 27 12.46 38.76 13.62
N HIS B 28 11.63 38.15 12.77
CA HIS B 28 10.42 38.79 12.27
C HIS B 28 9.39 39.00 13.40
N GLY B 29 9.54 38.26 14.50
CA GLY B 29 8.73 38.44 15.70
C GLY B 29 7.53 37.49 15.78
N ILE B 30 7.52 36.46 14.91
CA ILE B 30 6.50 35.42 14.85
C ILE B 30 6.69 34.41 15.97
N GLN B 31 5.59 33.95 16.57
CA GLN B 31 5.62 32.89 17.56
C GLN B 31 5.64 31.54 16.83
N PRO B 32 5.91 30.40 17.52
CA PRO B 32 5.80 29.09 16.87
C PRO B 32 4.38 28.80 16.38
N ASP B 33 3.39 29.45 17.02
CA ASP B 33 1.98 29.31 16.67
C ASP B 33 1.70 29.83 15.26
N GLY B 34 2.53 30.76 14.80
CA GLY B 34 2.32 31.42 13.53
C GLY B 34 1.70 32.81 13.69
N GLN B 35 1.12 33.06 14.87
CA GLN B 35 0.57 34.34 15.26
C GLN B 35 1.69 35.36 15.53
N MET B 36 1.33 36.64 15.51
CA MET B 36 2.23 37.74 15.81
C MET B 36 1.61 38.65 16.89
N SER B 48 7.75 43.82 7.35
CA SER B 48 7.32 42.96 6.22
C SER B 48 8.27 41.78 6.03
N PHE B 49 7.72 40.60 6.30
CA PHE B 49 8.43 39.32 6.38
C PHE B 49 8.16 38.51 5.11
N ASN B 50 7.58 39.19 4.13
CA ASN B 50 7.08 38.63 2.88
C ASN B 50 7.97 37.52 2.36
N THR B 51 9.28 37.76 2.47
CA THR B 51 10.27 36.93 1.82
C THR B 51 10.18 35.49 2.28
N PHE B 52 9.99 35.29 3.59
CA PHE B 52 10.09 33.97 4.19
C PHE B 52 8.85 33.54 4.96
N PHE B 53 7.91 34.47 5.15
CA PHE B 53 6.59 34.10 5.63
C PHE B 53 5.53 34.61 4.65
N SER B 54 4.64 33.72 4.18
CA SER B 54 3.48 34.09 3.38
C SER B 54 2.29 34.21 4.33
N GLU B 55 1.79 35.43 4.51
CA GLU B 55 0.76 35.71 5.51
C GLU B 55 -0.51 35.04 5.02
N THR B 56 -1.00 34.02 5.76
CA THR B 56 -2.15 33.26 5.32
C THR B 56 -3.43 34.04 5.58
N GLY B 57 -4.52 33.57 4.97
CA GLY B 57 -5.84 34.16 5.13
C GLY B 57 -6.21 34.28 6.62
N ALA B 58 -6.26 33.12 7.28
CA ALA B 58 -6.62 33.05 8.70
C ALA B 58 -5.61 33.84 9.53
N GLY B 59 -4.38 33.94 9.03
CA GLY B 59 -3.31 34.65 9.68
C GLY B 59 -2.17 33.66 9.88
N LYS B 60 -1.75 33.41 11.12
CA LYS B 60 -0.74 32.41 11.46
C LYS B 60 0.33 32.34 10.37
N HIS B 61 1.02 33.46 10.12
CA HIS B 61 1.91 33.57 8.98
C HIS B 61 2.71 32.28 8.89
N VAL B 62 2.68 31.64 7.71
CA VAL B 62 3.22 30.30 7.53
C VAL B 62 4.40 30.34 6.56
N PRO B 63 5.52 29.63 6.85
CA PRO B 63 6.72 29.74 6.04
C PRO B 63 6.53 29.36 4.58
N ARG B 64 7.24 30.08 3.72
CA ARG B 64 7.38 29.74 2.32
C ARG B 64 8.49 28.71 2.22
N ALA B 65 8.22 27.48 2.66
CA ALA B 65 9.23 26.43 2.74
C ALA B 65 8.70 25.08 2.25
N VAL B 66 9.62 24.16 1.93
CA VAL B 66 9.36 22.79 1.50
C VAL B 66 10.26 21.88 2.34
N PHE B 67 9.75 20.74 2.80
CA PHE B 67 10.48 19.86 3.70
C PHE B 67 10.31 18.44 3.20
N VAL B 68 11.43 17.86 2.74
CA VAL B 68 11.40 16.57 2.07
C VAL B 68 12.42 15.67 2.75
N ASP B 69 12.01 14.41 3.00
CA ASP B 69 12.95 13.36 3.31
C ASP B 69 12.28 12.03 3.05
N LEU B 70 13.10 11.12 2.57
CA LEU B 70 12.70 9.76 2.28
C LEU B 70 12.61 8.99 3.60
N GLU B 71 13.51 9.33 4.55
CA GLU B 71 13.49 8.86 5.92
C GLU B 71 12.39 9.65 6.64
N PRO B 72 11.22 9.03 6.92
CA PRO B 72 10.14 9.79 7.54
C PRO B 72 10.49 10.15 8.98
N THR B 73 11.41 9.40 9.60
CA THR B 73 11.85 9.52 10.98
C THR B 73 12.09 10.99 11.38
N VAL B 74 12.73 11.73 10.48
CA VAL B 74 13.30 13.05 10.67
C VAL B 74 12.19 14.10 10.81
N ILE B 75 11.32 14.10 9.82
CA ILE B 75 10.25 15.06 9.63
C ILE B 75 9.11 14.71 10.57
N ASP B 76 9.12 13.48 11.10
CA ASP B 76 8.20 13.07 12.13
C ASP B 76 8.51 13.82 13.41
N GLU B 77 9.81 14.05 13.63
CA GLU B 77 10.28 14.80 14.77
C GLU B 77 9.81 16.24 14.64
N VAL B 78 9.81 16.74 13.40
CA VAL B 78 9.34 18.07 13.06
C VAL B 78 7.87 18.20 13.47
N ARG B 79 7.07 17.17 13.16
CA ARG B 79 5.62 17.15 13.29
C ARG B 79 5.18 17.12 14.75
N THR B 80 6.13 16.93 15.68
CA THR B 80 5.80 16.83 17.08
C THR B 80 6.49 17.92 17.90
N GLY B 81 7.50 18.58 17.29
CA GLY B 81 8.26 19.66 17.90
C GLY B 81 7.35 20.85 18.26
N THR B 82 7.86 21.89 18.95
CA THR B 82 7.05 23.08 19.11
C THR B 82 6.93 23.79 17.77
N TYR B 83 8.01 23.78 16.98
CA TYR B 83 7.91 24.10 15.56
C TYR B 83 7.24 22.97 14.79
N ARG B 84 5.92 23.11 14.58
CA ARG B 84 4.99 22.11 14.08
C ARG B 84 3.80 22.83 13.44
N GLN B 85 3.07 23.60 14.26
CA GLN B 85 1.93 24.38 13.81
C GLN B 85 2.41 25.57 13.00
N LEU B 86 3.72 25.83 13.04
CA LEU B 86 4.30 26.84 12.16
C LEU B 86 4.26 26.37 10.70
N PHE B 87 4.73 25.14 10.42
CA PHE B 87 4.83 24.62 9.06
C PHE B 87 3.46 24.22 8.48
N HIS B 88 3.34 24.24 7.14
CA HIS B 88 2.13 23.81 6.45
C HIS B 88 2.00 22.30 6.57
N PRO B 89 0.79 21.75 6.45
CA PRO B 89 0.64 20.30 6.34
C PRO B 89 1.33 19.97 5.02
N GLU B 90 1.10 20.81 4.01
CA GLU B 90 1.69 20.63 2.69
C GLU B 90 3.20 20.70 2.78
N GLN B 91 3.71 21.66 3.58
CA GLN B 91 5.16 21.88 3.71
C GLN B 91 5.92 20.54 3.84
N LEU B 92 5.35 19.62 4.63
CA LEU B 92 6.05 18.41 5.06
C LEU B 92 5.64 17.28 4.13
N ILE B 93 6.63 16.65 3.49
CA ILE B 93 6.40 15.58 2.54
C ILE B 93 7.23 14.38 3.00
N THR B 94 6.63 13.18 2.87
CA THR B 94 7.25 11.96 3.34
C THR B 94 7.45 10.97 2.19
N GLY B 95 8.51 10.16 2.32
CA GLY B 95 8.76 9.00 1.47
C GLY B 95 8.71 7.70 2.27
N LYS B 96 8.76 6.57 1.57
CA LYS B 96 8.51 5.27 2.17
C LYS B 96 9.72 4.79 2.97
N GLU B 97 10.90 4.81 2.33
CA GLU B 97 12.14 4.24 2.85
C GLU B 97 13.28 5.19 2.52
N ASP B 98 14.33 5.21 3.36
CA ASP B 98 15.42 6.16 3.23
C ASP B 98 16.38 5.75 2.11
N ALA B 99 17.06 6.76 1.55
CA ALA B 99 18.00 6.60 0.44
C ALA B 99 19.22 5.77 0.82
N ALA B 100 19.45 5.65 2.14
CA ALA B 100 20.47 4.80 2.74
C ALA B 100 21.82 5.04 2.09
N ASN B 101 22.20 6.32 2.01
CA ASN B 101 23.50 6.74 1.51
C ASN B 101 23.81 6.06 0.19
N ASN B 102 22.77 6.01 -0.64
CA ASN B 102 22.92 5.62 -2.02
C ASN B 102 22.40 6.78 -2.87
N TYR B 103 23.22 7.24 -3.83
CA TYR B 103 22.88 8.34 -4.73
C TYR B 103 21.91 7.80 -5.78
N ALA B 104 22.01 6.49 -6.00
CA ALA B 104 21.20 5.83 -7.01
C ALA B 104 19.79 5.55 -6.49
N ARG B 105 19.55 5.77 -5.19
CA ARG B 105 18.21 5.62 -4.63
C ARG B 105 17.55 6.98 -4.52
N GLY B 106 18.39 8.00 -4.25
CA GLY B 106 17.97 9.39 -4.18
C GLY B 106 17.52 9.90 -5.54
N HIS B 107 18.17 9.44 -6.60
CA HIS B 107 17.98 9.98 -7.96
C HIS B 107 17.03 9.08 -8.76
N TYR B 108 17.37 7.79 -8.87
CA TYR B 108 16.81 6.93 -9.90
C TYR B 108 15.57 6.17 -9.42
N THR B 109 15.55 5.79 -8.13
CA THR B 109 14.53 4.88 -7.60
C THR B 109 13.43 5.63 -6.84
N ILE B 110 13.72 6.01 -5.58
CA ILE B 110 12.72 6.55 -4.66
C ILE B 110 12.49 8.03 -4.99
N GLY B 111 13.49 8.62 -5.63
CA GLY B 111 13.40 9.95 -6.20
C GLY B 111 12.33 10.03 -7.30
N LYS B 112 12.47 9.18 -8.32
CA LYS B 112 11.52 9.10 -9.41
C LYS B 112 10.28 8.35 -8.94
N GLU B 113 9.63 8.96 -7.95
CA GLU B 113 8.42 8.48 -7.32
C GLU B 113 7.81 9.66 -6.58
N ILE B 114 8.54 10.13 -5.57
CA ILE B 114 7.97 11.15 -4.70
C ILE B 114 8.33 12.52 -5.26
N ILE B 115 9.22 12.61 -6.26
CA ILE B 115 9.70 13.90 -6.76
C ILE B 115 8.53 14.70 -7.33
N ASP B 116 7.60 13.98 -7.96
CA ASP B 116 6.55 14.62 -8.73
C ASP B 116 5.60 15.30 -7.75
N LEU B 117 5.31 14.65 -6.63
CA LEU B 117 4.54 15.26 -5.56
C LEU B 117 5.20 16.56 -5.06
N VAL B 118 6.53 16.54 -4.90
CA VAL B 118 7.29 17.69 -4.43
C VAL B 118 7.22 18.82 -5.46
N LEU B 119 7.36 18.47 -6.74
CA LEU B 119 7.28 19.45 -7.81
C LEU B 119 5.94 20.17 -7.76
N ASP B 120 4.91 19.45 -7.32
CA ASP B 120 3.57 19.99 -7.17
C ASP B 120 3.56 21.06 -6.10
N ARG B 121 4.06 20.72 -4.90
CA ARG B 121 4.05 21.66 -3.79
C ARG B 121 4.86 22.92 -4.13
N ILE B 122 6.01 22.73 -4.80
CA ILE B 122 6.88 23.80 -5.27
C ILE B 122 6.09 24.76 -6.15
N ARG B 123 5.37 24.21 -7.13
CA ARG B 123 4.62 24.95 -8.14
C ARG B 123 3.52 25.75 -7.45
N LYS B 124 2.84 25.12 -6.48
CA LYS B 124 1.80 25.80 -5.71
C LYS B 124 2.42 27.00 -5.00
N LEU B 125 3.54 26.75 -4.33
CA LEU B 125 4.24 27.80 -3.60
C LEU B 125 4.70 28.88 -4.57
N ALA B 126 5.15 28.49 -5.77
CA ALA B 126 5.64 29.41 -6.79
C ALA B 126 4.55 30.42 -7.18
N ASP B 127 3.32 29.91 -7.24
CA ASP B 127 2.17 30.69 -7.64
C ASP B 127 1.92 31.79 -6.60
N GLN B 128 2.13 31.52 -5.31
CA GLN B 128 1.95 32.50 -4.27
C GLN B 128 2.80 33.74 -4.56
N CYS B 129 4.12 33.53 -4.71
CA CYS B 129 5.12 34.58 -4.92
C CYS B 129 4.73 35.49 -6.09
N THR B 130 4.60 36.79 -5.78
CA THR B 130 4.38 37.80 -6.81
C THR B 130 5.70 37.98 -7.57
N GLY B 131 6.72 38.39 -6.81
CA GLY B 131 8.10 38.43 -7.26
C GLY B 131 8.89 37.30 -6.60
N LEU B 132 8.90 36.16 -7.29
CA LEU B 132 9.76 35.03 -6.94
C LEU B 132 11.20 35.42 -7.22
N GLN B 133 11.97 35.64 -6.14
CA GLN B 133 13.39 35.95 -6.26
C GLN B 133 14.18 34.72 -6.69
N GLY B 134 14.15 33.69 -5.84
CA GLY B 134 14.83 32.44 -6.10
C GLY B 134 14.64 31.41 -4.99
N PHE B 135 15.62 30.52 -4.84
CA PHE B 135 15.52 29.31 -4.07
C PHE B 135 16.75 29.17 -3.17
N LEU B 136 16.58 28.45 -2.05
CA LEU B 136 17.66 28.01 -1.18
C LEU B 136 17.48 26.52 -0.95
N VAL B 137 18.55 25.75 -1.17
CA VAL B 137 18.47 24.30 -1.20
C VAL B 137 19.45 23.78 -0.16
N PHE B 138 18.96 23.51 1.05
CA PHE B 138 19.76 22.90 2.11
C PHE B 138 19.79 21.40 1.89
N HIS B 139 20.97 20.87 1.58
CA HIS B 139 21.15 19.46 1.29
C HIS B 139 22.52 19.08 1.85
N SER B 140 22.92 17.83 1.63
CA SER B 140 24.28 17.40 1.93
C SER B 140 24.89 16.63 0.76
N PHE B 141 25.97 17.18 0.19
CA PHE B 141 26.90 16.37 -0.58
C PHE B 141 27.45 15.24 0.28
N GLY B 142 26.71 14.13 0.42
CA GLY B 142 27.25 13.03 1.21
C GLY B 142 26.27 12.40 2.18
N GLY B 143 25.03 12.89 2.15
CA GLY B 143 23.88 12.08 2.49
C GLY B 143 23.35 11.38 1.24
N GLY B 144 22.49 10.39 1.43
CA GLY B 144 21.90 9.67 0.30
C GLY B 144 20.82 10.50 -0.38
N THR B 145 19.95 11.08 0.45
CA THR B 145 18.85 11.92 0.00
C THR B 145 19.44 13.09 -0.78
N GLY B 146 20.25 13.88 -0.09
CA GLY B 146 20.62 15.17 -0.62
C GLY B 146 21.64 15.07 -1.76
N SER B 147 22.06 13.85 -2.13
CA SER B 147 23.13 13.69 -3.12
C SER B 147 22.55 13.45 -4.51
N GLY B 148 21.54 12.61 -4.59
CA GLY B 148 20.88 12.35 -5.86
C GLY B 148 19.61 13.18 -5.98
N PHE B 149 18.80 13.16 -4.92
CA PHE B 149 17.48 13.76 -4.93
C PHE B 149 17.61 15.25 -5.20
N THR B 150 18.58 15.86 -4.52
CA THR B 150 18.85 17.28 -4.64
C THR B 150 19.14 17.60 -6.10
N SER B 151 20.06 16.84 -6.68
CA SER B 151 20.43 17.00 -8.07
C SER B 151 19.20 16.92 -8.98
N LEU B 152 18.35 15.90 -8.75
CA LEU B 152 17.12 15.64 -9.49
C LEU B 152 16.17 16.83 -9.42
N LEU B 153 15.92 17.30 -8.19
CA LEU B 153 15.08 18.44 -7.87
C LEU B 153 15.55 19.68 -8.62
N MET B 154 16.88 19.93 -8.54
CA MET B 154 17.56 21.06 -9.17
C MET B 154 17.27 21.04 -10.66
N GLU B 155 17.44 19.86 -11.26
CA GLU B 155 17.28 19.62 -12.69
C GLU B 155 15.86 20.01 -13.09
N ARG B 156 14.89 19.52 -12.32
CA ARG B 156 13.49 19.79 -12.58
C ARG B 156 13.22 21.30 -12.55
N LEU B 157 13.79 21.97 -11.53
CA LEU B 157 13.53 23.39 -11.32
C LEU B 157 14.17 24.22 -12.43
N SER B 158 15.36 23.80 -12.90
CA SER B 158 16.05 24.42 -14.03
C SER B 158 15.19 24.33 -15.28
N VAL B 159 14.55 23.18 -15.51
CA VAL B 159 13.69 22.97 -16.66
C VAL B 159 12.47 23.90 -16.56
N ASP B 160 11.94 24.07 -15.33
CA ASP B 160 10.75 24.86 -15.08
C ASP B 160 11.02 26.36 -15.21
N TYR B 161 12.00 26.86 -14.44
CA TYR B 161 12.19 28.29 -14.23
C TYR B 161 13.39 28.81 -15.01
N GLY B 162 14.57 28.22 -14.76
CA GLY B 162 15.78 28.52 -15.51
C GLY B 162 16.41 29.82 -15.03
N LYS B 163 15.70 30.92 -15.30
CA LYS B 163 16.20 32.27 -15.07
C LYS B 163 16.26 32.57 -13.57
N LYS B 164 15.44 31.87 -12.79
CA LYS B 164 15.32 32.16 -11.37
C LYS B 164 16.61 31.80 -10.62
N SER B 165 16.80 32.46 -9.48
CA SER B 165 17.94 32.35 -8.58
C SER B 165 17.90 31.03 -7.79
N LYS B 166 19.04 30.30 -7.75
CA LYS B 166 19.15 29.06 -6.99
C LYS B 166 20.42 29.03 -6.15
N LEU B 167 20.24 28.73 -4.85
CA LEU B 167 21.30 28.76 -3.85
C LEU B 167 21.36 27.43 -3.10
N GLU B 168 22.56 27.11 -2.62
CA GLU B 168 22.90 25.75 -2.23
C GLU B 168 23.79 25.80 -1.00
N PHE B 169 23.17 25.60 0.17
CA PHE B 169 23.90 25.42 1.42
C PHE B 169 24.14 23.93 1.60
N SER B 170 25.37 23.56 1.23
CA SER B 170 25.80 22.18 1.02
C SER B 170 26.72 21.78 2.17
N ILE B 171 26.27 20.80 2.96
CA ILE B 171 27.13 20.25 3.98
C ILE B 171 28.13 19.33 3.27
N TYR B 172 29.34 19.85 3.14
CA TYR B 172 30.40 19.20 2.41
C TYR B 172 31.10 18.21 3.34
N PRO B 173 31.66 17.09 2.80
CA PRO B 173 32.45 16.16 3.61
C PRO B 173 33.66 16.80 4.28
N ALA B 174 33.76 16.66 5.61
CA ALA B 174 34.98 17.03 6.32
C ALA B 174 36.11 16.07 5.96
N PRO B 175 37.27 16.52 5.40
CA PRO B 175 38.32 15.60 4.97
C PRO B 175 38.72 14.51 5.99
N GLN B 176 38.60 14.84 7.29
CA GLN B 176 39.01 13.95 8.36
C GLN B 176 37.80 13.24 8.98
N VAL B 177 36.83 14.05 9.46
CA VAL B 177 35.69 13.62 10.26
C VAL B 177 34.86 12.63 9.44
N SER B 178 34.32 11.63 10.13
CA SER B 178 33.76 10.45 9.51
C SER B 178 32.29 10.34 9.91
N THR B 179 31.44 10.16 8.90
CA THR B 179 30.04 9.88 9.15
C THR B 179 29.64 8.58 8.45
N ALA B 180 30.04 8.45 7.17
CA ALA B 180 29.50 7.41 6.31
C ALA B 180 30.54 6.93 5.32
N VAL B 181 30.53 5.63 5.03
CA VAL B 181 31.65 5.05 4.32
C VAL B 181 31.64 5.47 2.85
N VAL B 182 30.45 5.47 2.26
CA VAL B 182 30.34 5.76 0.84
C VAL B 182 30.33 7.27 0.61
N GLU B 183 30.36 8.08 1.68
CA GLU B 183 30.31 9.54 1.64
C GLU B 183 31.06 10.08 0.41
N PRO B 184 32.34 9.71 0.16
CA PRO B 184 33.11 10.19 -1.00
C PRO B 184 32.50 10.04 -2.38
N TYR B 185 31.79 8.93 -2.60
CA TYR B 185 31.17 8.66 -3.90
C TYR B 185 30.06 9.68 -4.18
N ASN B 186 29.31 10.00 -3.11
CA ASN B 186 28.06 10.74 -3.18
C ASN B 186 28.34 12.17 -3.61
N SER B 187 29.32 12.77 -2.93
CA SER B 187 29.76 14.13 -3.19
C SER B 187 30.06 14.29 -4.68
N ILE B 188 30.82 13.34 -5.24
CA ILE B 188 31.32 13.46 -6.59
C ILE B 188 30.18 13.36 -7.59
N LEU B 189 29.24 12.48 -7.31
CA LEU B 189 28.11 12.37 -8.21
C LEU B 189 27.27 13.64 -8.13
N THR B 190 27.11 14.20 -6.92
CA THR B 190 26.37 15.45 -6.71
C THR B 190 27.01 16.59 -7.52
N THR B 191 28.34 16.67 -7.46
CA THR B 191 29.08 17.73 -8.11
C THR B 191 28.87 17.71 -9.62
N HIS B 192 28.89 16.50 -10.19
CA HIS B 192 28.69 16.25 -11.62
C HIS B 192 27.46 17.00 -12.11
N THR B 193 26.42 16.96 -11.26
CA THR B 193 25.09 17.34 -11.66
C THR B 193 24.77 18.74 -11.13
N THR B 194 25.20 19.04 -9.89
CA THR B 194 24.87 20.28 -9.19
C THR B 194 25.48 21.52 -9.86
N LEU B 195 26.78 21.45 -10.14
CA LEU B 195 27.55 22.59 -10.61
C LEU B 195 26.98 23.19 -11.90
N GLU B 196 26.23 22.38 -12.66
CA GLU B 196 25.66 22.81 -13.93
C GLU B 196 24.19 23.23 -13.77
N HIS B 197 23.77 23.55 -12.53
CA HIS B 197 22.42 24.00 -12.27
C HIS B 197 22.45 25.18 -11.30
N SER B 198 22.92 24.93 -10.07
CA SER B 198 23.03 25.93 -9.03
C SER B 198 24.06 26.99 -9.39
N ASP B 199 23.57 28.23 -9.48
CA ASP B 199 24.38 29.37 -9.89
C ASP B 199 25.32 29.77 -8.77
N CYS B 200 25.05 29.27 -7.57
CA CYS B 200 25.88 29.62 -6.44
C CYS B 200 25.71 28.61 -5.31
N ALA B 201 26.84 28.27 -4.67
CA ALA B 201 26.92 27.14 -3.74
C ALA B 201 27.88 27.44 -2.58
N PHE B 202 27.29 27.83 -1.45
CA PHE B 202 28.02 28.09 -0.22
C PHE B 202 28.16 26.80 0.56
N MET B 203 29.41 26.30 0.64
CA MET B 203 29.68 24.99 1.19
C MET B 203 30.38 25.08 2.53
N VAL B 204 29.80 24.45 3.55
CA VAL B 204 30.31 24.44 4.91
C VAL B 204 30.50 22.97 5.32
N ASP B 205 31.68 22.60 5.82
CA ASP B 205 31.96 21.27 6.36
C ASP B 205 31.93 21.34 7.89
N ASN B 206 31.59 20.20 8.54
CA ASN B 206 31.27 20.20 9.96
C ASN B 206 32.49 20.40 10.84
N GLU B 207 33.63 19.87 10.40
CA GLU B 207 34.85 19.87 11.18
C GLU B 207 35.28 21.30 11.48
N ALA B 208 35.28 22.16 10.47
CA ALA B 208 35.67 23.54 10.65
C ALA B 208 34.73 24.24 11.61
N ILE B 209 33.43 23.92 11.50
CA ILE B 209 32.43 24.51 12.37
C ILE B 209 32.70 24.08 13.81
N TYR B 210 33.08 22.81 13.97
CA TYR B 210 33.42 22.26 15.27
C TYR B 210 34.61 23.00 15.86
N ASP B 211 35.62 23.26 15.03
CA ASP B 211 36.79 24.02 15.43
C ASP B 211 36.34 25.35 16.00
N ILE B 212 35.43 26.01 15.26
CA ILE B 212 34.93 27.32 15.62
C ILE B 212 34.16 27.23 16.94
N CYS B 213 33.45 26.12 17.15
CA CYS B 213 32.65 25.93 18.35
C CYS B 213 33.53 25.85 19.58
N ARG B 214 34.66 25.14 19.44
CA ARG B 214 35.51 24.80 20.58
C ARG B 214 36.29 26.04 21.04
N ARG B 215 36.89 26.73 20.06
CA ARG B 215 37.89 27.76 20.27
C ARG B 215 37.18 29.04 20.69
N ASN B 216 36.31 29.57 19.83
CA ASN B 216 35.81 30.93 19.98
C ASN B 216 34.68 31.00 20.99
N LEU B 217 33.97 29.90 21.21
CA LEU B 217 32.83 29.97 22.09
C LEU B 217 33.11 29.24 23.40
N ASP B 218 34.24 28.54 23.44
CA ASP B 218 34.72 27.80 24.60
C ASP B 218 33.79 26.65 24.94
N ILE B 219 33.12 26.10 23.93
CA ILE B 219 32.17 25.02 24.19
C ILE B 219 32.88 23.69 23.97
N GLU B 220 32.79 22.81 24.97
CA GLU B 220 33.53 21.55 24.96
C GLU B 220 32.69 20.37 24.46
N ARG B 221 31.38 20.61 24.27
CA ARG B 221 30.43 19.63 23.77
C ARG B 221 29.66 20.20 22.56
N PRO B 222 30.25 20.26 21.32
CA PRO B 222 29.54 20.80 20.16
C PRO B 222 28.51 19.82 19.61
N THR B 223 27.23 20.07 19.92
CA THR B 223 26.11 19.27 19.45
C THR B 223 25.74 19.72 18.04
N TYR B 224 24.91 18.91 17.36
CA TYR B 224 24.49 19.24 16.01
C TYR B 224 23.70 20.54 16.01
N THR B 225 22.88 20.73 17.05
CA THR B 225 22.02 21.89 17.24
C THR B 225 22.83 23.18 17.16
N ASN B 226 23.91 23.23 17.94
CA ASN B 226 24.72 24.43 18.05
C ASN B 226 25.43 24.71 16.74
N LEU B 227 26.07 23.69 16.17
CA LEU B 227 26.69 23.81 14.86
C LEU B 227 25.64 24.38 13.88
N ASN B 228 24.40 23.88 13.95
CA ASN B 228 23.34 24.26 13.02
C ASN B 228 22.94 25.73 13.18
N ARG B 229 22.87 26.22 14.42
CA ARG B 229 22.47 27.60 14.65
C ARG B 229 23.45 28.52 13.95
N LEU B 230 24.75 28.21 14.07
CA LEU B 230 25.82 28.94 13.39
C LEU B 230 25.61 28.94 11.88
N ILE B 231 25.32 27.76 11.31
CA ILE B 231 25.10 27.63 9.87
C ILE B 231 23.96 28.53 9.47
N SER B 232 22.93 28.57 10.32
CA SER B 232 21.71 29.29 10.00
C SER B 232 21.90 30.81 10.04
N GLN B 233 22.79 31.28 10.91
CA GLN B 233 22.96 32.70 11.03
C GLN B 233 23.71 33.23 9.81
N ILE B 234 24.42 32.36 9.09
CA ILE B 234 25.16 32.72 7.88
C ILE B 234 24.17 33.10 6.79
N VAL B 235 23.09 32.33 6.73
CA VAL B 235 22.04 32.55 5.75
C VAL B 235 21.36 33.87 6.12
N SER B 236 20.96 34.03 7.40
CA SER B 236 20.16 35.15 7.84
C SER B 236 20.76 36.46 7.32
N SER B 237 22.08 36.57 7.43
CA SER B 237 22.81 37.72 6.92
C SER B 237 22.67 37.84 5.39
N ILE B 238 22.74 36.70 4.65
CA ILE B 238 22.65 36.68 3.19
C ILE B 238 21.30 37.22 2.80
N THR B 239 20.28 36.82 3.59
CA THR B 239 18.92 37.23 3.31
C THR B 239 18.70 38.68 3.70
N ALA B 240 18.92 39.05 4.97
CA ALA B 240 18.48 40.30 5.59
C ALA B 240 18.49 41.52 4.66
N SER B 241 19.43 41.59 3.69
CA SER B 241 19.44 42.58 2.60
C SER B 241 18.11 42.58 1.85
N LEU B 242 17.49 41.41 1.66
CA LEU B 242 16.17 41.22 1.05
C LEU B 242 15.09 41.48 2.11
N ARG B 243 15.36 40.95 3.31
CA ARG B 243 14.42 40.88 4.40
C ARG B 243 14.30 42.25 5.07
N PHE B 244 15.28 43.13 4.83
CA PHE B 244 15.36 44.35 5.60
C PHE B 244 15.80 45.56 4.75
N ASP B 245 15.69 46.73 5.39
CA ASP B 245 16.00 48.07 4.94
C ASP B 245 17.52 48.23 4.98
N GLY B 246 18.02 49.39 4.50
CA GLY B 246 19.41 49.81 4.75
C GLY B 246 20.13 50.21 3.48
N ALA B 247 21.27 50.90 3.65
CA ALA B 247 22.19 51.35 2.62
C ALA B 247 22.73 50.13 1.89
N LEU B 248 22.98 50.22 0.57
CA LEU B 248 23.79 49.24 -0.15
C LEU B 248 23.15 47.85 -0.14
N ASN B 249 21.81 47.73 -0.16
CA ASN B 249 21.16 46.45 0.08
C ASN B 249 21.51 45.47 -1.05
N VAL B 250 21.86 44.21 -0.71
CA VAL B 250 22.23 43.22 -1.71
C VAL B 250 21.03 42.32 -2.02
N ASP B 251 21.07 41.69 -3.19
CA ASP B 251 20.05 40.76 -3.65
C ASP B 251 20.74 39.44 -3.91
N LEU B 252 19.94 38.38 -4.03
CA LEU B 252 20.46 37.06 -4.31
C LEU B 252 21.20 37.07 -5.65
N THR B 253 20.61 37.75 -6.64
CA THR B 253 21.17 37.89 -7.97
C THR B 253 22.50 38.63 -7.91
N GLU B 254 22.61 39.57 -6.97
CA GLU B 254 23.84 40.33 -6.78
C GLU B 254 25.03 39.44 -6.43
N PHE B 255 24.82 38.50 -5.50
CA PHE B 255 25.87 37.56 -5.20
C PHE B 255 26.32 36.83 -6.45
N GLN B 256 25.36 36.18 -7.12
CA GLN B 256 25.62 35.43 -8.34
C GLN B 256 26.48 36.28 -9.28
N THR B 257 26.10 37.54 -9.44
CA THR B 257 26.67 38.39 -10.46
C THR B 257 28.06 38.80 -10.01
N ASN B 258 28.16 39.34 -8.80
CA ASN B 258 29.39 39.87 -8.23
C ASN B 258 30.43 38.79 -7.98
N LEU B 259 29.99 37.65 -7.41
CA LEU B 259 30.92 36.67 -6.89
C LEU B 259 31.30 35.60 -7.91
N VAL B 260 30.72 35.65 -9.12
CA VAL B 260 30.96 34.62 -10.10
C VAL B 260 31.38 35.26 -11.42
N PRO B 261 32.61 35.80 -11.50
CA PRO B 261 33.12 36.39 -12.74
C PRO B 261 33.16 35.33 -13.83
N TYR B 262 33.61 34.11 -13.46
CA TYR B 262 33.60 32.95 -14.34
C TYR B 262 32.41 32.08 -13.95
N PRO B 263 31.47 31.78 -14.89
CA PRO B 263 30.21 31.14 -14.55
C PRO B 263 30.34 29.79 -13.85
N ARG B 264 31.34 29.00 -14.21
CA ARG B 264 31.55 27.68 -13.65
C ARG B 264 31.96 27.75 -12.16
N ILE B 265 32.90 28.63 -11.80
CA ILE B 265 33.41 28.65 -10.43
C ILE B 265 32.48 29.51 -9.58
N HIS B 266 31.60 28.85 -8.83
CA HIS B 266 30.72 29.53 -7.92
C HIS B 266 30.66 28.75 -6.63
N PHE B 267 31.80 28.71 -5.91
CA PHE B 267 31.85 28.05 -4.64
C PHE B 267 32.47 28.96 -3.59
N PRO B 268 31.75 30.01 -3.12
CA PRO B 268 32.23 30.88 -2.05
C PRO B 268 32.18 30.20 -0.70
N LEU B 269 33.21 30.46 0.10
CA LEU B 269 33.25 30.03 1.48
C LEU B 269 32.48 31.07 2.28
N ALA B 270 31.97 30.66 3.43
CA ALA B 270 31.34 31.60 4.33
C ALA B 270 32.07 31.56 5.65
N THR B 271 31.73 32.55 6.48
CA THR B 271 32.34 32.77 7.78
C THR B 271 31.60 33.88 8.49
N TYR B 272 30.98 33.49 9.59
CA TYR B 272 30.26 34.49 10.35
C TYR B 272 31.11 34.81 11.56
N ALA B 273 31.37 36.11 11.74
CA ALA B 273 31.86 36.67 12.99
C ALA B 273 30.81 37.66 13.51
N PRO B 274 30.87 38.16 14.77
CA PRO B 274 31.66 37.53 15.83
C PRO B 274 30.98 36.28 16.32
N VAL B 275 31.81 35.33 16.76
CA VAL B 275 31.39 34.03 17.27
C VAL B 275 31.68 33.99 18.76
N ILE B 276 30.91 34.75 19.53
CA ILE B 276 31.33 35.19 20.85
C ILE B 276 30.25 34.87 21.87
N SER B 277 30.70 34.17 22.92
CA SER B 277 29.95 33.64 24.05
C SER B 277 29.46 34.75 25.01
N ALA B 278 28.92 34.34 26.17
CA ALA B 278 28.39 35.25 27.19
C ALA B 278 29.52 35.96 27.92
N GLU B 279 30.62 35.24 28.11
CA GLU B 279 31.84 35.80 28.69
C GLU B 279 32.43 36.80 27.70
N LYS B 280 32.72 36.32 26.49
CA LYS B 280 33.60 36.98 25.54
C LYS B 280 33.01 38.31 25.05
N ALA B 281 31.73 38.58 25.43
CA ALA B 281 31.00 39.83 25.25
C ALA B 281 31.74 40.98 25.92
N TYR B 282 32.05 40.82 27.20
CA TYR B 282 32.93 41.66 28.01
C TYR B 282 34.34 41.18 27.68
N HIS B 283 35.38 41.83 28.18
CA HIS B 283 36.70 41.63 27.59
C HIS B 283 36.67 41.85 26.08
N GLU B 284 35.69 42.62 25.59
CA GLU B 284 35.54 42.91 24.18
C GLU B 284 34.68 44.17 24.00
N GLN B 285 34.90 44.88 22.88
CA GLN B 285 34.13 46.06 22.52
C GLN B 285 33.47 45.97 21.14
N LEU B 286 33.82 44.95 20.33
CA LEU B 286 33.07 44.57 19.11
C LEU B 286 32.97 45.69 18.08
N SER B 287 34.11 46.31 17.75
CA SER B 287 34.12 47.40 16.77
C SER B 287 33.92 46.83 15.37
N VAL B 288 33.61 47.73 14.45
CA VAL B 288 33.31 47.35 13.08
C VAL B 288 34.51 46.66 12.45
N ALA B 289 35.70 47.25 12.67
CA ALA B 289 36.91 46.87 11.98
C ALA B 289 37.55 45.64 12.63
N GLU B 290 37.29 45.46 13.94
CA GLU B 290 37.65 44.26 14.68
C GLU B 290 37.05 43.05 13.99
N ILE B 291 35.78 43.18 13.63
CA ILE B 291 34.97 42.08 13.16
C ILE B 291 35.35 41.74 11.72
N THR B 292 35.95 42.69 10.99
CA THR B 292 36.37 42.48 9.61
C THR B 292 37.58 41.55 9.57
N ASN B 293 38.55 41.90 10.42
CA ASN B 293 39.79 41.15 10.63
C ASN B 293 39.45 39.72 11.01
N ALA B 294 38.52 39.57 11.95
CA ALA B 294 38.05 38.28 12.46
C ALA B 294 37.55 37.40 11.31
N CYS B 295 36.83 38.03 10.39
CA CYS B 295 36.26 37.31 9.28
C CYS B 295 37.36 36.77 8.37
N PHE B 296 38.42 37.55 8.17
CA PHE B 296 39.48 37.16 7.26
C PHE B 296 40.44 36.15 7.90
N GLU B 297 40.19 35.77 9.17
CA GLU B 297 41.06 34.91 9.94
C GLU B 297 41.11 33.51 9.32
N PRO B 298 42.31 32.91 9.11
CA PRO B 298 42.42 31.55 8.57
C PRO B 298 41.67 30.45 9.31
N ALA B 299 41.52 30.65 10.62
CA ALA B 299 40.90 29.68 11.51
C ALA B 299 39.38 29.82 11.51
N ASN B 300 38.88 31.03 11.27
CA ASN B 300 37.45 31.31 11.44
C ASN B 300 36.63 30.90 10.21
N GLN B 301 37.27 30.39 9.14
CA GLN B 301 36.63 29.90 7.92
C GLN B 301 35.73 28.74 8.29
N MET B 302 34.62 28.57 7.56
CA MET B 302 33.63 27.57 7.91
C MET B 302 33.94 26.29 7.13
N VAL B 303 35.00 26.32 6.33
CA VAL B 303 35.53 25.13 5.68
C VAL B 303 36.92 24.83 6.25
N LYS B 304 37.33 23.58 6.05
CA LYS B 304 38.66 23.09 6.37
C LYS B 304 39.58 23.37 5.19
N CYS B 305 39.86 24.66 5.09
CA CYS B 305 40.65 25.24 4.02
C CYS B 305 41.37 26.44 4.61
N ASP B 306 42.64 26.57 4.23
CA ASP B 306 43.46 27.71 4.58
C ASP B 306 43.43 28.69 3.41
N PRO B 307 42.88 29.92 3.61
CA PRO B 307 42.69 30.86 2.50
C PRO B 307 44.00 31.40 1.92
N ARG B 308 45.09 31.16 2.64
CA ARG B 308 46.39 31.70 2.27
C ARG B 308 47.06 30.82 1.21
N HIS B 309 46.44 29.68 0.91
CA HIS B 309 47.02 28.68 0.01
C HIS B 309 46.46 28.85 -1.41
N GLY B 310 46.24 30.12 -1.76
CA GLY B 310 45.70 30.55 -3.04
C GLY B 310 45.49 32.07 -3.01
N LYS B 311 44.41 32.54 -3.63
CA LYS B 311 44.05 33.95 -3.65
C LYS B 311 42.54 34.09 -3.53
N TYR B 312 42.08 34.99 -2.65
CA TYR B 312 40.70 35.44 -2.67
C TYR B 312 40.36 36.01 -4.05
N MET B 313 39.61 35.22 -4.85
CA MET B 313 39.17 35.60 -6.17
C MET B 313 38.19 36.79 -6.11
N ALA B 314 37.18 36.66 -5.24
CA ALA B 314 36.18 37.68 -5.01
C ALA B 314 35.69 37.56 -3.57
N CYS B 315 35.35 38.70 -2.96
CA CYS B 315 34.84 38.73 -1.60
C CYS B 315 33.55 39.53 -1.54
N CYS B 316 32.65 39.16 -0.62
CA CYS B 316 31.52 40.01 -0.26
C CYS B 316 31.28 39.91 1.25
N LEU B 317 30.84 41.05 1.83
CA LEU B 317 30.73 41.26 3.26
C LEU B 317 29.38 41.89 3.58
N LEU B 318 28.64 41.28 4.51
CA LEU B 318 27.25 41.67 4.73
C LEU B 318 27.03 42.10 6.17
N TYR B 319 27.52 43.31 6.48
CA TYR B 319 27.49 43.88 7.82
C TYR B 319 26.05 44.11 8.24
N ARG B 320 25.79 43.98 9.53
CA ARG B 320 24.44 44.09 10.06
C ARG B 320 24.46 44.86 11.36
N GLY B 321 23.29 45.39 11.72
CA GLY B 321 23.16 46.15 12.95
C GLY B 321 23.73 47.56 12.82
N ASP B 322 24.43 48.01 13.87
CA ASP B 322 24.94 49.38 13.89
C ASP B 322 26.29 49.45 13.18
N VAL B 323 26.26 49.40 11.84
CA VAL B 323 27.47 49.52 11.03
C VAL B 323 27.33 50.80 10.22
N VAL B 324 28.41 51.60 10.26
CA VAL B 324 28.50 52.85 9.55
C VAL B 324 29.53 52.66 8.44
N PRO B 325 29.23 53.07 7.19
CA PRO B 325 30.07 52.70 6.03
C PRO B 325 31.51 53.18 6.09
N LYS B 326 31.74 54.34 6.72
CA LYS B 326 33.07 54.93 6.77
C LYS B 326 33.99 54.00 7.57
N ASP B 327 33.44 53.43 8.64
CA ASP B 327 34.17 52.48 9.48
C ASP B 327 34.64 51.32 8.63
N VAL B 328 33.73 50.83 7.78
CA VAL B 328 33.91 49.65 6.95
C VAL B 328 34.96 49.94 5.87
N ASN B 329 34.96 51.16 5.34
CA ASN B 329 35.77 51.47 4.18
C ASN B 329 37.25 51.48 4.57
N ALA B 330 37.52 51.89 5.82
CA ALA B 330 38.86 52.03 6.36
C ALA B 330 39.45 50.65 6.66
N ALA B 331 38.63 49.78 7.27
CA ALA B 331 38.99 48.40 7.54
C ALA B 331 39.43 47.72 6.26
N ILE B 332 38.70 48.01 5.18
CA ILE B 332 38.93 47.38 3.88
C ILE B 332 40.25 47.87 3.28
N ALA B 333 40.53 49.16 3.44
CA ALA B 333 41.80 49.75 3.04
C ALA B 333 42.94 48.96 3.68
N THR B 334 42.82 48.76 5.00
CA THR B 334 43.78 48.06 5.83
C THR B 334 44.01 46.67 5.27
N ILE B 335 42.90 46.02 4.92
CA ILE B 335 42.91 44.64 4.47
C ILE B 335 43.65 44.57 3.13
N LYS B 336 43.34 45.49 2.24
CA LYS B 336 43.99 45.58 0.94
C LYS B 336 45.51 45.78 1.11
N THR B 337 45.88 46.60 2.11
CA THR B 337 47.26 46.94 2.46
C THR B 337 48.07 45.68 2.76
N LYS B 338 47.51 44.77 3.59
CA LYS B 338 48.22 43.57 4.00
C LYS B 338 48.53 42.74 2.77
N ARG B 339 49.81 42.47 2.55
CA ARG B 339 50.23 41.84 1.31
C ARG B 339 50.06 40.33 1.40
N THR B 340 50.08 39.84 2.66
CA THR B 340 49.90 38.43 3.01
C THR B 340 48.65 37.89 2.32
N ILE B 341 47.51 38.50 2.70
CA ILE B 341 46.19 38.15 2.20
C ILE B 341 46.18 38.52 0.71
N GLN B 342 46.39 37.49 -0.13
CA GLN B 342 46.49 37.66 -1.56
C GLN B 342 45.12 37.70 -2.22
N PHE B 343 45.01 38.38 -3.37
CA PHE B 343 43.78 38.44 -4.17
C PHE B 343 44.14 38.14 -5.61
N VAL B 344 43.14 37.74 -6.42
CA VAL B 344 43.44 37.34 -7.79
C VAL B 344 43.75 38.55 -8.66
N ASP B 345 44.56 38.36 -9.71
CA ASP B 345 45.11 39.37 -10.60
C ASP B 345 43.99 40.16 -11.25
N TRP B 346 42.98 39.46 -11.77
CA TRP B 346 42.02 40.06 -12.69
C TRP B 346 41.23 41.24 -12.11
N CYS B 347 40.86 41.20 -10.82
CA CYS B 347 40.08 42.29 -10.24
C CYS B 347 40.86 43.04 -9.16
N PRO B 348 40.96 44.41 -9.23
CA PRO B 348 41.53 45.22 -8.15
C PRO B 348 40.70 45.30 -6.87
N THR B 349 39.45 45.70 -7.02
CA THR B 349 38.57 45.86 -5.89
C THR B 349 37.66 44.64 -5.91
N GLY B 350 37.89 43.77 -4.95
CA GLY B 350 37.09 42.56 -4.87
C GLY B 350 36.32 42.51 -3.56
N PHE B 351 35.41 43.50 -3.40
CA PHE B 351 34.43 43.56 -2.33
C PHE B 351 33.12 44.15 -2.83
N LYS B 352 32.02 43.63 -2.25
CA LYS B 352 30.81 44.41 -2.13
C LYS B 352 30.36 44.41 -0.68
N VAL B 353 29.88 45.59 -0.30
CA VAL B 353 29.55 45.85 1.08
C VAL B 353 28.07 46.11 1.14
N GLY B 354 27.39 45.36 2.01
CA GLY B 354 25.99 45.63 2.28
C GLY B 354 25.81 45.87 3.77
N ILE B 355 25.24 47.03 4.09
CA ILE B 355 25.04 47.46 5.45
C ILE B 355 23.55 47.48 5.77
N ASN B 356 23.13 46.70 6.76
CA ASN B 356 21.73 46.53 7.06
C ASN B 356 21.48 46.94 8.49
N TYR B 357 20.40 47.71 8.66
CA TYR B 357 20.13 48.35 9.94
C TYR B 357 19.68 47.33 10.97
N GLN B 358 19.14 46.22 10.47
CA GLN B 358 18.78 45.08 11.30
C GLN B 358 20.04 44.42 11.84
N PRO B 359 20.20 44.27 13.18
CA PRO B 359 21.27 43.44 13.75
C PRO B 359 20.85 41.97 13.84
N PRO B 360 21.77 40.99 13.91
CA PRO B 360 21.38 39.60 14.16
C PRO B 360 20.82 39.47 15.57
N THR B 361 19.72 38.71 15.68
CA THR B 361 19.08 38.48 16.96
C THR B 361 19.22 37.00 17.26
N VAL B 362 19.71 36.73 18.47
CA VAL B 362 20.21 35.41 18.79
C VAL B 362 19.17 34.62 19.58
N VAL B 363 19.20 33.32 19.26
CA VAL B 363 18.29 32.26 19.66
C VAL B 363 18.41 32.03 21.17
N PRO B 364 17.28 32.07 21.91
CA PRO B 364 17.21 31.57 23.27
C PRO B 364 17.80 30.15 23.42
N GLY B 365 18.63 30.00 24.46
CA GLY B 365 19.31 28.77 24.80
C GLY B 365 20.37 28.41 23.76
N GLY B 366 21.29 29.35 23.49
CA GLY B 366 22.21 29.17 22.39
C GLY B 366 23.63 29.59 22.69
N ASP B 367 24.43 29.53 21.62
CA ASP B 367 25.87 29.76 21.60
C ASP B 367 26.13 31.23 21.88
N LEU B 368 25.47 32.11 21.12
CA LEU B 368 25.92 33.48 20.92
C LEU B 368 25.21 34.40 21.91
N ALA B 369 25.88 35.53 22.17
CA ALA B 369 25.30 36.63 22.91
C ALA B 369 25.14 37.80 21.94
N LYS B 370 24.54 38.88 22.47
CA LYS B 370 24.10 40.05 21.71
C LYS B 370 25.31 40.74 21.07
N VAL B 371 25.59 40.47 19.79
CA VAL B 371 26.65 41.14 19.05
C VAL B 371 26.02 42.24 18.19
N GLN B 372 26.40 43.51 18.48
CA GLN B 372 25.74 44.67 17.90
C GLN B 372 26.06 44.73 16.41
N ARG B 373 27.29 44.33 16.11
CA ARG B 373 27.79 44.30 14.76
C ARG B 373 28.14 42.86 14.41
N ALA B 374 27.82 42.46 13.19
CA ALA B 374 28.20 41.17 12.68
C ALA B 374 28.34 41.25 11.17
N VAL B 375 29.03 40.27 10.59
CA VAL B 375 29.38 40.26 9.18
C VAL B 375 29.57 38.84 8.70
N CYS B 376 28.78 38.46 7.70
CA CYS B 376 29.06 37.22 6.99
C CYS B 376 29.81 37.51 5.69
N MET B 377 31.07 37.12 5.71
CA MET B 377 31.90 37.23 4.53
C MET B 377 31.75 35.97 3.66
N LEU B 378 31.20 36.17 2.46
CA LEU B 378 31.13 35.10 1.48
C LEU B 378 32.21 35.32 0.42
N SER B 379 33.30 34.58 0.56
CA SER B 379 34.53 34.88 -0.16
C SER B 379 34.99 33.72 -1.02
N ASN B 380 34.94 33.87 -2.34
CA ASN B 380 35.47 32.84 -3.24
C ASN B 380 36.98 32.99 -3.29
N THR B 381 37.68 31.85 -3.21
CA THR B 381 39.13 31.75 -3.28
C THR B 381 39.49 30.50 -4.08
N THR B 382 40.71 30.46 -4.61
CA THR B 382 41.23 29.33 -5.37
C THR B 382 41.67 28.25 -4.39
N ALA B 383 41.62 28.57 -3.09
CA ALA B 383 42.18 27.76 -2.02
C ALA B 383 41.26 26.59 -1.68
N ILE B 384 40.01 26.65 -2.16
CA ILE B 384 39.08 25.56 -1.95
C ILE B 384 39.46 24.39 -2.84
N ALA B 385 40.37 24.61 -3.82
CA ALA B 385 40.82 23.56 -4.73
C ALA B 385 41.59 22.48 -3.98
N GLU B 386 41.99 22.79 -2.75
CA GLU B 386 42.67 21.84 -1.88
C GLU B 386 41.70 20.79 -1.36
N ALA B 387 40.46 21.20 -1.02
CA ALA B 387 39.47 20.31 -0.41
C ALA B 387 38.87 19.38 -1.48
N TRP B 388 38.87 19.87 -2.74
CA TRP B 388 38.42 19.15 -3.92
C TRP B 388 39.36 17.98 -4.20
N ALA B 389 40.65 18.30 -4.24
CA ALA B 389 41.73 17.36 -4.51
C ALA B 389 41.68 16.19 -3.55
N ARG B 390 41.55 16.53 -2.25
CA ARG B 390 41.50 15.57 -1.16
C ARG B 390 40.40 14.57 -1.43
N LEU B 391 39.23 15.11 -1.76
CA LEU B 391 38.08 14.26 -1.91
C LEU B 391 38.20 13.41 -3.18
N ASP B 392 38.75 13.98 -4.27
CA ASP B 392 39.03 13.24 -5.50
C ASP B 392 39.89 12.03 -5.17
N HIS B 393 40.88 12.24 -4.29
CA HIS B 393 41.83 11.22 -3.88
C HIS B 393 41.13 10.10 -3.10
N LYS B 394 40.25 10.48 -2.15
CA LYS B 394 39.51 9.52 -1.34
C LYS B 394 38.69 8.59 -2.24
N PHE B 395 38.06 9.23 -3.23
CA PHE B 395 37.24 8.52 -4.19
C PHE B 395 38.11 7.61 -5.06
N ASP B 396 39.25 8.11 -5.59
CA ASP B 396 40.12 7.34 -6.45
C ASP B 396 40.58 6.06 -5.77
N LEU B 397 40.89 6.18 -4.47
CA LEU B 397 41.38 5.09 -3.64
C LEU B 397 40.33 3.98 -3.57
N MET B 398 39.09 4.34 -3.26
CA MET B 398 38.03 3.35 -3.13
C MET B 398 37.55 2.85 -4.49
N TYR B 399 37.65 3.67 -5.54
CA TYR B 399 37.17 3.28 -6.87
C TYR B 399 38.26 2.53 -7.64
N ALA B 400 39.49 2.52 -7.10
CA ALA B 400 40.49 1.58 -7.56
C ALA B 400 40.01 0.14 -7.28
N LYS B 401 39.51 -0.07 -6.05
CA LYS B 401 38.97 -1.35 -5.58
C LYS B 401 37.60 -1.62 -6.17
N ARG B 402 36.90 -0.57 -6.62
CA ARG B 402 35.54 -0.58 -7.14
C ARG B 402 34.59 -1.03 -6.03
N ALA B 403 34.77 -0.46 -4.84
CA ALA B 403 34.08 -0.90 -3.63
C ALA B 403 32.74 -0.21 -3.51
N PHE B 404 31.72 -0.98 -3.09
CA PHE B 404 30.37 -0.47 -2.93
C PHE B 404 29.81 -0.10 -4.30
N VAL B 405 30.47 -0.58 -5.36
CA VAL B 405 30.05 -0.38 -6.73
C VAL B 405 28.71 -1.06 -6.93
N HIS B 406 28.53 -2.21 -6.26
CA HIS B 406 27.38 -3.09 -6.40
C HIS B 406 26.09 -2.41 -5.98
N TRP B 407 26.11 -1.71 -4.84
CA TRP B 407 24.92 -1.06 -4.30
C TRP B 407 24.31 -0.16 -5.37
N TYR B 408 25.17 0.69 -5.94
CA TYR B 408 24.78 1.81 -6.78
C TYR B 408 24.27 1.29 -8.12
N VAL B 409 25.09 0.45 -8.79
CA VAL B 409 24.83 -0.08 -10.13
C VAL B 409 23.43 -0.70 -10.13
N GLY B 410 23.15 -1.52 -9.12
CA GLY B 410 21.91 -2.26 -9.09
C GLY B 410 20.71 -1.34 -8.82
N GLU B 411 20.95 -0.02 -8.83
CA GLU B 411 19.92 0.93 -8.44
C GLU B 411 19.64 1.94 -9.56
N GLY B 412 20.15 1.64 -10.76
CA GLY B 412 19.86 2.41 -11.96
C GLY B 412 20.96 3.41 -12.27
N MET B 413 22.22 2.99 -12.16
CA MET B 413 23.36 3.86 -12.33
C MET B 413 24.27 3.30 -13.40
N GLU B 414 25.24 4.12 -13.79
CA GLU B 414 26.28 3.81 -14.77
C GLU B 414 27.62 3.80 -14.05
N GLU B 415 28.44 2.77 -14.33
CA GLU B 415 29.83 2.76 -13.89
C GLU B 415 30.58 3.93 -14.54
N GLY B 416 30.30 4.17 -15.83
CA GLY B 416 30.89 5.26 -16.60
C GLY B 416 30.61 6.63 -16.00
N GLU B 417 29.51 6.76 -15.24
CA GLU B 417 29.13 8.01 -14.59
C GLU B 417 30.17 8.41 -13.55
N PHE B 418 30.76 7.41 -12.90
CA PHE B 418 31.81 7.61 -11.92
C PHE B 418 33.07 8.21 -12.56
N SER B 419 33.42 7.74 -13.76
CA SER B 419 34.63 8.14 -14.47
C SER B 419 34.52 9.60 -14.94
N GLU B 420 33.38 9.91 -15.58
CA GLU B 420 33.02 11.22 -16.10
C GLU B 420 33.00 12.27 -15.00
N ALA B 421 32.51 11.89 -13.82
CA ALA B 421 32.44 12.75 -12.64
C ALA B 421 33.85 13.23 -12.26
N ARG B 422 34.80 12.29 -12.22
CA ARG B 422 36.18 12.63 -11.93
C ARG B 422 36.73 13.60 -12.98
N GLU B 423 36.51 13.27 -14.26
CA GLU B 423 36.90 14.10 -15.40
C GLU B 423 36.45 15.54 -15.16
N ASP B 424 35.20 15.70 -14.72
CA ASP B 424 34.58 16.99 -14.45
C ASP B 424 35.37 17.71 -13.36
N MET B 425 35.72 16.94 -12.32
CA MET B 425 36.45 17.45 -11.17
C MET B 425 37.84 17.95 -11.59
N ALA B 426 38.49 17.16 -12.46
CA ALA B 426 39.79 17.50 -13.02
C ALA B 426 39.69 18.85 -13.74
N ALA B 427 38.66 18.99 -14.58
CA ALA B 427 38.39 20.21 -15.33
C ALA B 427 38.25 21.41 -14.40
N LEU B 428 37.45 21.24 -13.32
CA LEU B 428 37.18 22.25 -12.32
C LEU B 428 38.48 22.75 -11.70
N GLU B 429 39.28 21.78 -11.29
CA GLU B 429 40.54 22.01 -10.61
C GLU B 429 41.49 22.79 -11.52
N LYS B 430 41.55 22.36 -12.78
CA LYS B 430 42.33 22.98 -13.85
C LYS B 430 41.92 24.45 -14.00
N ASP B 431 40.61 24.71 -14.01
CA ASP B 431 40.03 26.05 -14.14
C ASP B 431 40.51 26.96 -13.01
N TYR B 432 40.49 26.43 -11.78
CA TYR B 432 40.92 27.18 -10.61
C TYR B 432 42.40 27.55 -10.68
N GLU B 433 43.20 26.57 -11.10
CA GLU B 433 44.63 26.75 -11.35
C GLU B 433 44.86 27.90 -12.34
N GLU B 434 44.10 27.92 -13.45
CA GLU B 434 44.18 28.95 -14.49
C GLU B 434 43.95 30.33 -13.89
N VAL B 435 42.86 30.42 -13.10
CA VAL B 435 42.41 31.62 -12.40
C VAL B 435 43.50 32.13 -11.47
N GLY B 436 44.09 31.22 -10.68
CA GLY B 436 45.17 31.54 -9.76
C GLY B 436 46.37 32.18 -10.48
N VAL B 437 46.73 31.59 -11.63
CA VAL B 437 47.82 32.04 -12.49
C VAL B 437 47.53 33.47 -12.98
N MET C 1 6.41 3.15 9.33
CA MET C 1 6.81 2.42 8.11
C MET C 1 8.09 1.61 8.38
N ARG C 2 8.54 0.82 7.38
CA ARG C 2 9.75 -0.01 7.38
C ARG C 2 9.71 -1.11 8.46
N GLU C 3 8.70 -1.98 8.40
CA GLU C 3 8.48 -2.95 9.47
C GLU C 3 9.27 -4.23 9.19
N ILE C 4 9.69 -4.89 10.27
CA ILE C 4 10.53 -6.07 10.20
C ILE C 4 9.78 -7.31 10.65
N VAL C 5 10.02 -8.41 9.93
CA VAL C 5 9.41 -9.70 10.16
C VAL C 5 10.42 -10.63 10.81
N HIS C 6 10.27 -10.86 12.12
CA HIS C 6 11.20 -11.70 12.86
C HIS C 6 10.94 -13.18 12.59
N ILE C 7 11.99 -14.01 12.76
CA ILE C 7 11.95 -15.46 12.66
C ILE C 7 12.92 -16.07 13.67
N GLN C 8 12.50 -17.19 14.27
CA GLN C 8 13.29 -17.96 15.23
C GLN C 8 13.20 -19.44 14.85
N ALA C 9 14.35 -20.04 14.52
CA ALA C 9 14.41 -21.43 14.07
C ALA C 9 15.50 -22.19 14.81
N GLY C 10 15.09 -23.36 15.35
CA GLY C 10 15.95 -24.21 16.14
C GLY C 10 15.94 -23.79 17.62
N GLN C 11 16.27 -24.72 18.52
CA GLN C 11 16.25 -24.46 19.94
C GLN C 11 16.94 -23.13 20.25
N CYS C 12 18.17 -22.97 19.71
CA CYS C 12 19.06 -21.81 19.83
C CYS C 12 18.39 -20.53 19.32
N GLY C 13 18.03 -20.52 18.03
CA GLY C 13 17.22 -19.46 17.48
C GLY C 13 15.99 -19.16 18.35
N ASN C 14 15.33 -20.22 18.83
CA ASN C 14 14.07 -20.04 19.54
C ASN C 14 14.31 -19.40 20.89
N GLN C 15 15.45 -19.71 21.50
CA GLN C 15 15.70 -19.26 22.85
C GLN C 15 16.25 -17.84 22.83
N ILE C 16 17.18 -17.54 21.91
CA ILE C 16 17.72 -16.19 21.80
C ILE C 16 16.56 -15.26 21.45
N GLY C 17 15.74 -15.72 20.51
CA GLY C 17 14.55 -15.01 20.11
C GLY C 17 13.68 -14.73 21.31
N ALA C 18 13.49 -15.75 22.20
CA ALA C 18 12.69 -15.63 23.42
C ALA C 18 13.19 -14.46 24.26
N LYS C 19 14.48 -14.51 24.51
CA LYS C 19 15.05 -13.47 25.34
C LYS C 19 15.05 -12.15 24.58
N PHE C 20 15.17 -12.18 23.24
CA PHE C 20 15.25 -11.00 22.39
C PHE C 20 13.97 -10.19 22.47
N TRP C 21 12.87 -10.93 22.49
CA TRP C 21 11.58 -10.28 22.43
C TRP C 21 11.33 -9.60 23.74
N GLU C 22 11.68 -10.29 24.82
CA GLU C 22 11.49 -9.85 26.19
C GLU C 22 12.20 -8.50 26.35
N VAL C 23 13.41 -8.45 25.79
CA VAL C 23 14.32 -7.32 25.86
C VAL C 23 13.65 -6.10 25.22
N ILE C 24 13.22 -6.26 23.97
CA ILE C 24 12.70 -5.13 23.21
C ILE C 24 11.42 -4.67 23.89
N SER C 25 10.61 -5.61 24.38
CA SER C 25 9.36 -5.35 25.09
C SER C 25 9.60 -4.31 26.17
N ASP C 26 10.62 -4.57 26.98
CA ASP C 26 10.96 -3.68 28.06
C ASP C 26 11.37 -2.32 27.51
N GLU C 27 12.10 -2.30 26.38
CA GLU C 27 12.55 -1.08 25.72
C GLU C 27 11.38 -0.23 25.19
N HIS C 28 10.28 -0.89 24.80
CA HIS C 28 9.12 -0.21 24.23
C HIS C 28 7.93 -0.12 25.21
N GLY C 29 8.13 -0.53 26.47
CA GLY C 29 7.18 -0.33 27.56
C GLY C 29 6.04 -1.36 27.62
N ILE C 30 6.16 -2.46 26.84
CA ILE C 30 5.17 -3.53 26.75
C ILE C 30 5.45 -4.55 27.85
N ASP C 31 4.38 -4.91 28.60
CA ASP C 31 4.43 -5.87 29.70
C ASP C 31 4.10 -7.27 29.16
N PRO C 32 4.02 -8.35 30.01
CA PRO C 32 3.78 -9.71 29.51
C PRO C 32 2.42 -10.00 28.88
N THR C 33 1.46 -9.09 29.08
CA THR C 33 0.08 -9.33 28.68
C THR C 33 -0.14 -8.78 27.27
N GLY C 34 0.88 -8.13 26.72
CA GLY C 34 0.76 -7.43 25.45
C GLY C 34 0.08 -6.07 25.58
N SER C 35 0.07 -5.52 26.80
CA SER C 35 -0.42 -4.17 27.06
C SER C 35 0.76 -3.22 27.22
N TYR C 36 0.55 -1.97 26.80
CA TYR C 36 1.57 -0.95 26.94
C TYR C 36 1.38 -0.24 28.28
N HIS C 37 2.47 -0.17 29.05
CA HIS C 37 2.57 0.56 30.31
C HIS C 37 3.92 1.27 30.37
N GLY C 38 4.21 2.09 29.34
CA GLY C 38 5.44 2.85 29.26
C GLY C 38 5.15 4.35 29.34
N ASP C 39 6.11 5.13 29.86
CA ASP C 39 5.93 6.57 30.04
C ASP C 39 6.59 7.37 28.93
N SER C 40 7.22 6.68 27.96
CA SER C 40 7.92 7.29 26.83
C SER C 40 7.10 7.15 25.56
N ASP C 41 6.61 8.31 25.09
CA ASP C 41 5.77 8.44 23.91
C ASP C 41 6.50 7.88 22.68
N LEU C 42 7.83 8.00 22.71
CA LEU C 42 8.71 7.62 21.61
C LEU C 42 8.67 6.12 21.34
N GLN C 43 8.32 5.33 22.37
CA GLN C 43 8.20 3.88 22.26
C GLN C 43 7.10 3.52 21.25
N LEU C 44 5.96 4.23 21.35
CA LEU C 44 4.78 3.93 20.57
C LEU C 44 4.74 4.79 19.29
N GLU C 45 5.72 5.68 19.16
CA GLU C 45 5.90 6.46 17.94
C GLU C 45 6.21 5.52 16.79
N ARG C 46 7.04 4.52 17.04
CA ARG C 46 7.46 3.60 16.02
C ARG C 46 7.36 2.18 16.54
N ILE C 47 6.33 1.91 17.34
CA ILE C 47 6.10 0.54 17.81
C ILE C 47 6.02 -0.40 16.60
N ASN C 48 5.49 0.13 15.50
CA ASN C 48 5.18 -0.54 14.25
C ASN C 48 6.20 -1.60 13.92
N VAL C 49 7.44 -1.15 13.84
CA VAL C 49 8.53 -1.96 13.31
C VAL C 49 8.39 -3.38 13.85
N TYR C 50 8.21 -3.49 15.17
CA TYR C 50 8.33 -4.76 15.87
C TYR C 50 7.02 -5.31 16.43
N TYR C 51 5.92 -4.55 16.33
CA TYR C 51 4.67 -5.02 16.94
C TYR C 51 3.44 -4.59 16.16
N ASN C 52 2.47 -5.52 16.02
CA ASN C 52 1.17 -5.31 15.38
C ASN C 52 0.12 -5.20 16.46
N GLU C 53 -0.53 -4.03 16.59
CA GLU C 53 -1.45 -3.78 17.68
C GLU C 53 -2.85 -4.15 17.23
N ALA C 54 -3.66 -4.70 18.16
CA ALA C 54 -5.05 -5.03 17.92
C ALA C 54 -5.95 -4.40 18.98
N ALA C 55 -7.18 -4.93 19.02
CA ALA C 55 -8.31 -4.45 19.81
C ALA C 55 -7.96 -4.44 21.29
N GLY C 56 -8.15 -3.29 21.92
CA GLY C 56 -7.96 -3.11 23.35
C GLY C 56 -6.50 -2.94 23.73
N ASN C 57 -5.72 -2.33 22.81
CA ASN C 57 -4.28 -2.12 22.96
C ASN C 57 -3.58 -3.44 23.35
N LYS C 58 -3.95 -4.54 22.67
CA LYS C 58 -3.08 -5.70 22.60
C LYS C 58 -1.98 -5.39 21.61
N TYR C 59 -0.75 -5.75 21.97
CA TYR C 59 0.43 -5.53 21.16
C TYR C 59 1.11 -6.88 20.95
N VAL C 60 1.38 -7.22 19.68
CA VAL C 60 1.80 -8.56 19.32
C VAL C 60 3.01 -8.47 18.40
N PRO C 61 4.09 -9.25 18.62
CA PRO C 61 5.26 -9.18 17.74
C PRO C 61 4.93 -9.73 16.35
N ARG C 62 5.69 -9.25 15.35
CA ARG C 62 5.60 -9.73 13.99
C ARG C 62 6.55 -10.92 13.85
N ALA C 63 6.46 -11.90 14.78
CA ALA C 63 7.46 -12.94 14.88
C ALA C 63 6.85 -14.32 14.62
N ILE C 64 7.56 -15.10 13.80
CA ILE C 64 7.23 -16.47 13.45
C ILE C 64 8.21 -17.40 14.17
N LEU C 65 7.67 -18.40 14.89
CA LEU C 65 8.46 -19.36 15.65
C LEU C 65 8.41 -20.71 14.94
N VAL C 66 9.58 -21.27 14.59
CA VAL C 66 9.67 -22.55 13.88
C VAL C 66 10.53 -23.52 14.68
N ASP C 67 10.02 -24.74 14.88
CA ASP C 67 10.78 -25.83 15.46
C ASP C 67 10.25 -27.15 14.93
N LEU C 68 11.16 -27.97 14.38
CA LEU C 68 10.76 -29.28 13.86
C LEU C 68 10.28 -30.22 14.96
N GLU C 69 10.58 -29.89 16.22
CA GLU C 69 10.05 -30.57 17.38
C GLU C 69 9.03 -29.65 18.05
N PRO C 70 8.12 -30.16 18.89
CA PRO C 70 7.23 -29.27 19.60
C PRO C 70 7.84 -28.69 20.86
N GLY C 71 8.81 -29.39 21.47
CA GLY C 71 9.12 -29.23 22.88
C GLY C 71 9.65 -27.85 23.26
N THR C 72 10.62 -27.35 22.50
CA THR C 72 11.33 -26.12 22.85
C THR C 72 10.40 -24.93 22.70
N MET C 73 9.47 -25.07 21.76
CA MET C 73 8.55 -24.00 21.42
C MET C 73 7.33 -24.09 22.33
N ASP C 74 7.26 -25.15 23.12
CA ASP C 74 6.16 -25.35 24.05
C ASP C 74 6.59 -24.83 25.41
N SER C 75 7.90 -24.95 25.63
CA SER C 75 8.55 -24.26 26.72
C SER C 75 8.40 -22.76 26.55
N VAL C 76 8.52 -22.29 25.30
CA VAL C 76 8.37 -20.89 24.96
C VAL C 76 7.05 -20.43 25.55
N ARG C 77 5.98 -21.18 25.23
CA ARG C 77 4.60 -20.85 25.55
C ARG C 77 4.44 -20.76 27.08
N SER C 78 5.03 -21.74 27.78
CA SER C 78 4.96 -21.81 29.23
C SER C 78 5.62 -20.58 29.85
N GLY C 79 6.67 -20.07 29.18
CA GLY C 79 7.50 -18.95 29.62
C GLY C 79 6.67 -17.68 29.90
N PRO C 80 7.25 -16.65 30.55
CA PRO C 80 6.48 -15.47 30.98
C PRO C 80 6.05 -14.62 29.79
N PHE C 81 6.98 -14.44 28.83
CA PHE C 81 6.80 -13.60 27.65
C PHE C 81 6.23 -14.41 26.48
N GLY C 82 6.23 -15.74 26.63
CA GLY C 82 5.68 -16.69 25.66
C GLY C 82 4.23 -16.42 25.27
N GLN C 83 3.43 -15.89 26.20
CA GLN C 83 2.00 -15.64 26.00
C GLN C 83 1.76 -14.51 25.02
N ILE C 84 2.77 -13.65 24.83
CA ILE C 84 2.64 -12.55 23.88
C ILE C 84 2.72 -13.08 22.45
N PHE C 85 3.40 -14.23 22.24
CA PHE C 85 3.42 -14.89 20.94
C PHE C 85 2.03 -15.47 20.61
N ARG C 86 1.68 -15.57 19.31
CA ARG C 86 0.41 -16.13 18.85
C ARG C 86 0.62 -17.58 18.44
N PRO C 87 -0.44 -18.40 18.48
CA PRO C 87 -0.42 -19.77 17.96
C PRO C 87 -0.13 -19.75 16.46
N ASP C 88 -0.59 -18.68 15.81
CA ASP C 88 -0.31 -18.46 14.41
C ASP C 88 1.19 -18.46 14.21
N ASN C 89 1.90 -17.87 15.18
CA ASN C 89 3.36 -17.84 15.18
C ASN C 89 3.89 -19.25 15.46
N PHE C 90 3.32 -19.99 16.43
CA PHE C 90 3.88 -21.28 16.82
C PHE C 90 3.53 -22.32 15.76
N VAL C 91 4.46 -22.55 14.80
CA VAL C 91 4.27 -23.50 13.73
C VAL C 91 5.32 -24.59 13.87
N PHE C 92 4.86 -25.83 14.15
CA PHE C 92 5.78 -26.90 14.48
C PHE C 92 5.31 -28.21 13.86
N GLY C 93 6.29 -29.11 13.64
CA GLY C 93 6.09 -30.52 13.39
C GLY C 93 6.51 -31.30 14.62
N GLN C 94 6.57 -32.63 14.50
CA GLN C 94 6.81 -33.48 15.66
C GLN C 94 7.92 -34.50 15.40
N SER C 95 8.70 -34.26 14.33
CA SER C 95 9.88 -35.04 14.01
C SER C 95 11.12 -34.16 14.17
N GLY C 96 12.03 -34.55 15.07
CA GLY C 96 13.20 -33.73 15.37
C GLY C 96 14.27 -33.81 14.29
N ALA C 97 14.87 -32.65 13.97
CA ALA C 97 15.93 -32.58 12.97
C ALA C 97 17.18 -33.32 13.44
N GLY C 98 17.33 -33.39 14.77
CA GLY C 98 18.40 -34.13 15.40
C GLY C 98 19.75 -33.79 14.76
N ASN C 99 20.03 -32.49 14.66
CA ASN C 99 21.33 -32.00 14.25
C ASN C 99 21.73 -32.65 12.93
N ASN C 100 20.75 -32.71 12.04
CA ASN C 100 20.96 -33.16 10.68
C ASN C 100 20.48 -32.06 9.75
N TRP C 101 21.41 -31.50 8.94
CA TRP C 101 21.10 -30.48 7.95
C TRP C 101 20.08 -31.01 6.96
N ALA C 102 20.25 -32.27 6.55
CA ALA C 102 19.40 -32.90 5.55
C ALA C 102 17.98 -33.07 6.07
N LYS C 103 17.80 -33.28 7.38
CA LYS C 103 16.47 -33.38 7.96
C LYS C 103 15.77 -32.01 7.89
N GLY C 104 16.53 -30.96 8.23
CA GLY C 104 16.04 -29.59 8.26
C GLY C 104 15.66 -29.05 6.89
N HIS C 105 16.52 -29.27 5.88
CA HIS C 105 16.37 -28.63 4.57
C HIS C 105 15.50 -29.46 3.63
N TYR C 106 15.74 -30.77 3.59
CA TYR C 106 15.32 -31.59 2.46
C TYR C 106 14.02 -32.30 2.76
N THR C 107 13.91 -32.80 4.00
CA THR C 107 12.96 -33.86 4.34
C THR C 107 11.90 -33.33 5.30
N GLU C 108 12.22 -33.31 6.61
CA GLU C 108 11.25 -33.05 7.66
C GLU C 108 10.77 -31.60 7.58
N GLY C 109 11.71 -30.71 7.22
CA GLY C 109 11.47 -29.27 7.21
C GLY C 109 10.87 -28.80 5.89
N ALA C 110 11.05 -29.59 4.82
CA ALA C 110 10.39 -29.33 3.54
C ALA C 110 8.88 -29.56 3.67
N GLU C 111 8.49 -30.38 4.65
CA GLU C 111 7.09 -30.69 4.90
C GLU C 111 6.44 -29.57 5.69
N LEU C 112 7.25 -28.85 6.47
CA LEU C 112 6.71 -27.89 7.41
C LEU C 112 6.93 -26.46 6.91
N VAL C 113 7.58 -26.30 5.74
CA VAL C 113 8.00 -24.98 5.27
C VAL C 113 6.79 -24.24 4.71
N ASP C 114 5.98 -24.94 3.90
CA ASP C 114 4.90 -24.31 3.17
C ASP C 114 3.96 -23.63 4.14
N SER C 115 3.63 -24.33 5.24
CA SER C 115 2.81 -23.82 6.33
C SER C 115 3.42 -22.56 6.94
N VAL C 116 4.75 -22.60 7.15
CA VAL C 116 5.48 -21.48 7.71
C VAL C 116 5.44 -20.29 6.75
N LEU C 117 5.62 -20.56 5.45
CA LEU C 117 5.64 -19.53 4.41
C LEU C 117 4.29 -18.86 4.32
N ASP C 118 3.23 -19.62 4.61
CA ASP C 118 1.90 -19.06 4.61
C ASP C 118 1.81 -18.00 5.72
N VAL C 119 2.38 -18.34 6.88
CA VAL C 119 2.41 -17.42 7.99
C VAL C 119 3.31 -16.22 7.63
N VAL C 120 4.41 -16.45 6.91
CA VAL C 120 5.28 -15.39 6.38
C VAL C 120 4.47 -14.42 5.51
N ARG C 121 3.59 -14.99 4.67
CA ARG C 121 2.79 -14.23 3.71
C ARG C 121 1.73 -13.43 4.44
N LYS C 122 1.15 -14.03 5.49
CA LYS C 122 0.18 -13.37 6.34
C LYS C 122 0.83 -12.13 6.94
N GLU C 123 2.08 -12.30 7.36
CA GLU C 123 2.82 -11.29 8.08
C GLU C 123 3.39 -10.22 7.16
N SER C 124 3.46 -10.47 5.83
CA SER C 124 4.01 -9.54 4.86
C SER C 124 2.95 -8.55 4.40
N GLU C 125 1.75 -9.08 4.19
CA GLU C 125 0.59 -8.34 3.71
C GLU C 125 0.00 -7.48 4.83
N SER C 126 0.32 -7.79 6.09
CA SER C 126 -0.16 -7.04 7.23
C SER C 126 0.75 -5.84 7.50
N CYS C 127 1.82 -5.71 6.68
CA CYS C 127 2.79 -4.64 6.81
C CYS C 127 2.38 -3.43 5.98
N ASP C 128 2.50 -2.27 6.64
CA ASP C 128 2.34 -0.97 6.01
C ASP C 128 3.40 -0.84 4.91
N CYS C 129 4.64 -1.21 5.25
CA CYS C 129 5.73 -1.37 4.29
C CYS C 129 6.85 -2.20 4.92
N LEU C 130 6.91 -3.46 4.49
CA LEU C 130 7.90 -4.44 4.91
C LEU C 130 9.31 -3.93 4.62
N GLN C 131 10.17 -3.94 5.64
CA GLN C 131 11.55 -3.59 5.39
C GLN C 131 12.41 -4.83 5.21
N GLY C 132 12.40 -5.71 6.23
CA GLY C 132 13.32 -6.82 6.32
C GLY C 132 12.82 -8.00 7.14
N PHE C 133 13.64 -9.05 7.17
CA PHE C 133 13.38 -10.29 7.86
C PHE C 133 14.58 -10.65 8.74
N GLN C 134 14.42 -10.63 10.07
CA GLN C 134 15.45 -11.06 10.99
C GLN C 134 15.25 -12.53 11.36
N LEU C 135 16.27 -13.35 11.08
CA LEU C 135 16.23 -14.78 11.38
C LEU C 135 17.33 -15.09 12.39
N THR C 136 16.90 -15.51 13.57
CA THR C 136 17.81 -16.00 14.59
C THR C 136 17.83 -17.51 14.46
N HIS C 137 18.95 -18.04 13.96
CA HIS C 137 19.04 -19.46 13.65
C HIS C 137 20.48 -19.90 13.78
N SER C 138 20.69 -20.95 14.58
CA SER C 138 22.01 -21.56 14.76
C SER C 138 22.54 -22.14 13.44
N LEU C 139 23.86 -22.21 13.28
CA LEU C 139 24.48 -22.70 12.05
C LEU C 139 24.73 -24.21 12.14
N GLY C 140 24.86 -24.69 13.38
CA GLY C 140 25.51 -25.95 13.70
C GLY C 140 24.53 -27.02 14.17
N GLY C 141 23.27 -26.62 14.28
CA GLY C 141 22.21 -27.50 14.74
C GLY C 141 21.53 -28.23 13.58
N GLY C 142 20.24 -28.53 13.74
CA GLY C 142 19.48 -29.19 12.70
C GLY C 142 18.40 -28.28 12.15
N THR C 143 17.70 -27.62 13.07
CA THR C 143 16.53 -26.80 12.78
C THR C 143 16.97 -25.37 12.47
N GLY C 144 18.19 -25.04 12.84
CA GLY C 144 18.73 -23.75 12.47
C GLY C 144 19.35 -23.76 11.07
N SER C 145 20.16 -24.79 10.79
CA SER C 145 20.96 -24.92 9.57
C SER C 145 20.05 -25.22 8.38
N GLY C 146 19.52 -26.45 8.36
CA GLY C 146 18.76 -26.92 7.22
C GLY C 146 17.44 -26.16 7.09
N MET C 147 16.63 -26.23 8.14
CA MET C 147 15.30 -25.63 8.14
C MET C 147 15.41 -24.12 8.01
N GLY C 148 16.33 -23.53 8.78
CA GLY C 148 16.62 -22.11 8.69
C GLY C 148 17.00 -21.68 7.27
N THR C 149 17.94 -22.40 6.64
CA THR C 149 18.49 -22.06 5.34
C THR C 149 17.42 -22.16 4.25
N LEU C 150 16.59 -23.20 4.36
CA LEU C 150 15.49 -23.45 3.44
C LEU C 150 14.51 -22.29 3.51
N LEU C 151 14.25 -21.83 4.74
CA LEU C 151 13.33 -20.75 5.00
C LEU C 151 13.81 -19.46 4.35
N ILE C 152 15.13 -19.23 4.43
CA ILE C 152 15.79 -18.05 3.90
C ILE C 152 15.64 -18.01 2.38
N SER C 153 15.89 -19.15 1.72
CA SER C 153 15.92 -19.28 0.27
C SER C 153 14.57 -18.89 -0.31
N LYS C 154 13.51 -19.54 0.19
CA LYS C 154 12.15 -19.36 -0.29
C LYS C 154 11.68 -17.93 -0.02
N ILE C 155 12.03 -17.39 1.14
CA ILE C 155 11.66 -16.02 1.49
C ILE C 155 12.35 -15.03 0.55
N ARG C 156 13.61 -15.28 0.19
CA ARG C 156 14.33 -14.41 -0.74
C ARG C 156 13.70 -14.47 -2.12
N GLU C 157 13.23 -15.66 -2.55
CA GLU C 157 12.52 -15.78 -3.81
C GLU C 157 11.24 -14.94 -3.79
N GLU C 158 10.53 -14.96 -2.65
CA GLU C 158 9.26 -14.26 -2.50
C GLU C 158 9.44 -12.73 -2.44
N TYR C 159 10.41 -12.25 -1.66
CA TYR C 159 10.64 -10.82 -1.47
C TYR C 159 12.11 -10.48 -1.72
N PRO C 160 12.61 -10.47 -2.99
CA PRO C 160 14.05 -10.31 -3.26
C PRO C 160 14.65 -8.93 -3.03
N ASP C 161 13.77 -7.93 -2.93
CA ASP C 161 14.15 -6.52 -2.88
C ASP C 161 14.38 -6.10 -1.43
N ARG C 162 14.10 -7.01 -0.48
CA ARG C 162 14.05 -6.68 0.93
C ARG C 162 15.30 -7.17 1.65
N ILE C 163 15.44 -6.73 2.91
CA ILE C 163 16.58 -6.98 3.76
C ILE C 163 16.44 -8.36 4.40
N MET C 164 17.51 -9.15 4.31
CA MET C 164 17.57 -10.40 5.06
C MET C 164 18.82 -10.36 5.93
N ASN C 165 18.57 -10.27 7.24
CA ASN C 165 19.62 -10.24 8.24
C ASN C 165 19.42 -11.39 9.21
N THR C 166 20.54 -12.04 9.56
CA THR C 166 20.46 -13.26 10.36
C THR C 166 21.53 -13.21 11.43
N PHE C 167 21.08 -13.13 12.68
CA PHE C 167 21.99 -13.22 13.81
C PHE C 167 22.27 -14.69 14.08
N SER C 168 23.14 -15.29 13.23
CA SER C 168 23.44 -16.71 13.21
C SER C 168 24.55 -17.06 14.21
N VAL C 169 24.20 -17.98 15.13
CA VAL C 169 25.05 -18.45 16.21
C VAL C 169 25.85 -19.61 15.65
N VAL C 170 27.17 -19.47 15.69
CA VAL C 170 28.07 -20.30 14.93
C VAL C 170 28.81 -21.27 15.86
N PRO C 171 29.49 -22.30 15.30
CA PRO C 171 30.29 -23.20 16.13
C PRO C 171 31.45 -22.44 16.73
N SER C 172 31.86 -22.82 17.95
CA SER C 172 33.12 -22.39 18.49
C SER C 172 34.09 -23.58 18.49
N PRO C 173 35.19 -23.55 17.69
CA PRO C 173 36.07 -24.72 17.58
C PRO C 173 36.56 -25.28 18.92
N LYS C 174 36.73 -24.39 19.91
CA LYS C 174 37.30 -24.74 21.21
C LYS C 174 36.23 -25.36 22.12
N VAL C 175 34.95 -25.02 21.92
CA VAL C 175 33.83 -25.63 22.62
C VAL C 175 32.82 -26.14 21.60
N SER C 176 33.13 -27.29 20.99
CA SER C 176 32.19 -27.96 20.12
C SER C 176 31.12 -28.58 21.01
N ASP C 177 29.86 -28.55 20.54
CA ASP C 177 28.73 -29.06 21.30
C ASP C 177 28.12 -30.28 20.58
N THR C 178 28.27 -30.32 19.25
CA THR C 178 27.61 -31.35 18.46
C THR C 178 28.59 -32.03 17.52
N VAL C 179 28.13 -33.21 17.08
CA VAL C 179 28.83 -34.25 16.36
C VAL C 179 29.32 -33.75 15.01
N VAL C 180 28.36 -33.27 14.22
CA VAL C 180 28.58 -33.00 12.81
C VAL C 180 28.47 -31.50 12.71
N GLU C 181 28.73 -30.82 13.82
CA GLU C 181 28.76 -29.36 13.82
C GLU C 181 29.42 -28.84 12.54
N PRO C 182 30.64 -29.34 12.18
CA PRO C 182 31.28 -29.01 10.89
C PRO C 182 30.41 -29.17 9.64
N TYR C 183 29.72 -30.31 9.57
CA TYR C 183 28.86 -30.61 8.44
C TYR C 183 27.77 -29.56 8.33
N ASN C 184 27.11 -29.27 9.47
CA ASN C 184 25.95 -28.38 9.55
C ASN C 184 26.35 -26.97 9.15
N ALA C 185 27.46 -26.52 9.72
CA ALA C 185 27.95 -25.17 9.51
C ALA C 185 28.30 -25.00 8.03
N THR C 186 29.05 -25.95 7.47
CA THR C 186 29.58 -25.84 6.12
C THR C 186 28.44 -25.82 5.12
N LEU C 187 27.49 -26.73 5.28
CA LEU C 187 26.36 -26.75 4.37
C LEU C 187 25.52 -25.48 4.51
N SER C 188 25.39 -24.97 5.73
CA SER C 188 24.61 -23.77 6.00
C SER C 188 25.25 -22.54 5.33
N VAL C 189 26.55 -22.38 5.54
CA VAL C 189 27.32 -21.21 5.10
C VAL C 189 27.22 -21.10 3.58
N HIS C 190 27.43 -22.23 2.89
CA HIS C 190 27.39 -22.34 1.44
C HIS C 190 26.16 -21.62 0.90
N GLN C 191 25.03 -21.89 1.54
CA GLN C 191 23.75 -21.30 1.20
C GLN C 191 23.65 -19.85 1.69
N LEU C 192 24.07 -19.61 2.94
CA LEU C 192 23.95 -18.30 3.56
C LEU C 192 24.67 -17.21 2.78
N VAL C 193 25.92 -17.48 2.36
CA VAL C 193 26.74 -16.52 1.63
C VAL C 193 25.91 -15.88 0.51
N GLU C 194 25.06 -16.69 -0.12
CA GLU C 194 24.36 -16.35 -1.36
C GLU C 194 22.93 -15.86 -1.10
N ASN C 195 22.47 -15.87 0.17
CA ASN C 195 21.04 -15.75 0.43
C ASN C 195 20.70 -14.62 1.41
N THR C 196 21.73 -13.94 1.93
CA THR C 196 21.54 -12.92 2.96
C THR C 196 22.35 -11.68 2.63
N ASP C 197 21.90 -10.55 3.19
CA ASP C 197 22.56 -9.28 2.98
C ASP C 197 23.55 -9.03 4.12
N GLU C 198 23.23 -9.57 5.30
CA GLU C 198 24.09 -9.37 6.44
C GLU C 198 23.81 -10.39 7.52
N THR C 199 24.92 -10.89 8.06
CA THR C 199 24.88 -11.99 9.01
C THR C 199 25.83 -11.67 10.15
N TYR C 200 25.27 -11.63 11.35
CA TYR C 200 25.99 -11.31 12.56
C TYR C 200 26.35 -12.61 13.26
N CYS C 201 27.66 -12.93 13.23
CA CYS C 201 28.15 -14.25 13.60
C CYS C 201 28.58 -14.24 15.07
N ILE C 202 27.83 -14.99 15.90
CA ILE C 202 28.00 -14.93 17.34
C ILE C 202 28.32 -16.34 17.84
N ASP C 203 29.52 -16.54 18.40
CA ASP C 203 29.88 -17.82 18.99
C ASP C 203 29.84 -17.74 20.51
N ASN C 204 29.58 -18.90 21.13
CA ASN C 204 29.31 -19.04 22.55
C ASN C 204 30.56 -18.81 23.39
N GLU C 205 31.69 -19.08 22.75
CA GLU C 205 33.02 -18.94 23.31
C GLU C 205 33.21 -17.50 23.76
N ALA C 206 32.95 -16.60 22.82
CA ALA C 206 33.22 -15.19 23.04
C ALA C 206 32.30 -14.67 24.12
N LEU C 207 31.06 -15.19 24.14
CA LEU C 207 30.06 -14.77 25.09
C LEU C 207 30.56 -15.13 26.48
N TYR C 208 31.08 -16.34 26.58
CA TYR C 208 31.58 -16.84 27.84
C TYR C 208 32.68 -15.91 28.31
N ASP C 209 33.59 -15.55 27.38
CA ASP C 209 34.72 -14.68 27.67
C ASP C 209 34.20 -13.40 28.31
N ILE C 210 33.18 -12.82 27.69
CA ILE C 210 32.61 -11.58 28.16
C ILE C 210 32.07 -11.75 29.58
N CYS C 211 31.27 -12.80 29.79
CA CYS C 211 30.60 -13.04 31.04
C CYS C 211 31.60 -13.21 32.18
N PHE C 212 32.65 -13.97 31.87
CA PHE C 212 33.61 -14.42 32.87
C PHE C 212 34.51 -13.28 33.31
N ARG C 213 35.08 -12.61 32.31
CA ARG C 213 36.09 -11.59 32.50
C ARG C 213 35.44 -10.31 33.04
N THR C 214 34.43 -9.80 32.33
CA THR C 214 34.04 -8.39 32.35
C THR C 214 32.80 -8.22 33.21
N LEU C 215 31.80 -9.07 32.93
CA LEU C 215 30.54 -9.08 33.67
C LEU C 215 30.74 -9.87 34.96
N LYS C 216 31.84 -10.62 35.03
CA LYS C 216 32.27 -11.34 36.22
C LYS C 216 31.23 -12.36 36.65
N LEU C 217 30.51 -12.92 35.67
CA LEU C 217 29.57 -13.97 35.96
C LEU C 217 30.28 -15.29 35.63
N THR C 218 30.63 -16.01 36.69
CA THR C 218 31.41 -17.24 36.58
C THR C 218 30.47 -18.45 36.65
N THR C 219 29.16 -18.14 36.64
CA THR C 219 28.08 -19.06 36.36
C THR C 219 27.23 -18.50 35.20
N PRO C 220 27.66 -18.62 33.91
CA PRO C 220 26.87 -18.10 32.80
C PRO C 220 25.63 -18.97 32.65
N THR C 221 24.44 -18.36 32.68
CA THR C 221 23.24 -19.06 32.28
C THR C 221 23.07 -18.80 30.79
N TYR C 222 22.51 -19.78 30.07
CA TYR C 222 22.19 -19.52 28.68
C TYR C 222 21.40 -18.23 28.56
N GLY C 223 20.58 -17.96 29.59
CA GLY C 223 19.88 -16.70 29.81
C GLY C 223 20.79 -15.49 29.64
N ASP C 224 21.94 -15.50 30.35
CA ASP C 224 22.89 -14.41 30.32
C ASP C 224 23.51 -14.24 28.93
N LEU C 225 23.94 -15.35 28.32
CA LEU C 225 24.50 -15.34 26.97
C LEU C 225 23.44 -14.77 26.02
N ASN C 226 22.20 -15.21 26.21
CA ASN C 226 21.10 -14.76 25.38
C ASN C 226 20.84 -13.28 25.58
N HIS C 227 20.85 -12.83 26.84
CA HIS C 227 20.60 -11.44 27.18
C HIS C 227 21.56 -10.58 26.39
N LEU C 228 22.80 -11.05 26.24
CA LEU C 228 23.85 -10.37 25.50
C LEU C 228 23.44 -10.17 24.03
N VAL C 229 23.12 -11.28 23.35
CA VAL C 229 22.85 -11.23 21.93
C VAL C 229 21.64 -10.35 21.71
N SER C 230 20.69 -10.42 22.64
CA SER C 230 19.44 -9.70 22.56
C SER C 230 19.68 -8.20 22.48
N ALA C 231 20.45 -7.73 23.45
CA ALA C 231 20.80 -6.33 23.47
C ALA C 231 21.49 -5.95 22.14
N THR C 232 22.34 -6.82 21.57
CA THR C 232 23.06 -6.55 20.32
C THR C 232 22.10 -6.22 19.18
N MET C 233 21.07 -7.05 19.04
CA MET C 233 20.11 -6.92 17.96
C MET C 233 19.27 -5.66 18.16
N SER C 234 18.86 -5.38 19.41
CA SER C 234 18.13 -4.15 19.78
C SER C 234 18.89 -2.92 19.31
N GLY C 235 20.16 -2.89 19.66
CA GLY C 235 21.03 -1.80 19.25
C GLY C 235 21.07 -1.61 17.73
N VAL C 236 21.14 -2.71 16.97
CA VAL C 236 21.21 -2.71 15.50
C VAL C 236 20.00 -1.94 14.94
N THR C 237 18.84 -2.18 15.57
CA THR C 237 17.57 -1.74 15.04
C THR C 237 17.01 -0.54 15.80
N THR C 238 17.79 0.06 16.72
CA THR C 238 17.34 1.18 17.53
C THR C 238 16.92 2.37 16.66
N CYS C 239 17.71 2.66 15.62
CA CYS C 239 17.52 3.81 14.75
C CYS C 239 16.16 3.85 14.08
N LEU C 240 15.74 2.69 13.55
CA LEU C 240 14.46 2.55 12.87
C LEU C 240 13.33 2.84 13.86
N ARG C 241 13.56 2.48 15.13
CA ARG C 241 12.52 2.44 16.15
C ARG C 241 12.51 3.69 17.01
N PHE C 242 13.55 4.52 16.89
CA PHE C 242 13.60 5.72 17.69
C PHE C 242 14.25 6.86 16.89
N PRO C 243 13.91 8.14 17.19
CA PRO C 243 14.48 9.31 16.51
C PRO C 243 15.98 9.38 16.78
N GLY C 244 16.75 10.02 15.89
CA GLY C 244 18.19 10.11 16.09
C GLY C 244 18.80 11.34 15.44
N GLN C 245 19.99 11.68 15.94
CA GLN C 245 20.76 12.78 15.43
C GLN C 245 21.38 12.38 14.09
N LEU C 246 21.67 11.09 13.93
CA LEU C 246 21.98 10.52 12.64
C LEU C 246 21.40 9.10 12.63
N ASN C 247 20.56 8.76 11.65
CA ASN C 247 19.76 7.54 11.76
C ASN C 247 20.14 6.51 10.71
N ALA C 248 20.52 5.32 11.18
CA ALA C 248 20.98 4.22 10.35
C ALA C 248 19.93 3.11 10.28
N ASP C 249 19.33 3.13 9.09
CA ASP C 249 18.50 2.09 8.56
C ASP C 249 19.33 0.83 8.44
N LEU C 250 18.60 -0.29 8.39
CA LEU C 250 19.24 -1.59 8.26
C LEU C 250 19.99 -1.60 6.92
N ARG C 251 19.33 -1.10 5.87
CA ARG C 251 19.95 -1.02 4.56
C ARG C 251 21.16 -0.08 4.63
N LYS C 252 21.03 1.01 5.39
CA LYS C 252 22.09 2.00 5.57
C LYS C 252 23.34 1.31 6.12
N LEU C 253 23.13 0.49 7.15
CA LEU C 253 24.23 -0.21 7.79
C LEU C 253 24.88 -1.15 6.80
N ALA C 254 24.06 -1.95 6.12
CA ALA C 254 24.55 -2.89 5.14
C ALA C 254 25.39 -2.17 4.08
N VAL C 255 24.88 -1.03 3.61
CA VAL C 255 25.47 -0.31 2.49
C VAL C 255 26.82 0.28 2.92
N ASN C 256 26.88 0.72 4.17
CA ASN C 256 28.07 1.32 4.75
C ASN C 256 29.09 0.27 5.17
N MET C 257 28.67 -0.99 5.24
CA MET C 257 29.48 -1.99 5.90
C MET C 257 30.07 -2.97 4.89
N VAL C 258 29.68 -2.85 3.64
CA VAL C 258 29.93 -3.94 2.73
C VAL C 258 30.69 -3.45 1.53
N PRO C 259 31.99 -3.80 1.42
CA PRO C 259 32.79 -3.46 0.22
C PRO C 259 32.38 -4.24 -1.03
N PHE C 260 31.88 -5.44 -0.81
CA PHE C 260 31.61 -6.31 -1.94
C PHE C 260 30.40 -7.15 -1.62
N PRO C 261 29.70 -7.62 -2.68
CA PRO C 261 28.53 -8.50 -2.57
C PRO C 261 28.59 -9.54 -1.45
N ARG C 262 29.76 -10.14 -1.30
CA ARG C 262 29.88 -11.41 -0.60
C ARG C 262 30.22 -11.17 0.86
N LEU C 263 31.06 -10.19 1.18
CA LEU C 263 31.72 -10.23 2.47
C LEU C 263 30.88 -9.53 3.51
N HIS C 264 29.68 -10.07 3.74
CA HIS C 264 28.64 -9.39 4.49
C HIS C 264 28.65 -9.81 5.95
N PHE C 265 29.57 -10.71 6.31
CA PHE C 265 29.64 -11.24 7.66
C PHE C 265 30.22 -10.19 8.58
N PHE C 266 29.71 -10.19 9.82
CA PHE C 266 30.07 -9.17 10.80
C PHE C 266 30.28 -9.79 12.17
N MET C 267 30.91 -8.98 13.02
CA MET C 267 31.10 -9.26 14.41
C MET C 267 30.44 -8.11 15.16
N PRO C 268 29.38 -8.40 15.92
CA PRO C 268 28.82 -7.40 16.80
C PRO C 268 29.53 -7.41 18.15
N GLY C 269 29.46 -6.25 18.79
CA GLY C 269 29.80 -6.08 20.18
C GLY C 269 28.75 -5.24 20.89
N PHE C 270 29.03 -4.96 22.15
CA PHE C 270 28.22 -4.05 22.95
C PHE C 270 29.13 -3.42 24.01
N ALA C 271 28.78 -2.21 24.46
CA ALA C 271 29.36 -1.57 25.64
C ALA C 271 28.27 -0.73 26.30
N PRO C 272 28.25 -0.47 27.62
CA PRO C 272 29.34 -0.83 28.54
C PRO C 272 29.16 -2.24 29.11
N LEU C 273 30.15 -3.11 28.90
CA LEU C 273 30.15 -4.46 29.45
C LEU C 273 30.88 -4.46 30.79
N THR C 274 30.11 -4.41 31.88
CA THR C 274 30.63 -4.32 33.24
C THR C 274 29.79 -5.22 34.15
N SER C 275 30.40 -5.70 35.23
CA SER C 275 29.72 -6.41 36.31
C SER C 275 28.94 -5.42 37.18
N ARG C 276 28.02 -5.93 38.01
CA ARG C 276 27.34 -5.07 38.97
C ARG C 276 28.28 -4.62 40.06
N GLY C 277 28.32 -3.31 40.30
CA GLY C 277 29.22 -2.71 41.25
C GLY C 277 30.64 -2.53 40.71
N SER C 278 30.86 -2.89 39.43
CA SER C 278 32.09 -2.58 38.70
C SER C 278 31.89 -1.38 37.77
N GLN C 279 30.79 -0.65 38.00
CA GLN C 279 30.48 0.57 37.29
C GLN C 279 30.84 1.81 38.12
N GLN C 280 31.05 1.65 39.42
CA GLN C 280 31.41 2.78 40.27
C GLN C 280 32.89 3.14 40.12
N TYR C 281 33.70 2.22 39.59
CA TYR C 281 35.09 2.54 39.29
C TYR C 281 35.16 3.25 37.95
N ARG C 282 34.00 3.41 37.30
CA ARG C 282 33.90 3.86 35.92
C ARG C 282 33.10 5.17 35.90
N ALA C 283 33.07 5.82 34.72
CA ALA C 283 32.21 6.96 34.44
C ALA C 283 31.91 6.97 32.93
N LEU C 284 30.62 6.92 32.60
CA LEU C 284 30.13 6.71 31.25
C LEU C 284 30.44 7.92 30.37
N THR C 285 31.33 7.70 29.40
CA THR C 285 31.75 8.70 28.44
C THR C 285 31.89 8.05 27.08
N VAL C 286 31.85 8.88 26.04
CA VAL C 286 31.99 8.43 24.67
C VAL C 286 33.32 7.69 24.51
N PRO C 287 34.46 8.26 24.95
CA PRO C 287 35.75 7.57 24.88
C PRO C 287 35.71 6.20 25.56
N GLU C 288 35.10 6.14 26.76
CA GLU C 288 35.00 4.90 27.53
C GLU C 288 34.37 3.82 26.66
N LEU C 289 33.20 4.17 26.12
CA LEU C 289 32.42 3.22 25.37
C LEU C 289 33.20 2.73 24.15
N THR C 290 33.84 3.66 23.43
CA THR C 290 34.59 3.33 22.21
C THR C 290 35.72 2.35 22.55
N GLN C 291 36.42 2.65 23.65
CA GLN C 291 37.56 1.85 24.06
C GLN C 291 37.11 0.42 24.37
N GLN C 292 35.97 0.31 25.07
CA GLN C 292 35.37 -0.97 25.42
C GLN C 292 35.04 -1.75 24.16
N MET C 293 34.37 -1.08 23.21
CA MET C 293 33.90 -1.70 21.98
C MET C 293 35.06 -2.23 21.14
N PHE C 294 36.17 -1.47 21.06
CA PHE C 294 37.27 -1.81 20.18
C PHE C 294 38.25 -2.79 20.84
N ASP C 295 37.98 -3.14 22.10
CA ASP C 295 38.73 -4.17 22.82
C ASP C 295 38.25 -5.55 22.42
N ALA C 296 39.18 -6.52 22.39
CA ALA C 296 38.97 -7.89 21.95
C ALA C 296 38.01 -8.64 22.88
N LYS C 297 38.03 -8.29 24.19
CA LYS C 297 37.20 -8.91 25.23
C LYS C 297 35.71 -8.63 25.01
N ASN C 298 35.38 -7.64 24.18
CA ASN C 298 33.99 -7.21 24.00
C ASN C 298 33.53 -7.51 22.57
N MET C 299 34.18 -8.49 21.95
CA MET C 299 33.82 -9.02 20.65
C MET C 299 33.02 -10.30 20.86
N MET C 300 31.93 -10.46 20.11
CA MET C 300 31.09 -11.63 20.29
C MET C 300 31.34 -12.63 19.17
N ALA C 301 32.57 -12.59 18.60
CA ALA C 301 33.04 -13.50 17.56
C ALA C 301 34.35 -14.18 17.98
N ALA C 302 34.67 -15.28 17.28
CA ALA C 302 35.80 -16.16 17.55
C ALA C 302 37.13 -15.46 17.33
N CYS C 303 37.24 -14.80 16.17
CA CYS C 303 38.48 -14.20 15.69
C CYS C 303 38.95 -13.11 16.66
N ASP C 304 40.25 -13.11 16.92
CA ASP C 304 40.90 -11.97 17.52
C ASP C 304 41.03 -10.91 16.43
N PRO C 305 40.48 -9.69 16.62
CA PRO C 305 40.54 -8.64 15.60
C PRO C 305 41.93 -8.31 15.04
N ARG C 306 42.93 -8.38 15.93
CA ARG C 306 44.29 -7.96 15.65
C ARG C 306 45.01 -8.99 14.79
N HIS C 307 44.32 -10.11 14.49
CA HIS C 307 44.81 -11.11 13.55
C HIS C 307 44.25 -10.87 12.15
N GLY C 308 44.30 -9.59 11.74
CA GLY C 308 43.60 -9.03 10.60
C GLY C 308 43.34 -7.55 10.84
N ARG C 309 42.61 -6.91 9.91
CA ARG C 309 42.28 -5.49 9.95
C ARG C 309 40.80 -5.30 9.62
N TYR C 310 40.07 -4.47 10.39
CA TYR C 310 38.68 -4.18 10.09
C TYR C 310 38.57 -3.51 8.71
N LEU C 311 37.85 -4.17 7.79
CA LEU C 311 37.55 -3.63 6.46
C LEU C 311 36.72 -2.35 6.61
N THR C 312 35.68 -2.43 7.44
CA THR C 312 34.74 -1.34 7.72
C THR C 312 34.33 -1.47 9.18
N VAL C 313 33.73 -0.41 9.72
CA VAL C 313 33.20 -0.40 11.09
C VAL C 313 31.96 0.48 11.09
N ALA C 314 30.96 0.08 11.89
CA ALA C 314 29.75 0.89 12.07
C ALA C 314 29.32 0.85 13.53
N ALA C 315 29.58 1.94 14.23
CA ALA C 315 29.29 2.05 15.63
C ALA C 315 28.00 2.84 15.83
N VAL C 316 26.93 2.11 16.14
CA VAL C 316 25.61 2.69 16.34
C VAL C 316 25.42 3.00 17.83
N PHE C 317 25.72 4.23 18.25
CA PHE C 317 25.64 4.59 19.65
C PHE C 317 24.18 4.85 20.02
N ARG C 318 23.94 4.90 21.33
CA ARG C 318 22.65 5.19 21.90
C ARG C 318 22.83 6.20 23.04
N GLY C 319 21.73 6.89 23.40
CA GLY C 319 21.73 7.90 24.45
C GLY C 319 22.34 9.23 24.00
N ARG C 320 22.33 10.25 24.88
CA ARG C 320 22.45 11.68 24.57
C ARG C 320 23.91 12.10 24.59
N MET C 321 24.50 12.37 23.43
CA MET C 321 25.93 12.60 23.35
C MET C 321 26.24 13.59 22.24
N SER C 322 27.47 14.12 22.29
CA SER C 322 27.96 15.05 21.32
C SER C 322 28.54 14.30 20.12
N MET C 323 27.87 14.46 18.97
CA MET C 323 28.38 13.99 17.69
C MET C 323 29.84 14.35 17.53
N LYS C 324 30.21 15.58 17.92
CA LYS C 324 31.60 16.05 17.87
C LYS C 324 32.48 15.11 18.69
N GLU C 325 32.03 14.79 19.91
CA GLU C 325 32.81 13.96 20.80
C GLU C 325 33.07 12.62 20.12
N VAL C 326 32.00 12.01 19.59
CA VAL C 326 32.05 10.73 18.92
C VAL C 326 32.97 10.82 17.70
N ASP C 327 32.82 11.91 16.92
CA ASP C 327 33.59 12.12 15.70
C ASP C 327 35.06 12.14 16.04
N GLU C 328 35.40 13.02 16.98
CA GLU C 328 36.76 13.31 17.40
C GLU C 328 37.37 12.07 18.03
N GLN C 329 36.55 11.32 18.78
CA GLN C 329 36.96 10.14 19.52
C GLN C 329 37.35 9.03 18.56
N MET C 330 36.55 8.85 17.50
CA MET C 330 36.74 7.75 16.59
C MET C 330 37.68 8.13 15.44
N LEU C 331 38.20 9.35 15.49
CA LEU C 331 39.25 9.80 14.59
C LEU C 331 40.60 9.38 15.15
N ASN C 332 40.78 9.67 16.44
CA ASN C 332 41.87 9.17 17.26
C ASN C 332 42.02 7.68 17.02
N VAL C 333 40.89 6.97 17.10
CA VAL C 333 40.85 5.52 17.04
C VAL C 333 41.41 5.03 15.70
N GLN C 334 40.92 5.63 14.61
CA GLN C 334 41.42 5.35 13.27
C GLN C 334 42.95 5.43 13.24
N ASN C 335 43.51 6.49 13.86
CA ASN C 335 44.93 6.80 13.85
C ASN C 335 45.72 5.77 14.65
N LYS C 336 45.24 5.44 15.87
CA LYS C 336 45.98 4.59 16.80
C LYS C 336 46.19 3.19 16.21
N ASN C 337 45.09 2.59 15.74
CA ASN C 337 45.05 1.25 15.18
C ASN C 337 45.23 1.33 13.67
N SER C 338 46.33 1.96 13.25
CA SER C 338 46.64 2.12 11.84
C SER C 338 46.76 0.74 11.17
N SER C 339 47.31 -0.23 11.92
CA SER C 339 47.53 -1.59 11.46
C SER C 339 46.22 -2.33 11.26
N TYR C 340 45.20 -2.02 12.08
CA TYR C 340 43.95 -2.74 12.09
C TYR C 340 42.81 -1.90 11.54
N PHE C 341 43.09 -1.13 10.48
CA PHE C 341 42.07 -0.52 9.64
C PHE C 341 42.55 -0.62 8.19
N VAL C 342 41.69 -1.13 7.31
CA VAL C 342 42.06 -1.38 5.93
C VAL C 342 42.21 -0.05 5.19
N GLU C 343 43.22 -0.02 4.30
CA GLU C 343 43.65 1.18 3.60
C GLU C 343 42.62 1.56 2.54
N TRP C 344 42.13 0.56 1.78
CA TRP C 344 41.23 0.72 0.65
C TRP C 344 40.24 1.84 0.92
N ILE C 345 39.66 1.81 2.13
CA ILE C 345 38.52 2.61 2.52
C ILE C 345 38.99 3.67 3.53
N PRO C 346 38.89 4.96 3.19
CA PRO C 346 39.09 6.01 4.17
C PRO C 346 37.77 6.20 4.88
N ASN C 347 37.80 6.88 6.03
CA ASN C 347 36.65 6.95 6.91
C ASN C 347 36.12 5.52 7.05
N ASN C 348 36.97 4.67 7.62
CA ASN C 348 36.63 3.28 7.81
C ASN C 348 35.37 3.17 8.68
N VAL C 349 35.31 4.01 9.72
CA VAL C 349 34.23 3.97 10.69
C VAL C 349 33.05 4.73 10.13
N LYS C 350 31.86 4.39 10.65
CA LYS C 350 30.59 5.04 10.31
C LYS C 350 29.74 5.13 11.58
N THR C 351 29.53 6.37 12.04
CA THR C 351 28.97 6.66 13.34
C THR C 351 27.51 7.05 13.17
N ALA C 352 26.64 6.35 13.90
CA ALA C 352 25.24 6.67 13.91
C ALA C 352 24.80 6.82 15.35
N VAL C 353 24.09 7.91 15.64
CA VAL C 353 23.79 8.31 16.99
C VAL C 353 22.28 8.29 17.19
N CYS C 354 21.77 7.22 17.77
CA CYS C 354 20.38 7.23 18.19
C CYS C 354 20.27 8.08 19.45
N ASP C 355 19.12 8.75 19.57
CA ASP C 355 18.87 9.71 20.63
C ASP C 355 18.20 9.02 21.83
N ILE C 356 18.08 7.68 21.80
CA ILE C 356 17.40 6.96 22.86
C ILE C 356 18.41 6.09 23.59
N PRO C 357 18.51 6.20 24.94
CA PRO C 357 19.31 5.24 25.71
C PRO C 357 18.51 3.94 25.89
N PRO C 358 19.12 2.80 26.29
CA PRO C 358 18.36 1.57 26.56
C PRO C 358 17.75 1.38 27.94
N ARG C 359 16.92 2.34 28.36
CA ARG C 359 16.15 2.32 29.60
C ARG C 359 16.94 1.76 30.78
N GLY C 360 17.98 2.51 31.21
CA GLY C 360 18.67 2.24 32.47
C GLY C 360 20.18 2.49 32.43
N LEU C 361 20.72 2.74 31.24
CA LEU C 361 22.09 3.16 31.02
C LEU C 361 22.03 4.55 30.38
N LYS C 362 22.69 5.53 31.02
CA LYS C 362 22.64 6.90 30.54
C LYS C 362 23.24 7.00 29.14
N MET C 363 24.30 6.21 28.89
CA MET C 363 24.87 6.04 27.57
C MET C 363 25.04 4.56 27.31
N SER C 364 25.19 4.21 26.03
CA SER C 364 25.43 2.84 25.57
C SER C 364 25.94 2.90 24.14
N ALA C 365 26.45 1.77 23.62
CA ALA C 365 26.92 1.67 22.25
C ALA C 365 26.76 0.24 21.73
N THR C 366 26.85 0.08 20.40
CA THR C 366 26.78 -1.23 19.76
C THR C 366 27.67 -1.27 18.53
N PHE C 367 28.65 -2.16 18.56
CA PHE C 367 29.65 -2.24 17.51
C PHE C 367 29.15 -3.19 16.44
N ILE C 368 29.59 -2.95 15.19
CA ILE C 368 29.51 -3.87 14.06
C ILE C 368 30.81 -3.73 13.28
N GLY C 369 31.56 -4.82 13.27
CA GLY C 369 32.83 -4.83 12.58
C GLY C 369 32.84 -5.84 11.46
N ASN C 370 33.49 -5.44 10.39
CA ASN C 370 33.80 -6.36 9.32
C ASN C 370 35.32 -6.48 9.28
N SER C 371 35.83 -7.59 9.81
CA SER C 371 37.26 -7.84 9.90
C SER C 371 37.65 -8.99 8.98
N THR C 372 38.77 -8.80 8.27
CA THR C 372 39.45 -9.83 7.48
C THR C 372 39.77 -11.02 8.38
N ALA C 373 39.88 -10.74 9.70
CA ALA C 373 40.29 -11.73 10.69
C ALA C 373 39.28 -12.87 10.81
N ILE C 374 38.01 -12.58 10.51
CA ILE C 374 36.96 -13.56 10.68
C ILE C 374 37.16 -14.73 9.72
N GLN C 375 38.06 -14.57 8.74
CA GLN C 375 38.49 -15.67 7.88
C GLN C 375 38.96 -16.86 8.71
N GLU C 376 39.52 -16.57 9.90
CA GLU C 376 40.07 -17.59 10.78
C GLU C 376 38.97 -18.51 11.28
N LEU C 377 37.82 -17.93 11.63
CA LEU C 377 36.65 -18.70 12.05
C LEU C 377 36.29 -19.73 10.98
N PHE C 378 36.25 -19.27 9.71
CA PHE C 378 35.90 -20.11 8.59
C PHE C 378 36.94 -21.20 8.36
N LYS C 379 38.23 -20.83 8.53
CA LYS C 379 39.34 -21.77 8.43
C LYS C 379 39.16 -22.93 9.40
N ARG C 380 38.79 -22.62 10.65
CA ARG C 380 38.72 -23.60 11.72
C ARG C 380 37.69 -24.66 11.37
N ILE C 381 36.53 -24.19 10.92
CA ILE C 381 35.42 -25.04 10.54
C ILE C 381 35.78 -25.82 9.28
N SER C 382 36.41 -25.16 8.30
CA SER C 382 36.86 -25.79 7.07
C SER C 382 37.77 -26.97 7.39
N GLU C 383 38.74 -26.75 8.29
CA GLU C 383 39.71 -27.76 8.73
C GLU C 383 39.02 -28.95 9.39
N GLN C 384 38.16 -28.66 10.38
CA GLN C 384 37.40 -29.62 11.16
C GLN C 384 36.61 -30.50 10.20
N PHE C 385 35.87 -29.84 9.32
CA PHE C 385 35.06 -30.49 8.30
C PHE C 385 35.93 -31.37 7.42
N THR C 386 37.02 -30.80 6.89
CA THR C 386 37.82 -31.42 5.84
C THR C 386 38.34 -32.78 6.31
N ALA C 387 38.87 -32.80 7.54
CA ALA C 387 39.45 -34.00 8.12
C ALA C 387 38.42 -35.13 8.17
N MET C 388 37.20 -34.80 8.62
CA MET C 388 36.14 -35.77 8.76
C MET C 388 35.63 -36.23 7.39
N PHE C 389 35.62 -35.32 6.42
CA PHE C 389 35.27 -35.70 5.07
C PHE C 389 36.32 -36.64 4.47
N ARG C 390 37.59 -36.47 4.84
CA ARG C 390 38.63 -37.40 4.42
C ARG C 390 38.29 -38.85 4.78
N ARG C 391 37.55 -39.07 5.88
CA ARG C 391 37.17 -40.43 6.29
C ARG C 391 35.72 -40.72 5.87
N LYS C 392 35.10 -39.79 5.12
CA LYS C 392 33.74 -39.81 4.60
C LYS C 392 32.75 -40.00 5.75
N ALA C 393 33.09 -39.40 6.89
CA ALA C 393 32.51 -39.74 8.18
C ALA C 393 31.08 -39.23 8.29
N PHE C 394 30.24 -40.05 8.92
CA PHE C 394 28.87 -39.69 9.27
C PHE C 394 28.03 -39.50 8.03
N LEU C 395 28.64 -39.90 6.91
CA LEU C 395 28.12 -39.78 5.58
C LEU C 395 26.72 -40.38 5.53
N HIS C 396 26.52 -41.52 6.22
CA HIS C 396 25.35 -42.36 6.00
C HIS C 396 24.06 -41.63 6.39
N TRP C 397 24.16 -40.77 7.40
CA TRP C 397 23.02 -39.99 7.84
C TRP C 397 22.52 -39.03 6.77
N TYR C 398 23.45 -38.54 5.95
CA TYR C 398 23.15 -37.52 4.97
C TYR C 398 22.79 -38.14 3.64
N THR C 399 23.53 -39.18 3.22
CA THR C 399 23.24 -39.87 1.97
C THR C 399 21.85 -40.48 2.06
N GLY C 400 21.48 -40.91 3.28
CA GLY C 400 20.16 -41.40 3.62
C GLY C 400 19.04 -40.40 3.29
N GLU C 401 19.35 -39.10 3.30
CA GLU C 401 18.38 -38.04 3.08
C GLU C 401 18.51 -37.44 1.67
N GLY C 402 19.33 -38.06 0.81
CA GLY C 402 19.39 -37.73 -0.60
C GLY C 402 20.63 -36.92 -0.99
N MET C 403 21.41 -36.51 0.00
CA MET C 403 22.53 -35.60 -0.22
C MET C 403 23.74 -36.37 -0.72
N ASP C 404 24.64 -35.62 -1.37
CA ASP C 404 25.67 -36.21 -2.20
C ASP C 404 27.03 -35.63 -1.86
N GLU C 405 28.07 -36.42 -2.12
CA GLU C 405 29.47 -36.08 -1.88
C GLU C 405 29.86 -34.81 -2.63
N MET C 406 29.31 -34.66 -3.84
CA MET C 406 29.70 -33.57 -4.72
C MET C 406 29.26 -32.24 -4.09
N GLU C 407 28.05 -32.26 -3.50
CA GLU C 407 27.49 -31.15 -2.73
C GLU C 407 28.49 -30.71 -1.67
N PHE C 408 29.01 -31.66 -0.90
CA PHE C 408 29.94 -31.39 0.18
C PHE C 408 31.22 -30.77 -0.36
N THR C 409 31.72 -31.30 -1.48
CA THR C 409 32.88 -30.77 -2.17
C THR C 409 32.64 -29.31 -2.56
N GLU C 410 31.42 -29.04 -3.06
CA GLU C 410 31.02 -27.70 -3.47
C GLU C 410 30.92 -26.77 -2.26
N ALA C 411 30.44 -27.30 -1.12
CA ALA C 411 30.37 -26.56 0.14
C ALA C 411 31.78 -26.19 0.62
N GLU C 412 32.73 -27.14 0.47
CA GLU C 412 34.13 -26.89 0.75
C GLU C 412 34.68 -25.78 -0.14
N SER C 413 34.30 -25.82 -1.42
CA SER C 413 34.71 -24.80 -2.39
C SER C 413 34.23 -23.42 -1.92
N ASN C 414 32.98 -23.35 -1.41
CA ASN C 414 32.38 -22.13 -0.89
C ASN C 414 33.23 -21.55 0.23
N MET C 415 33.61 -22.43 1.16
CA MET C 415 34.41 -22.06 2.31
C MET C 415 35.77 -21.51 1.88
N ASN C 416 36.40 -22.23 0.94
CA ASN C 416 37.69 -21.86 0.38
C ASN C 416 37.59 -20.48 -0.27
N ASP C 417 36.52 -20.26 -1.04
CA ASP C 417 36.27 -19.00 -1.74
C ASP C 417 36.16 -17.85 -0.74
N LEU C 418 35.51 -18.09 0.41
CA LEU C 418 35.31 -17.06 1.40
C LEU C 418 36.63 -16.60 2.03
N VAL C 419 37.57 -17.55 2.24
CA VAL C 419 38.78 -17.25 2.97
C VAL C 419 39.81 -16.54 2.07
N SER C 420 39.85 -16.89 0.78
CA SER C 420 40.75 -16.32 -0.22
C SER C 420 40.46 -14.84 -0.46
N GLU C 421 39.16 -14.50 -0.52
CA GLU C 421 38.71 -13.13 -0.75
C GLU C 421 39.15 -12.23 0.39
N TYR C 422 38.98 -12.69 1.63
CA TYR C 422 39.47 -11.95 2.78
C TYR C 422 40.98 -11.73 2.72
N GLN C 423 41.74 -12.77 2.33
CA GLN C 423 43.19 -12.71 2.20
C GLN C 423 43.57 -11.62 1.22
N GLN C 424 42.87 -11.56 0.08
CA GLN C 424 43.12 -10.59 -0.98
C GLN C 424 42.99 -9.16 -0.44
N TYR C 425 41.98 -8.94 0.40
CA TYR C 425 41.69 -7.62 0.93
C TYR C 425 42.20 -7.49 2.37
N GLN C 426 43.31 -8.20 2.64
CA GLN C 426 44.01 -8.05 3.91
C GLN C 426 44.86 -6.77 3.85
N MET D 1 -42.96 32.77 -8.05
CA MET D 1 -41.49 32.61 -8.11
C MET D 1 -41.09 31.39 -8.95
N ARG D 2 -39.83 31.40 -9.39
CA ARG D 2 -39.12 30.23 -9.92
C ARG D 2 -39.09 29.17 -8.83
N GLU D 3 -39.67 28.00 -9.11
CA GLU D 3 -39.81 26.95 -8.11
C GLU D 3 -39.63 25.58 -8.73
N CYS D 4 -39.14 24.64 -7.91
CA CYS D 4 -38.60 23.39 -8.40
C CYS D 4 -39.18 22.16 -7.72
N ILE D 5 -38.84 21.00 -8.33
CA ILE D 5 -39.25 19.67 -7.94
C ILE D 5 -38.03 18.77 -7.83
N SER D 6 -38.00 18.00 -6.74
CA SER D 6 -36.98 16.99 -6.45
C SER D 6 -37.60 15.60 -6.68
N ILE D 7 -36.81 14.71 -7.29
CA ILE D 7 -37.22 13.33 -7.50
C ILE D 7 -36.03 12.42 -7.18
N HIS D 8 -36.03 11.76 -6.01
CA HIS D 8 -35.04 10.78 -5.60
C HIS D 8 -35.54 9.39 -5.93
N VAL D 9 -34.80 8.65 -6.78
CA VAL D 9 -35.23 7.37 -7.33
C VAL D 9 -34.12 6.36 -7.10
N GLY D 10 -34.51 5.22 -6.55
CA GLY D 10 -33.55 4.20 -6.21
C GLY D 10 -32.92 4.46 -4.84
N GLN D 11 -32.20 3.46 -4.32
CA GLN D 11 -31.61 3.56 -3.01
C GLN D 11 -30.62 4.73 -3.01
N ALA D 12 -29.78 4.79 -4.05
CA ALA D 12 -28.80 5.85 -4.23
C ALA D 12 -29.48 7.21 -4.20
N GLY D 13 -30.52 7.33 -4.99
CA GLY D 13 -31.23 8.59 -5.05
C GLY D 13 -31.70 9.01 -3.68
N VAL D 14 -32.31 8.07 -2.95
CA VAL D 14 -32.91 8.43 -1.69
C VAL D 14 -31.85 8.77 -0.65
N GLN D 15 -30.74 8.04 -0.68
CA GLN D 15 -29.68 8.31 0.27
C GLN D 15 -29.17 9.74 0.03
N ILE D 16 -28.98 10.10 -1.25
CA ILE D 16 -28.48 11.42 -1.61
C ILE D 16 -29.47 12.44 -1.13
N GLY D 17 -30.74 12.10 -1.27
CA GLY D 17 -31.82 12.94 -0.82
C GLY D 17 -31.70 13.20 0.68
N ASN D 18 -31.37 12.15 1.45
CA ASN D 18 -31.26 12.22 2.90
C ASN D 18 -30.22 13.28 3.26
N ALA D 19 -29.16 13.24 2.50
CA ALA D 19 -28.12 14.23 2.65
C ALA D 19 -28.59 15.59 2.15
N CYS D 20 -29.24 15.66 0.97
CA CYS D 20 -29.62 16.90 0.28
C CYS D 20 -30.49 17.77 1.17
N TRP D 21 -31.53 17.15 1.75
CA TRP D 21 -32.59 17.89 2.44
C TRP D 21 -32.09 18.33 3.80
N GLU D 22 -31.02 17.69 4.27
CA GLU D 22 -30.35 18.14 5.47
C GLU D 22 -29.76 19.51 5.19
N LEU D 23 -29.01 19.59 4.09
CA LEU D 23 -28.22 20.74 3.68
C LEU D 23 -29.13 21.96 3.50
N TYR D 24 -30.18 21.77 2.71
CA TYR D 24 -31.08 22.84 2.34
C TYR D 24 -31.65 23.44 3.61
N CYS D 25 -32.04 22.57 4.55
CA CYS D 25 -32.64 22.98 5.82
C CYS D 25 -31.64 23.82 6.60
N LEU D 26 -30.40 23.37 6.58
CA LEU D 26 -29.40 24.07 7.37
C LEU D 26 -29.16 25.46 6.77
N GLU D 27 -29.30 25.56 5.43
CA GLU D 27 -29.06 26.78 4.68
C GLU D 27 -30.22 27.78 4.83
N HIS D 28 -31.42 27.33 4.46
CA HIS D 28 -32.60 28.16 4.56
C HIS D 28 -32.99 28.44 6.01
N GLY D 29 -32.46 27.63 6.95
CA GLY D 29 -32.61 27.86 8.38
C GLY D 29 -33.77 27.09 9.02
N ILE D 30 -34.31 26.12 8.27
CA ILE D 30 -35.40 25.23 8.69
C ILE D 30 -34.86 24.15 9.61
N GLN D 31 -35.64 23.81 10.65
CA GLN D 31 -35.32 22.71 11.55
C GLN D 31 -35.82 21.41 10.89
N PRO D 32 -35.43 20.21 11.40
CA PRO D 32 -36.00 18.96 10.91
C PRO D 32 -37.52 18.90 11.13
N ASP D 33 -38.00 19.64 12.14
CA ASP D 33 -39.41 19.70 12.48
C ASP D 33 -40.23 20.34 11.35
N GLY D 34 -39.58 21.17 10.54
CA GLY D 34 -40.24 21.92 9.48
C GLY D 34 -40.52 23.36 9.90
N GLN D 35 -40.45 23.62 11.22
CA GLN D 35 -40.58 24.93 11.82
C GLN D 35 -39.34 25.77 11.52
N MET D 36 -39.49 27.10 11.65
CA MET D 36 -38.41 28.06 11.47
C MET D 36 -38.32 28.99 12.70
N SER D 48 -36.63 33.77 1.39
CA SER D 48 -37.59 33.02 0.54
C SER D 48 -36.95 31.77 -0.06
N PHE D 49 -37.45 30.64 0.43
CA PHE D 49 -36.96 29.28 0.19
C PHE D 49 -37.87 28.59 -0.82
N ASN D 50 -38.75 29.38 -1.42
CA ASN D 50 -39.83 28.95 -2.30
C ASN D 50 -39.43 27.77 -3.15
N THR D 51 -38.21 27.82 -3.66
CA THR D 51 -37.74 26.92 -4.68
C THR D 51 -37.81 25.47 -4.22
N PHE D 52 -37.40 25.23 -2.96
CA PHE D 52 -37.25 23.88 -2.45
C PHE D 52 -38.04 23.59 -1.19
N PHE D 53 -38.61 24.63 -0.58
CA PHE D 53 -39.60 24.45 0.46
C PHE D 53 -40.90 25.15 0.09
N SER D 54 -42.03 24.43 0.12
CA SER D 54 -43.36 25.01 -0.02
C SER D 54 -43.94 25.20 1.38
N GLU D 55 -44.26 26.43 1.76
CA GLU D 55 -44.78 26.75 3.07
C GLU D 55 -46.13 26.08 3.25
N THR D 56 -46.34 25.52 4.45
CA THR D 56 -47.59 24.90 4.81
C THR D 56 -48.54 25.97 5.33
N GLY D 57 -49.73 25.53 5.78
CA GLY D 57 -50.72 26.32 6.47
C GLY D 57 -50.12 27.32 7.46
N ALA D 58 -49.37 26.80 8.45
CA ALA D 58 -48.72 27.64 9.45
C ALA D 58 -47.43 27.00 9.94
N GLY D 59 -46.34 27.79 9.89
CA GLY D 59 -45.08 27.46 10.54
C GLY D 59 -44.22 26.42 9.81
N LYS D 60 -44.77 25.21 9.67
CA LYS D 60 -44.09 24.09 9.04
C LYS D 60 -43.83 24.44 7.57
N HIS D 61 -42.70 23.97 7.06
CA HIS D 61 -42.39 24.03 5.64
C HIS D 61 -42.22 22.60 5.16
N VAL D 62 -42.72 22.37 3.95
CA VAL D 62 -42.69 21.04 3.37
C VAL D 62 -41.80 20.98 2.15
N PRO D 63 -40.87 20.00 2.09
CA PRO D 63 -40.00 19.85 0.92
C PRO D 63 -40.82 19.58 -0.34
N ARG D 64 -40.42 20.23 -1.43
CA ARG D 64 -41.05 20.04 -2.72
C ARG D 64 -40.32 18.87 -3.36
N ALA D 65 -40.57 17.66 -2.84
CA ALA D 65 -39.80 16.47 -3.23
C ALA D 65 -40.71 15.27 -3.49
N VAL D 66 -40.15 14.26 -4.18
CA VAL D 66 -40.75 12.96 -4.47
C VAL D 66 -39.72 11.91 -4.05
N PHE D 67 -40.16 10.88 -3.33
CA PHE D 67 -39.25 9.86 -2.83
C PHE D 67 -39.84 8.51 -3.20
N VAL D 68 -39.13 7.83 -4.10
CA VAL D 68 -39.62 6.60 -4.68
C VAL D 68 -38.56 5.53 -4.50
N ASP D 69 -38.99 4.34 -4.07
CA ASP D 69 -38.19 3.14 -4.19
C ASP D 69 -39.11 1.94 -4.10
N LEU D 70 -38.73 0.95 -4.89
CA LEU D 70 -39.42 -0.33 -4.94
C LEU D 70 -39.01 -1.13 -3.71
N GLU D 71 -37.75 -0.98 -3.28
CA GLU D 71 -37.20 -1.51 -2.04
C GLU D 71 -37.73 -0.63 -0.90
N PRO D 72 -38.74 -1.08 -0.13
CA PRO D 72 -39.30 -0.22 0.89
C PRO D 72 -38.29 0.02 2.02
N THR D 73 -37.31 -0.89 2.16
CA THR D 73 -36.27 -0.90 3.20
C THR D 73 -35.69 0.50 3.41
N VAL D 74 -35.41 1.19 2.31
CA VAL D 74 -34.63 2.41 2.20
C VAL D 74 -35.38 3.59 2.82
N ILE D 75 -36.59 3.78 2.32
CA ILE D 75 -37.48 4.88 2.63
C ILE D 75 -38.12 4.64 4.00
N ASP D 76 -38.04 3.40 4.47
CA ASP D 76 -38.44 3.05 5.82
C ASP D 76 -37.48 3.70 6.81
N GLU D 77 -36.20 3.72 6.41
CA GLU D 77 -35.16 4.35 7.20
C GLU D 77 -35.42 5.85 7.26
N VAL D 78 -35.92 6.41 6.15
CA VAL D 78 -36.29 7.81 6.04
C VAL D 78 -37.37 8.11 7.08
N ARG D 79 -38.36 7.22 7.19
CA ARG D 79 -39.57 7.40 7.98
C ARG D 79 -39.30 7.35 9.47
N THR D 80 -38.08 6.98 9.86
CA THR D 80 -37.75 6.85 11.26
C THR D 80 -36.60 7.78 11.65
N GLY D 81 -35.89 8.33 10.64
CA GLY D 81 -34.77 9.25 10.82
C GLY D 81 -35.21 10.53 11.55
N THR D 82 -34.28 11.44 11.90
CA THR D 82 -34.74 12.73 12.40
C THR D 82 -35.36 13.52 11.26
N TYR D 83 -34.79 13.40 10.06
CA TYR D 83 -35.47 13.82 8.84
C TYR D 83 -36.58 12.84 8.48
N ARG D 84 -37.82 13.19 8.90
CA ARG D 84 -39.01 12.35 8.91
C ARG D 84 -40.23 13.27 8.89
N GLN D 85 -40.38 14.07 9.97
CA GLN D 85 -41.52 14.96 10.14
C GLN D 85 -41.35 16.15 9.20
N LEU D 86 -40.15 16.29 8.62
CA LEU D 86 -39.91 17.34 7.65
C LEU D 86 -40.76 17.12 6.40
N PHE D 87 -40.83 15.87 5.91
CA PHE D 87 -41.63 15.48 4.77
C PHE D 87 -43.12 15.32 5.16
N HIS D 88 -44.01 15.47 4.16
CA HIS D 88 -45.43 15.13 4.24
C HIS D 88 -45.59 13.81 3.52
N PRO D 89 -45.99 12.74 4.23
CA PRO D 89 -45.92 11.39 3.67
C PRO D 89 -46.87 11.23 2.49
N GLU D 90 -47.27 12.36 1.90
CA GLU D 90 -47.79 12.32 0.55
C GLU D 90 -46.69 11.84 -0.40
N GLN D 91 -45.46 12.26 -0.07
CA GLN D 91 -44.26 12.13 -0.89
C GLN D 91 -43.76 10.69 -0.93
N LEU D 92 -43.54 10.11 0.27
CA LEU D 92 -42.77 8.86 0.35
C LEU D 92 -43.64 7.74 -0.18
N ILE D 93 -43.28 7.28 -1.36
CA ILE D 93 -44.03 6.23 -2.03
C ILE D 93 -43.26 4.93 -1.85
N THR D 94 -44.01 3.83 -1.68
CA THR D 94 -43.40 2.52 -1.53
C THR D 94 -43.89 1.58 -2.63
N GLY D 95 -43.02 0.64 -3.01
CA GLY D 95 -43.35 -0.49 -3.85
C GLY D 95 -43.23 -1.83 -3.11
N LYS D 96 -43.66 -2.92 -3.74
CA LYS D 96 -43.79 -4.20 -3.06
C LYS D 96 -42.42 -4.87 -2.88
N GLU D 97 -41.68 -4.98 -3.98
CA GLU D 97 -40.43 -5.73 -4.07
C GLU D 97 -39.44 -4.93 -4.91
N ASP D 98 -38.14 -5.09 -4.65
CA ASP D 98 -37.10 -4.30 -5.28
C ASP D 98 -36.83 -4.77 -6.71
N ALA D 99 -36.33 -3.85 -7.53
CA ALA D 99 -36.03 -4.07 -8.94
C ALA D 99 -34.90 -5.07 -9.13
N ALA D 100 -34.12 -5.30 -8.06
CA ALA D 100 -33.08 -6.31 -7.98
C ALA D 100 -32.14 -6.23 -9.18
N ASN D 101 -31.65 -5.02 -9.44
CA ASN D 101 -30.68 -4.74 -10.47
C ASN D 101 -31.11 -5.39 -11.79
N ASN D 102 -32.41 -5.26 -12.06
CA ASN D 102 -32.95 -5.60 -13.36
C ASN D 102 -33.61 -4.33 -13.88
N TYR D 103 -33.25 -3.93 -15.12
CA TYR D 103 -33.80 -2.76 -15.79
C TYR D 103 -35.20 -3.09 -16.27
N ALA D 104 -35.42 -4.38 -16.49
CA ALA D 104 -36.68 -4.87 -17.01
C ALA D 104 -37.73 -4.99 -15.90
N ARG D 105 -37.33 -4.81 -14.64
CA ARG D 105 -38.28 -4.80 -13.54
C ARG D 105 -38.61 -3.36 -13.14
N GLY D 106 -37.60 -2.50 -13.30
CA GLY D 106 -37.73 -1.07 -13.08
C GLY D 106 -38.67 -0.42 -14.10
N HIS D 107 -38.64 -0.92 -15.35
CA HIS D 107 -39.33 -0.29 -16.46
C HIS D 107 -40.66 -1.00 -16.74
N TYR D 108 -40.61 -2.32 -16.97
CA TYR D 108 -41.70 -3.05 -17.62
C TYR D 108 -42.67 -3.65 -16.62
N THR D 109 -42.16 -4.09 -15.45
CA THR D 109 -42.96 -4.87 -14.50
C THR D 109 -43.48 -4.01 -13.34
N ILE D 110 -42.61 -3.75 -12.35
CA ILE D 110 -43.00 -3.13 -11.08
C ILE D 110 -43.13 -1.61 -11.29
N GLY D 111 -42.46 -1.13 -12.34
CA GLY D 111 -42.60 0.23 -12.82
C GLY D 111 -44.02 0.51 -13.32
N LYS D 112 -44.48 -0.30 -14.27
CA LYS D 112 -45.83 -0.18 -14.81
C LYS D 112 -46.80 -0.79 -13.81
N GLU D 113 -46.85 -0.14 -12.65
CA GLU D 113 -47.71 -0.48 -11.52
C GLU D 113 -47.72 0.73 -10.61
N ILE D 114 -46.55 1.03 -10.05
CA ILE D 114 -46.51 2.07 -9.03
C ILE D 114 -46.24 3.42 -9.71
N ILE D 115 -45.90 3.43 -11.01
CA ILE D 115 -45.53 4.67 -11.70
C ILE D 115 -46.70 5.65 -11.69
N ASP D 116 -47.90 5.10 -11.80
CA ASP D 116 -49.07 5.92 -12.01
C ASP D 116 -49.37 6.68 -10.72
N LEU D 117 -49.20 6.02 -9.58
CA LEU D 117 -49.31 6.67 -8.29
C LEU D 117 -48.31 7.84 -8.18
N VAL D 118 -47.08 7.63 -8.65
CA VAL D 118 -46.02 8.64 -8.61
C VAL D 118 -46.39 9.82 -9.50
N LEU D 119 -46.90 9.52 -10.70
CA LEU D 119 -47.32 10.56 -11.63
C LEU D 119 -48.35 11.46 -10.99
N ASP D 120 -49.17 10.86 -10.11
CA ASP D 120 -50.19 11.57 -9.37
C ASP D 120 -49.55 12.58 -8.44
N ARG D 121 -48.63 12.12 -7.59
CA ARG D 121 -47.99 12.98 -6.61
C ARG D 121 -47.25 14.14 -7.29
N ILE D 122 -46.57 13.83 -8.41
CA ILE D 122 -45.85 14.78 -9.26
C ILE D 122 -46.80 15.89 -9.68
N ARG D 123 -47.96 15.50 -10.22
CA ARG D 123 -48.95 16.41 -10.79
C ARG D 123 -49.46 17.33 -9.71
N LYS D 124 -49.74 16.77 -8.52
CA LYS D 124 -50.21 17.56 -7.38
C LYS D 124 -49.17 18.60 -7.02
N LEU D 125 -47.92 18.16 -6.93
CA LEU D 125 -46.82 19.05 -6.59
C LEU D 125 -46.66 20.11 -7.69
N ALA D 126 -46.85 19.72 -8.96
CA ALA D 126 -46.73 20.62 -10.10
C ALA D 126 -47.74 21.76 -9.99
N ASP D 127 -48.93 21.41 -9.50
CA ASP D 127 -50.02 22.37 -9.36
C ASP D 127 -49.65 23.44 -8.34
N GLN D 128 -48.94 23.08 -7.27
CA GLN D 128 -48.49 24.02 -6.27
C GLN D 128 -47.69 25.14 -6.90
N CYS D 129 -46.62 24.78 -7.62
CA CYS D 129 -45.68 25.69 -8.28
C CYS D 129 -46.41 26.69 -9.16
N THR D 130 -46.20 27.98 -8.86
CA THR D 130 -46.72 29.06 -9.68
C THR D 130 -45.88 29.11 -10.96
N GLY D 131 -44.58 29.34 -10.78
CA GLY D 131 -43.56 29.19 -11.79
C GLY D 131 -42.74 27.93 -11.55
N LEU D 132 -43.23 26.84 -12.15
CA LEU D 132 -42.49 25.58 -12.20
C LEU D 132 -41.29 25.76 -13.11
N GLN D 133 -40.10 25.81 -12.51
CA GLN D 133 -38.87 25.93 -13.27
C GLN D 133 -38.55 24.62 -13.99
N GLY D 134 -38.34 23.56 -13.21
CA GLY D 134 -38.06 22.24 -13.74
C GLY D 134 -37.86 21.20 -12.65
N PHE D 135 -37.03 20.19 -12.95
CA PHE D 135 -36.95 18.95 -12.20
C PHE D 135 -35.48 18.59 -11.96
N LEU D 136 -35.21 17.86 -10.87
CA LEU D 136 -33.92 17.25 -10.58
C LEU D 136 -34.17 15.77 -10.26
N VAL D 137 -33.44 14.88 -10.92
CA VAL D 137 -33.74 13.47 -10.89
C VAL D 137 -32.49 12.74 -10.40
N PHE D 138 -32.40 12.48 -9.11
CA PHE D 138 -31.31 11.71 -8.51
C PHE D 138 -31.62 10.23 -8.69
N HIS D 139 -30.79 9.56 -9.49
CA HIS D 139 -30.96 8.15 -9.82
C HIS D 139 -29.56 7.57 -9.94
N SER D 140 -29.49 6.29 -10.29
CA SER D 140 -28.22 5.66 -10.63
C SER D 140 -28.33 4.88 -11.94
N PHE D 141 -27.56 5.30 -12.94
CA PHE D 141 -27.21 4.42 -14.05
C PHE D 141 -26.51 3.18 -13.51
N GLY D 142 -27.25 2.17 -13.03
CA GLY D 142 -26.57 0.97 -12.56
C GLY D 142 -27.10 0.43 -11.24
N GLY D 143 -28.13 1.09 -10.71
CA GLY D 143 -29.11 0.43 -9.87
C GLY D 143 -30.24 -0.13 -10.73
N GLY D 144 -31.06 -1.01 -10.15
CA GLY D 144 -32.19 -1.57 -10.89
C GLY D 144 -33.33 -0.56 -11.01
N THR D 145 -33.63 0.08 -9.88
CA THR D 145 -34.67 1.09 -9.80
C THR D 145 -34.35 2.21 -10.77
N GLY D 146 -33.21 2.84 -10.55
CA GLY D 146 -32.93 4.09 -11.21
C GLY D 146 -32.57 3.92 -12.69
N SER D 147 -32.55 2.67 -13.19
CA SER D 147 -32.07 2.41 -14.55
C SER D 147 -33.24 2.33 -15.53
N GLY D 148 -34.29 1.63 -15.12
CA GLY D 148 -35.49 1.54 -15.93
C GLY D 148 -36.54 2.55 -15.49
N PHE D 149 -36.77 2.58 -14.18
CA PHE D 149 -37.84 3.36 -13.59
C PHE D 149 -37.64 4.82 -13.92
N THR D 150 -36.39 5.27 -13.76
CA THR D 150 -36.00 6.64 -14.02
C THR D 150 -36.37 6.99 -15.45
N SER D 151 -35.93 6.15 -16.38
CA SER D 151 -36.21 6.34 -17.79
C SER D 151 -37.72 6.46 -18.04
N LEU D 152 -38.51 5.56 -17.42
CA LEU D 152 -39.96 5.50 -17.51
C LEU D 152 -40.60 6.81 -17.06
N LEU D 153 -40.19 7.24 -15.86
CA LEU D 153 -40.62 8.46 -15.20
C LEU D 153 -40.36 9.67 -16.09
N MET D 154 -39.12 9.73 -16.63
CA MET D 154 -38.64 10.78 -17.52
C MET D 154 -39.57 10.88 -18.72
N GLU D 155 -39.87 9.72 -19.32
CA GLU D 155 -40.69 9.58 -20.50
C GLU D 155 -42.07 10.19 -20.22
N ARG D 156 -42.65 9.79 -19.09
CA ARG D 156 -43.96 10.28 -18.70
C ARG D 156 -43.96 11.80 -18.57
N LEU D 157 -42.90 12.32 -17.92
CA LEU D 157 -42.83 13.75 -17.65
C LEU D 157 -42.64 14.56 -18.93
N SER D 158 -41.87 14.01 -19.88
CA SER D 158 -41.67 14.57 -21.21
C SER D 158 -43.01 14.69 -21.95
N VAL D 159 -43.84 13.63 -21.84
CA VAL D 159 -45.15 13.61 -22.47
C VAL D 159 -46.05 14.69 -21.83
N ASP D 160 -45.92 14.86 -20.51
CA ASP D 160 -46.75 15.81 -19.76
C ASP D 160 -46.34 17.25 -20.02
N TYR D 161 -45.06 17.57 -19.79
CA TYR D 161 -44.58 18.95 -19.70
C TYR D 161 -43.81 19.34 -20.95
N GLY D 162 -42.76 18.58 -21.27
CA GLY D 162 -41.98 18.77 -22.48
C GLY D 162 -41.03 19.95 -22.36
N LYS D 163 -41.63 21.15 -22.29
CA LYS D 163 -40.90 22.41 -22.32
C LYS D 163 -40.11 22.62 -21.03
N LYS D 164 -40.57 21.98 -19.94
CA LYS D 164 -39.99 22.22 -18.63
C LYS D 164 -38.57 21.64 -18.55
N SER D 165 -37.78 22.21 -17.63
CA SER D 165 -36.40 21.89 -17.35
C SER D 165 -36.27 20.54 -16.62
N LYS D 166 -35.36 19.66 -17.09
CA LYS D 166 -35.10 18.38 -16.45
C LYS D 166 -33.60 18.12 -16.27
N LEU D 167 -33.21 17.78 -15.02
CA LEU D 167 -31.82 17.61 -14.61
C LEU D 167 -31.63 16.25 -13.96
N GLU D 168 -30.40 15.74 -14.05
CA GLU D 168 -30.12 14.33 -13.84
C GLU D 168 -28.76 14.19 -13.16
N PHE D 169 -28.81 14.01 -11.85
CA PHE D 169 -27.64 13.68 -11.06
C PHE D 169 -27.56 12.17 -10.98
N SER D 170 -26.70 11.64 -11.86
CA SER D 170 -26.61 10.23 -12.22
C SER D 170 -25.33 9.65 -11.61
N ILE D 171 -25.52 8.71 -10.69
CA ILE D 171 -24.38 8.00 -10.15
C ILE D 171 -23.96 6.99 -11.22
N TYR D 172 -22.86 7.33 -11.89
CA TYR D 172 -22.36 6.59 -13.03
C TYR D 172 -21.47 5.46 -12.49
N PRO D 173 -21.38 4.31 -13.21
CA PRO D 173 -20.46 3.24 -12.84
C PRO D 173 -19.00 3.66 -12.80
N ALA D 174 -18.32 3.45 -11.66
CA ALA D 174 -16.87 3.60 -11.58
C ALA D 174 -16.18 2.51 -12.40
N PRO D 175 -15.35 2.83 -13.43
CA PRO D 175 -14.73 1.80 -14.27
C PRO D 175 -14.09 0.63 -13.52
N GLN D 176 -13.57 0.89 -12.32
CA GLN D 176 -12.86 -0.11 -11.52
C GLN D 176 -13.75 -0.66 -10.41
N VAL D 177 -14.27 0.24 -9.57
CA VAL D 177 -14.98 -0.07 -8.34
C VAL D 177 -16.23 -0.90 -8.66
N SER D 178 -16.53 -1.86 -7.79
CA SER D 178 -17.47 -2.92 -8.07
C SER D 178 -18.60 -2.86 -7.05
N THR D 179 -19.83 -2.88 -7.55
CA THR D 179 -20.99 -2.97 -6.70
C THR D 179 -21.84 -4.16 -7.12
N ALA D 180 -22.09 -4.28 -8.42
CA ALA D 180 -23.11 -5.19 -8.94
C ALA D 180 -22.70 -5.73 -10.29
N VAL D 181 -23.03 -7.01 -10.53
CA VAL D 181 -22.45 -7.69 -11.67
C VAL D 181 -23.08 -7.19 -12.98
N VAL D 182 -24.40 -6.99 -12.95
CA VAL D 182 -25.11 -6.61 -14.16
C VAL D 182 -25.00 -5.10 -14.39
N GLU D 183 -24.38 -4.37 -13.46
CA GLU D 183 -24.22 -2.91 -13.51
C GLU D 183 -24.03 -2.42 -14.95
N PRO D 184 -23.08 -2.96 -15.76
CA PRO D 184 -22.85 -2.51 -17.13
C PRO D 184 -24.04 -2.52 -18.09
N TYR D 185 -24.92 -3.50 -17.95
CA TYR D 185 -26.09 -3.62 -18.81
C TYR D 185 -27.04 -2.45 -18.57
N ASN D 186 -27.18 -2.08 -17.29
CA ASN D 186 -28.19 -1.17 -16.79
C ASN D 186 -27.94 0.23 -17.32
N SER D 187 -26.68 0.66 -17.17
CA SER D 187 -26.22 1.96 -17.63
C SER D 187 -26.61 2.15 -19.10
N ILE D 188 -26.32 1.13 -19.93
CA ILE D 188 -26.46 1.25 -21.37
C ILE D 188 -27.94 1.37 -21.73
N LEU D 189 -28.78 0.61 -21.04
CA LEU D 189 -30.19 0.70 -21.32
C LEU D 189 -30.72 2.07 -20.89
N THR D 190 -30.23 2.58 -19.75
CA THR D 190 -30.60 3.90 -19.26
C THR D 190 -30.24 4.98 -20.29
N THR D 191 -29.02 4.89 -20.83
CA THR D 191 -28.51 5.87 -21.76
C THR D 191 -29.38 5.96 -23.01
N HIS D 192 -29.80 4.79 -23.51
CA HIS D 192 -30.64 4.65 -24.69
C HIS D 192 -31.85 5.57 -24.57
N THR D 193 -32.38 5.64 -23.35
CA THR D 193 -33.68 6.22 -23.11
C THR D 193 -33.52 7.61 -22.51
N THR D 194 -32.54 7.78 -21.61
CA THR D 194 -32.35 9.02 -20.85
C THR D 194 -31.92 10.19 -21.73
N LEU D 195 -30.91 9.96 -22.58
CA LEU D 195 -30.27 11.01 -23.37
C LEU D 195 -31.28 11.76 -24.25
N GLU D 196 -32.40 11.10 -24.59
CA GLU D 196 -33.41 11.67 -25.47
C GLU D 196 -34.58 12.26 -24.66
N HIS D 197 -34.34 12.57 -23.38
CA HIS D 197 -35.36 13.19 -22.53
C HIS D 197 -34.73 14.30 -21.70
N SER D 198 -33.80 13.93 -20.81
CA SER D 198 -33.08 14.84 -19.94
C SER D 198 -32.20 15.78 -20.75
N ASP D 199 -32.48 17.08 -20.63
CA ASP D 199 -31.79 18.10 -21.38
C ASP D 199 -30.38 18.30 -20.82
N CYS D 200 -30.15 17.78 -19.62
CA CYS D 200 -28.85 17.95 -19.00
C CYS D 200 -28.64 16.92 -17.91
N ALA D 201 -27.41 16.39 -17.85
CA ALA D 201 -27.07 15.22 -17.04
C ALA D 201 -25.66 15.34 -16.45
N PHE D 202 -25.60 15.75 -15.18
CA PHE D 202 -24.37 15.85 -14.43
C PHE D 202 -24.07 14.51 -13.78
N MET D 203 -23.01 13.84 -14.26
CA MET D 203 -22.71 12.47 -13.87
C MET D 203 -21.47 12.42 -12.99
N VAL D 204 -21.62 11.82 -11.80
CA VAL D 204 -20.54 11.65 -10.83
C VAL D 204 -20.41 10.15 -10.53
N ASP D 205 -19.18 9.61 -10.60
CA ASP D 205 -18.89 8.23 -10.23
C ASP D 205 -18.25 8.21 -8.83
N ASN D 206 -18.41 7.09 -8.11
CA ASN D 206 -18.05 7.05 -6.69
C ASN D 206 -16.54 7.04 -6.48
N GLU D 207 -15.83 6.38 -7.39
CA GLU D 207 -14.39 6.18 -7.24
C GLU D 207 -13.66 7.52 -7.19
N ALA D 208 -14.00 8.42 -8.11
CA ALA D 208 -13.36 9.72 -8.15
C ALA D 208 -13.65 10.49 -6.86
N ILE D 209 -14.90 10.36 -6.36
CA ILE D 209 -15.30 11.04 -5.15
C ILE D 209 -14.47 10.50 -3.98
N TYR D 210 -14.25 9.17 -3.99
CA TYR D 210 -13.45 8.52 -2.98
C TYR D 210 -12.02 9.05 -3.00
N ASP D 211 -11.48 9.21 -4.22
CA ASP D 211 -10.15 9.78 -4.41
C ASP D 211 -10.10 11.13 -3.71
N ILE D 212 -11.12 11.95 -3.96
CA ILE D 212 -11.21 13.29 -3.44
C ILE D 212 -11.30 13.25 -1.91
N CYS D 213 -12.01 12.23 -1.38
CA CYS D 213 -12.19 12.10 0.05
C CYS D 213 -10.87 11.83 0.75
N ARG D 214 -10.03 10.98 0.12
CA ARG D 214 -8.83 10.46 0.76
C ARG D 214 -7.75 11.54 0.79
N ARG D 215 -7.56 12.19 -0.37
CA ARG D 215 -6.43 13.05 -0.65
C ARG D 215 -6.65 14.41 0.03
N ASN D 216 -7.72 15.10 -0.36
CA ASN D 216 -7.87 16.51 -0.01
C ASN D 216 -8.41 16.69 1.42
N LEU D 217 -9.11 15.68 1.94
CA LEU D 217 -9.72 15.86 3.25
C LEU D 217 -9.00 15.03 4.28
N ASP D 218 -8.09 14.17 3.81
CA ASP D 218 -7.25 13.31 4.65
C ASP D 218 -8.10 12.28 5.39
N ILE D 219 -9.23 11.88 4.80
CA ILE D 219 -10.11 10.95 5.49
C ILE D 219 -9.80 9.54 4.98
N GLU D 220 -9.55 8.62 5.93
CA GLU D 220 -9.10 7.28 5.59
C GLU D 220 -10.24 6.26 5.55
N ARG D 221 -11.43 6.69 5.98
CA ARG D 221 -12.65 5.89 5.97
C ARG D 221 -13.78 6.62 5.24
N PRO D 222 -13.81 6.66 3.88
CA PRO D 222 -14.89 7.36 3.15
C PRO D 222 -16.18 6.55 3.15
N THR D 223 -17.13 6.96 4.01
CA THR D 223 -18.45 6.35 4.11
C THR D 223 -19.35 6.91 3.02
N TYR D 224 -20.50 6.26 2.80
CA TYR D 224 -21.44 6.72 1.79
C TYR D 224 -21.94 8.11 2.11
N THR D 225 -22.16 8.35 3.42
CA THR D 225 -22.66 9.61 3.96
C THR D 225 -21.80 10.79 3.49
N ASN D 226 -20.48 10.63 3.70
CA ASN D 226 -19.54 11.70 3.41
C ASN D 226 -19.47 11.96 1.91
N LEU D 227 -19.30 10.89 1.13
CA LEU D 227 -19.34 10.99 -0.31
C LEU D 227 -20.61 11.75 -0.72
N ASN D 228 -21.76 11.41 -0.09
CA ASN D 228 -23.05 11.99 -0.45
C ASN D 228 -23.12 13.49 -0.14
N ARG D 229 -22.55 13.91 1.00
CA ARG D 229 -22.60 15.33 1.35
C ARG D 229 -21.90 16.14 0.27
N LEU D 230 -20.75 15.65 -0.21
CA LEU D 230 -20.00 16.25 -1.29
C LEU D 230 -20.86 16.37 -2.56
N ILE D 231 -21.55 15.27 -2.92
CA ILE D 231 -22.40 15.26 -4.10
C ILE D 231 -23.45 16.33 -3.96
N SER D 232 -23.98 16.46 -2.74
CA SER D 232 -25.08 17.36 -2.46
C SER D 232 -24.68 18.82 -2.53
N GLN D 233 -23.43 19.11 -2.17
CA GLN D 233 -23.02 20.49 -2.17
C GLN D 233 -22.85 20.99 -3.60
N ILE D 234 -22.67 20.07 -4.55
CA ILE D 234 -22.51 20.39 -5.96
C ILE D 234 -23.82 20.95 -6.50
N VAL D 235 -24.93 20.35 -6.04
CA VAL D 235 -26.26 20.77 -6.44
C VAL D 235 -26.50 22.15 -5.81
N SER D 236 -26.24 22.28 -4.51
CA SER D 236 -26.58 23.48 -3.76
C SER D 236 -26.10 24.72 -4.52
N SER D 237 -24.86 24.63 -5.02
CA SER D 237 -24.28 25.69 -5.84
C SER D 237 -25.08 25.90 -7.12
N ILE D 238 -25.53 24.82 -7.80
CA ILE D 238 -26.28 24.87 -9.06
C ILE D 238 -27.57 25.64 -8.80
N THR D 239 -28.15 25.34 -7.64
CA THR D 239 -29.41 25.94 -7.26
C THR D 239 -29.23 27.40 -6.84
N ALA D 240 -28.40 27.65 -5.82
CA ALA D 240 -28.34 28.92 -5.08
C ALA D 240 -28.56 30.18 -5.94
N SER D 241 -28.17 30.17 -7.23
CA SER D 241 -28.49 31.19 -8.22
C SER D 241 -30.02 31.42 -8.29
N LEU D 242 -30.83 30.35 -8.16
CA LEU D 242 -32.29 30.39 -8.09
C LEU D 242 -32.72 30.74 -6.66
N ARG D 243 -32.01 30.12 -5.71
CA ARG D 243 -32.36 30.11 -4.30
C ARG D 243 -31.97 31.44 -3.68
N PHE D 244 -31.07 32.19 -4.35
CA PHE D 244 -30.50 33.37 -3.71
C PHE D 244 -30.32 34.54 -4.68
N ASP D 245 -29.93 35.68 -4.11
CA ASP D 245 -29.70 36.94 -4.82
C ASP D 245 -28.30 36.89 -5.43
N GLY D 246 -27.87 38.04 -6.01
CA GLY D 246 -26.48 38.24 -6.41
C GLY D 246 -26.36 38.60 -7.89
N ALA D 247 -25.17 39.11 -8.25
CA ALA D 247 -24.74 39.46 -9.59
C ALA D 247 -24.79 38.24 -10.47
N LEU D 248 -25.16 38.36 -11.76
CA LEU D 248 -24.91 37.32 -12.75
C LEU D 248 -25.67 36.04 -12.44
N ASN D 249 -26.87 36.09 -11.83
CA ASN D 249 -27.51 34.89 -11.29
C ASN D 249 -27.87 33.95 -12.44
N VAL D 250 -27.60 32.64 -12.29
CA VAL D 250 -27.90 31.66 -13.34
C VAL D 250 -29.22 30.96 -13.04
N ASP D 251 -29.83 30.40 -14.08
CA ASP D 251 -31.07 29.65 -14.03
C ASP D 251 -30.78 28.25 -14.55
N LEU D 252 -31.69 27.33 -14.27
CA LEU D 252 -31.56 25.96 -14.76
C LEU D 252 -31.51 25.95 -16.28
N THR D 253 -32.39 26.75 -16.90
CA THR D 253 -32.48 26.89 -18.33
C THR D 253 -31.18 27.43 -18.90
N GLU D 254 -30.53 28.31 -18.12
CA GLU D 254 -29.26 28.90 -18.53
C GLU D 254 -28.19 27.84 -18.74
N PHE D 255 -28.06 26.89 -17.82
CA PHE D 255 -27.12 25.80 -18.02
C PHE D 255 -27.40 25.11 -19.33
N GLN D 256 -28.62 24.61 -19.48
CA GLN D 256 -29.06 23.91 -20.69
C GLN D 256 -28.61 24.68 -21.92
N THR D 257 -28.84 25.99 -21.90
CA THR D 257 -28.53 26.88 -23.01
C THR D 257 -27.01 27.00 -23.19
N ASN D 258 -26.30 27.10 -22.05
CA ASN D 258 -24.87 27.38 -22.01
C ASN D 258 -24.05 26.15 -22.40
N LEU D 259 -24.42 25.02 -21.81
CA LEU D 259 -23.60 23.85 -21.72
C LEU D 259 -23.91 22.87 -22.83
N VAL D 260 -24.84 23.21 -23.71
CA VAL D 260 -25.29 22.29 -24.74
C VAL D 260 -25.22 23.00 -26.09
N PRO D 261 -24.01 23.25 -26.63
CA PRO D 261 -23.88 23.87 -27.95
C PRO D 261 -24.53 22.98 -29.01
N TYR D 262 -24.30 21.66 -28.90
CA TYR D 262 -24.96 20.66 -29.72
C TYR D 262 -26.05 20.02 -28.89
N PRO D 263 -27.33 20.02 -29.34
CA PRO D 263 -28.45 19.52 -28.53
C PRO D 263 -28.35 18.09 -28.01
N ARG D 264 -27.60 17.23 -28.71
CA ARG D 264 -27.42 15.85 -28.28
C ARG D 264 -26.43 15.76 -27.11
N ILE D 265 -25.27 16.44 -27.19
CA ILE D 265 -24.25 16.22 -26.17
C ILE D 265 -24.50 17.14 -24.98
N HIS D 266 -24.86 16.54 -23.86
CA HIS D 266 -25.03 17.33 -22.66
C HIS D 266 -24.69 16.48 -21.46
N PHE D 267 -23.39 16.22 -21.30
CA PHE D 267 -22.94 15.50 -20.14
C PHE D 267 -21.80 16.26 -19.46
N PRO D 268 -22.08 17.39 -18.75
CA PRO D 268 -21.05 18.13 -18.02
C PRO D 268 -20.61 17.38 -16.78
N LEU D 269 -19.30 17.45 -16.51
CA LEU D 269 -18.73 16.93 -15.29
C LEU D 269 -18.92 18.03 -14.24
N ALA D 270 -18.92 17.65 -12.98
CA ALA D 270 -18.88 18.63 -11.93
C ALA D 270 -17.63 18.41 -11.10
N THR D 271 -17.40 19.38 -10.20
CA THR D 271 -16.24 19.45 -9.33
C THR D 271 -16.42 20.61 -8.37
N TYR D 272 -16.52 20.25 -7.11
CA TYR D 272 -16.66 21.29 -6.13
C TYR D 272 -15.32 21.45 -5.43
N ALA D 273 -14.81 22.68 -5.41
CA ALA D 273 -13.74 23.10 -4.53
C ALA D 273 -14.26 24.20 -3.61
N PRO D 274 -13.55 24.61 -2.53
CA PRO D 274 -12.47 23.85 -1.94
C PRO D 274 -13.02 22.67 -1.17
N VAL D 275 -12.22 21.59 -1.15
CA VAL D 275 -12.54 20.35 -0.48
C VAL D 275 -11.60 20.19 0.72
N ILE D 276 -11.82 21.02 1.75
CA ILE D 276 -10.80 21.30 2.72
C ILE D 276 -11.31 21.07 4.13
N SER D 277 -10.54 20.25 4.87
CA SER D 277 -10.79 19.77 6.21
C SER D 277 -10.61 20.86 7.28
N ALA D 278 -10.65 20.47 8.56
CA ALA D 278 -10.55 21.36 9.71
C ALA D 278 -9.13 21.92 9.84
N GLU D 279 -8.15 21.07 9.54
CA GLU D 279 -6.76 21.45 9.54
C GLU D 279 -6.52 22.42 8.39
N LYS D 280 -6.83 21.95 7.18
CA LYS D 280 -6.36 22.54 5.93
C LYS D 280 -6.92 23.95 5.72
N ALA D 281 -7.87 24.33 6.60
CA ALA D 281 -8.33 25.67 6.95
C ALA D 281 -7.19 26.68 7.01
N TYR D 282 -6.27 26.46 7.96
CA TYR D 282 -5.09 27.29 8.14
C TYR D 282 -4.06 26.82 7.13
N HIS D 283 -2.90 27.47 7.11
CA HIS D 283 -1.92 27.10 6.10
C HIS D 283 -2.65 27.03 4.75
N GLU D 284 -3.48 28.05 4.54
CA GLU D 284 -4.22 28.26 3.31
C GLU D 284 -4.73 29.71 3.29
N GLN D 285 -5.07 30.22 2.09
CA GLN D 285 -5.52 31.60 1.91
C GLN D 285 -6.90 31.69 1.24
N LEU D 286 -7.49 30.55 0.86
CA LEU D 286 -8.81 30.41 0.25
C LEU D 286 -9.17 31.44 -0.82
N SER D 287 -8.18 32.09 -1.46
CA SER D 287 -8.47 33.21 -2.35
C SER D 287 -9.34 32.75 -3.52
N VAL D 288 -9.89 33.74 -4.22
CA VAL D 288 -10.83 33.46 -5.28
C VAL D 288 -10.16 32.64 -6.38
N ALA D 289 -8.93 33.05 -6.74
CA ALA D 289 -8.21 32.53 -7.89
C ALA D 289 -7.54 31.19 -7.57
N GLU D 290 -7.22 30.99 -6.29
CA GLU D 290 -6.74 29.72 -5.76
C GLU D 290 -7.74 28.63 -6.08
N ILE D 291 -9.01 28.96 -5.83
CA ILE D 291 -10.10 28.00 -5.87
C ILE D 291 -10.45 27.68 -7.32
N THR D 292 -10.13 28.59 -8.25
CA THR D 292 -10.41 28.39 -9.67
C THR D 292 -9.50 27.32 -10.24
N ASN D 293 -8.21 27.47 -9.93
CA ASN D 293 -7.13 26.56 -10.29
C ASN D 293 -7.47 25.16 -9.78
N ALA D 294 -7.91 25.08 -8.51
CA ALA D 294 -8.27 23.85 -7.84
C ALA D 294 -9.36 23.11 -8.62
N CYS D 295 -10.32 23.89 -9.11
CA CYS D 295 -11.44 23.32 -9.84
C CYS D 295 -10.96 22.68 -11.15
N PHE D 296 -10.00 23.31 -11.81
CA PHE D 296 -9.54 22.83 -13.09
C PHE D 296 -8.54 21.68 -12.96
N GLU D 297 -8.26 21.27 -11.71
CA GLU D 297 -7.26 20.25 -11.40
C GLU D 297 -7.71 18.90 -11.96
N PRO D 298 -6.83 18.14 -12.68
CA PRO D 298 -7.17 16.82 -13.20
C PRO D 298 -7.66 15.80 -12.17
N ALA D 299 -7.17 15.94 -10.93
CA ALA D 299 -7.45 15.03 -9.84
C ALA D 299 -8.77 15.37 -9.16
N ASN D 300 -9.15 16.65 -9.16
CA ASN D 300 -10.29 17.11 -8.38
C ASN D 300 -11.63 16.88 -9.08
N GLN D 301 -11.62 16.35 -10.32
CA GLN D 301 -12.82 16.01 -11.11
C GLN D 301 -13.62 14.97 -10.35
N MET D 302 -14.95 15.01 -10.49
CA MET D 302 -15.81 14.13 -9.71
C MET D 302 -16.08 12.86 -10.51
N VAL D 303 -15.50 12.78 -11.71
CA VAL D 303 -15.49 11.56 -12.51
C VAL D 303 -14.07 11.05 -12.65
N LYS D 304 -13.97 9.76 -12.98
CA LYS D 304 -12.72 9.08 -13.30
C LYS D 304 -12.41 9.29 -14.77
N CYS D 305 -12.02 10.54 -15.01
CA CYS D 305 -11.72 11.06 -16.34
C CYS D 305 -10.65 12.12 -16.15
N ASP D 306 -9.68 12.09 -17.07
CA ASP D 306 -8.63 13.08 -17.15
C ASP D 306 -9.05 14.11 -18.20
N PRO D 307 -9.26 15.39 -17.80
CA PRO D 307 -9.79 16.40 -18.71
C PRO D 307 -8.81 16.79 -19.83
N ARG D 308 -7.56 16.37 -19.68
CA ARG D 308 -6.51 16.74 -20.62
C ARG D 308 -6.52 15.84 -21.85
N HIS D 309 -7.38 14.80 -21.81
CA HIS D 309 -7.42 13.79 -22.86
C HIS D 309 -8.52 14.11 -23.88
N GLY D 310 -8.70 15.42 -24.11
CA GLY D 310 -9.69 15.99 -24.99
C GLY D 310 -9.64 17.51 -24.92
N LYS D 311 -10.81 18.16 -24.96
CA LYS D 311 -10.93 19.61 -24.86
C LYS D 311 -12.18 19.94 -24.06
N TYR D 312 -12.04 20.87 -23.10
CA TYR D 312 -13.20 21.55 -22.54
C TYR D 312 -13.91 22.33 -23.65
N MET D 313 -15.21 22.08 -23.85
CA MET D 313 -15.97 22.69 -24.93
C MET D 313 -16.65 23.96 -24.43
N ALA D 314 -17.46 23.80 -23.37
CA ALA D 314 -18.08 24.90 -22.66
C ALA D 314 -18.05 24.58 -21.17
N CYS D 315 -17.78 25.62 -20.39
CA CYS D 315 -17.54 25.52 -18.95
C CYS D 315 -18.42 26.54 -18.24
N CYS D 316 -18.86 26.19 -17.04
CA CYS D 316 -19.57 27.14 -16.20
C CYS D 316 -19.12 27.00 -14.74
N LEU D 317 -19.06 28.14 -14.06
CA LEU D 317 -18.46 28.29 -12.74
C LEU D 317 -19.41 29.09 -11.86
N LEU D 318 -19.73 28.55 -10.68
CA LEU D 318 -20.79 29.10 -9.85
C LEU D 318 -20.27 29.48 -8.48
N TYR D 319 -19.53 30.59 -8.45
CA TYR D 319 -18.86 31.09 -7.25
C TYR D 319 -19.90 31.49 -6.24
N ARG D 320 -19.56 31.33 -4.95
CA ARG D 320 -20.50 31.60 -3.88
C ARG D 320 -19.78 32.28 -2.73
N GLY D 321 -20.56 32.96 -1.90
CA GLY D 321 -20.03 33.66 -0.74
C GLY D 321 -19.37 34.97 -1.15
N ASP D 322 -18.21 35.27 -0.54
CA ASP D 322 -17.55 36.55 -0.76
C ASP D 322 -16.67 36.49 -2.02
N VAL D 323 -17.31 36.50 -3.19
CA VAL D 323 -16.59 36.49 -4.46
C VAL D 323 -16.88 37.82 -5.14
N VAL D 324 -15.81 38.46 -5.61
CA VAL D 324 -15.88 39.69 -6.34
C VAL D 324 -15.50 39.41 -7.79
N PRO D 325 -16.27 39.92 -8.77
CA PRO D 325 -16.11 39.52 -10.17
C PRO D 325 -14.75 39.81 -10.78
N LYS D 326 -14.09 40.90 -10.34
CA LYS D 326 -12.82 41.28 -10.91
C LYS D 326 -11.78 40.22 -10.60
N ASP D 327 -11.85 39.68 -9.37
CA ASP D 327 -10.96 38.60 -8.95
C ASP D 327 -11.11 37.43 -9.91
N VAL D 328 -12.36 37.10 -10.24
CA VAL D 328 -12.74 35.96 -11.04
C VAL D 328 -12.26 36.15 -12.47
N ASN D 329 -12.33 37.38 -12.98
CA ASN D 329 -12.09 37.65 -14.38
C ASN D 329 -10.62 37.44 -14.71
N ALA D 330 -9.75 37.74 -13.73
CA ALA D 330 -8.31 37.66 -13.86
C ALA D 330 -7.84 36.21 -13.84
N ALA D 331 -8.42 35.43 -12.91
CA ALA D 331 -8.17 34.01 -12.79
C ALA D 331 -8.46 33.33 -14.12
N ILE D 332 -9.56 33.76 -14.75
CA ILE D 332 -10.02 33.17 -15.99
C ILE D 332 -9.08 33.50 -17.15
N ALA D 333 -8.58 34.74 -17.16
CA ALA D 333 -7.56 35.17 -18.11
C ALA D 333 -6.38 34.20 -18.04
N THR D 334 -5.91 33.96 -16.81
CA THR D 334 -4.79 33.09 -16.49
C THR D 334 -5.05 31.71 -17.08
N ILE D 335 -6.27 31.23 -16.87
CA ILE D 335 -6.66 29.89 -17.23
C ILE D 335 -6.62 29.78 -18.76
N LYS D 336 -7.17 30.77 -19.44
CA LYS D 336 -7.18 30.82 -20.90
C LYS D 336 -5.76 30.81 -21.43
N THR D 337 -4.85 31.53 -20.74
CA THR D 337 -3.43 31.65 -21.07
C THR D 337 -2.76 30.29 -21.14
N LYS D 338 -3.00 29.43 -20.13
CA LYS D 338 -2.35 28.14 -20.06
C LYS D 338 -2.77 27.31 -21.28
N ARG D 339 -1.79 26.89 -22.06
CA ARG D 339 -2.07 26.22 -23.32
C ARG D 339 -2.41 24.76 -23.09
N THR D 340 -1.91 24.22 -21.97
CA THR D 340 -2.12 22.85 -21.54
C THR D 340 -3.61 22.52 -21.57
N ILE D 341 -4.36 23.26 -20.76
CA ILE D 341 -5.80 23.15 -20.62
C ILE D 341 -6.40 23.56 -21.97
N GLN D 342 -6.68 22.56 -22.80
CA GLN D 342 -7.11 22.78 -24.16
C GLN D 342 -8.59 23.18 -24.18
N PHE D 343 -8.91 24.10 -25.10
CA PHE D 343 -10.27 24.53 -25.39
C PHE D 343 -10.62 24.18 -26.83
N VAL D 344 -11.91 24.20 -27.15
CA VAL D 344 -12.28 23.98 -28.53
C VAL D 344 -12.04 25.25 -29.32
N ASP D 345 -11.53 25.04 -30.54
CA ASP D 345 -11.18 26.05 -31.53
C ASP D 345 -12.33 27.05 -31.68
N TRP D 346 -13.53 26.51 -31.87
CA TRP D 346 -14.62 27.24 -32.48
C TRP D 346 -15.48 28.01 -31.46
N CYS D 347 -15.32 27.77 -30.16
CA CYS D 347 -15.94 28.69 -29.22
C CYS D 347 -14.87 29.34 -28.35
N PRO D 348 -14.63 30.66 -28.51
CA PRO D 348 -13.50 31.34 -27.84
C PRO D 348 -13.62 31.48 -26.33
N THR D 349 -14.75 32.07 -25.92
CA THR D 349 -15.02 32.29 -24.52
C THR D 349 -16.00 31.20 -24.12
N GLY D 350 -15.49 30.26 -23.35
CA GLY D 350 -16.34 29.16 -22.91
C GLY D 350 -16.43 29.15 -21.40
N PHE D 351 -17.02 30.24 -20.86
CA PHE D 351 -17.40 30.36 -19.46
C PHE D 351 -18.69 31.15 -19.30
N LYS D 352 -19.47 30.75 -18.29
CA LYS D 352 -20.37 31.68 -17.64
C LYS D 352 -20.10 31.68 -16.15
N VAL D 353 -20.16 32.88 -15.60
CA VAL D 353 -19.79 33.11 -14.24
C VAL D 353 -21.01 33.58 -13.49
N GLY D 354 -21.33 32.89 -12.40
CA GLY D 354 -22.40 33.32 -11.53
C GLY D 354 -21.87 33.50 -10.13
N ILE D 355 -22.05 34.71 -9.59
CA ILE D 355 -21.56 35.09 -8.29
C ILE D 355 -22.72 35.31 -7.33
N ASN D 356 -22.76 34.53 -6.25
CA ASN D 356 -23.88 34.54 -5.34
C ASN D 356 -23.40 34.91 -3.97
N TYR D 357 -24.16 35.81 -3.34
CA TYR D 357 -23.73 36.41 -2.09
C TYR D 357 -23.81 35.41 -0.95
N GLN D 358 -24.68 34.41 -1.13
CA GLN D 358 -24.79 33.29 -0.22
C GLN D 358 -23.53 32.42 -0.30
N PRO D 359 -22.80 32.19 0.83
CA PRO D 359 -21.72 31.19 0.86
C PRO D 359 -22.26 29.79 1.14
N PRO D 360 -21.55 28.70 0.81
CA PRO D 360 -21.99 27.36 1.24
C PRO D 360 -21.84 27.24 2.75
N THR D 361 -22.86 26.63 3.36
CA THR D 361 -22.89 26.41 4.80
C THR D 361 -22.84 24.92 5.02
N VAL D 362 -21.89 24.52 5.87
CA VAL D 362 -21.50 23.13 5.94
C VAL D 362 -22.17 22.45 7.13
N VAL D 363 -22.49 21.18 6.85
CA VAL D 363 -23.27 20.24 7.63
C VAL D 363 -22.52 19.91 8.92
N PRO D 364 -23.18 20.06 10.09
CA PRO D 364 -22.70 19.49 11.35
C PRO D 364 -22.32 18.01 11.23
N GLY D 365 -21.14 17.70 11.79
CA GLY D 365 -20.56 16.37 11.79
C GLY D 365 -20.13 15.92 10.39
N GLY D 366 -19.32 16.74 9.72
CA GLY D 366 -19.05 16.50 8.32
C GLY D 366 -17.60 16.72 7.93
N ASP D 367 -17.38 16.62 6.61
CA ASP D 367 -16.10 16.64 5.94
C ASP D 367 -15.50 18.04 6.06
N LEU D 368 -16.29 19.05 5.67
CA LEU D 368 -15.78 20.34 5.28
C LEU D 368 -15.80 21.31 6.47
N ALA D 369 -14.91 22.30 6.38
CA ALA D 369 -14.92 23.43 7.28
C ALA D 369 -15.30 24.68 6.49
N LYS D 370 -15.39 25.80 7.22
CA LYS D 370 -15.95 27.06 6.74
C LYS D 370 -15.11 27.62 5.60
N VAL D 371 -15.52 27.37 4.34
CA VAL D 371 -14.84 27.92 3.17
C VAL D 371 -15.63 29.14 2.69
N GLN D 372 -15.00 30.32 2.74
CA GLN D 372 -15.68 31.59 2.51
C GLN D 372 -16.08 31.69 1.05
N ARG D 373 -15.19 31.14 0.21
CA ARG D 373 -15.39 31.10 -1.22
C ARG D 373 -15.43 29.66 -1.66
N ALA D 374 -16.32 29.38 -2.61
CA ALA D 374 -16.42 28.06 -3.20
C ALA D 374 -16.97 28.21 -4.62
N VAL D 375 -16.77 27.17 -5.43
CA VAL D 375 -17.10 27.19 -6.85
C VAL D 375 -17.36 25.77 -7.34
N CYS D 376 -18.56 25.55 -7.87
CA CYS D 376 -18.83 24.34 -8.60
C CYS D 376 -18.71 24.59 -10.11
N MET D 377 -17.65 24.04 -10.66
CA MET D 377 -17.44 24.08 -12.09
C MET D 377 -18.16 22.92 -12.77
N LEU D 378 -19.16 23.24 -13.59
CA LEU D 378 -19.82 22.24 -14.42
C LEU D 378 -19.31 22.38 -15.85
N SER D 379 -18.40 21.49 -16.22
CA SER D 379 -17.64 21.66 -17.43
C SER D 379 -17.88 20.48 -18.37
N ASN D 380 -18.37 20.74 -19.58
CA ASN D 380 -18.39 19.68 -20.59
C ASN D 380 -16.98 19.53 -21.15
N THR D 381 -16.61 18.28 -21.45
CA THR D 381 -15.36 17.94 -22.13
C THR D 381 -15.65 16.79 -23.11
N THR D 382 -14.79 16.65 -24.12
CA THR D 382 -14.85 15.52 -25.03
C THR D 382 -14.16 14.32 -24.36
N ALA D 383 -13.56 14.58 -23.19
CA ALA D 383 -12.72 13.64 -22.46
C ALA D 383 -13.57 12.60 -21.73
N ILE D 384 -14.87 12.87 -21.57
CA ILE D 384 -15.75 11.92 -20.94
C ILE D 384 -16.00 10.74 -21.89
N ALA D 385 -15.61 10.89 -23.17
CA ALA D 385 -15.78 9.84 -24.17
C ALA D 385 -14.92 8.62 -23.84
N GLU D 386 -13.96 8.81 -22.93
CA GLU D 386 -13.12 7.73 -22.45
C GLU D 386 -13.89 6.79 -21.53
N ALA D 387 -14.77 7.35 -20.67
CA ALA D 387 -15.50 6.58 -19.67
C ALA D 387 -16.64 5.81 -20.33
N TRP D 388 -17.13 6.36 -21.46
CA TRP D 388 -18.17 5.76 -22.30
C TRP D 388 -17.64 4.50 -22.95
N ALA D 389 -16.47 4.64 -23.58
CA ALA D 389 -15.79 3.58 -24.31
C ALA D 389 -15.57 2.37 -23.40
N ARG D 390 -15.04 2.66 -22.19
CA ARG D 390 -14.73 1.66 -21.18
C ARG D 390 -15.98 0.83 -20.91
N LEU D 391 -17.07 1.54 -20.68
CA LEU D 391 -18.29 0.87 -20.27
C LEU D 391 -18.87 0.09 -21.45
N ASP D 392 -18.79 0.63 -22.67
CA ASP D 392 -19.21 -0.07 -23.88
C ASP D 392 -18.49 -1.41 -23.97
N HIS D 393 -17.18 -1.38 -23.65
CA HIS D 393 -16.30 -2.55 -23.70
C HIS D 393 -16.73 -3.59 -22.66
N LYS D 394 -17.01 -3.16 -21.42
CA LYS D 394 -17.44 -4.04 -20.36
C LYS D 394 -18.69 -4.81 -20.78
N PHE D 395 -19.61 -4.04 -21.37
CA PHE D 395 -20.87 -4.57 -21.85
C PHE D 395 -20.63 -5.55 -23.00
N ASP D 396 -19.81 -5.18 -23.99
CA ASP D 396 -19.53 -6.02 -25.16
C ASP D 396 -19.01 -7.39 -24.72
N LEU D 397 -18.13 -7.37 -23.72
CA LEU D 397 -17.49 -8.57 -23.18
C LEU D 397 -18.53 -9.52 -22.62
N MET D 398 -19.43 -9.01 -21.78
CA MET D 398 -20.45 -9.85 -21.16
C MET D 398 -21.55 -10.21 -22.15
N TYR D 399 -21.84 -9.35 -23.15
CA TYR D 399 -22.90 -9.61 -24.11
C TYR D 399 -22.41 -10.47 -25.28
N ALA D 400 -21.09 -10.67 -25.35
CA ALA D 400 -20.54 -11.71 -26.20
C ALA D 400 -21.05 -13.08 -25.70
N LYS D 401 -20.97 -13.29 -24.38
CA LYS D 401 -21.39 -14.49 -23.69
C LYS D 401 -22.92 -14.56 -23.57
N ARG D 402 -23.59 -13.40 -23.69
CA ARG D 402 -25.03 -13.21 -23.54
C ARG D 402 -25.44 -13.56 -22.11
N ALA D 403 -24.65 -13.08 -21.14
CA ALA D 403 -24.77 -13.47 -19.74
C ALA D 403 -25.81 -12.61 -19.04
N PHE D 404 -26.60 -13.25 -18.18
CA PHE D 404 -27.65 -12.59 -17.42
C PHE D 404 -28.73 -12.09 -18.38
N VAL D 405 -28.71 -12.64 -19.59
CA VAL D 405 -29.67 -12.31 -20.65
C VAL D 405 -31.05 -12.78 -20.17
N HIS D 406 -31.08 -13.93 -19.48
CA HIS D 406 -32.31 -14.61 -19.11
C HIS D 406 -33.17 -13.77 -18.16
N TRP D 407 -32.51 -13.16 -17.17
CA TRP D 407 -33.18 -12.35 -16.20
C TRP D 407 -34.06 -11.32 -16.88
N TYR D 408 -33.43 -10.57 -17.80
CA TYR D 408 -34.00 -9.36 -18.38
C TYR D 408 -35.14 -9.73 -19.33
N VAL D 409 -34.84 -10.63 -20.27
CA VAL D 409 -35.75 -11.07 -21.33
C VAL D 409 -37.08 -11.48 -20.69
N GLY D 410 -36.98 -12.31 -19.65
CA GLY D 410 -38.17 -12.87 -19.03
C GLY D 410 -38.98 -11.81 -18.27
N GLU D 411 -38.57 -10.54 -18.42
CA GLU D 411 -39.16 -9.47 -17.62
C GLU D 411 -39.77 -8.38 -18.51
N GLY D 412 -39.91 -8.69 -19.82
CA GLY D 412 -40.58 -7.83 -20.77
C GLY D 412 -39.61 -6.97 -21.55
N MET D 413 -38.51 -7.57 -22.01
CA MET D 413 -37.45 -6.84 -22.71
C MET D 413 -37.21 -7.48 -24.06
N GLU D 414 -36.42 -6.77 -24.88
CA GLU D 414 -35.96 -7.18 -26.18
C GLU D 414 -34.46 -7.42 -26.16
N GLU D 415 -34.02 -8.52 -26.75
CA GLU D 415 -32.60 -8.74 -27.00
C GLU D 415 -32.06 -7.67 -27.95
N GLY D 416 -32.85 -7.33 -28.97
CA GLY D 416 -32.53 -6.30 -29.94
C GLY D 416 -32.31 -4.93 -29.31
N GLU D 417 -32.93 -4.69 -28.14
CA GLU D 417 -32.80 -3.43 -27.40
C GLU D 417 -31.35 -3.22 -26.96
N PHE D 418 -30.67 -4.33 -26.63
CA PHE D 418 -29.28 -4.32 -26.24
C PHE D 418 -28.38 -3.86 -27.39
N SER D 419 -28.67 -4.33 -28.61
CA SER D 419 -27.88 -4.05 -29.80
C SER D 419 -27.98 -2.58 -30.19
N GLU D 420 -29.22 -2.07 -30.25
CA GLU D 420 -29.59 -0.70 -30.57
C GLU D 420 -28.96 0.29 -29.60
N ALA D 421 -28.92 -0.08 -28.31
CA ALA D 421 -28.32 0.72 -27.24
C ALA D 421 -26.84 0.97 -27.55
N ARG D 422 -26.11 -0.08 -27.94
CA ARG D 422 -24.71 0.05 -28.31
C ARG D 422 -24.57 0.98 -29.51
N GLU D 423 -25.40 0.75 -30.54
CA GLU D 423 -25.44 1.58 -31.75
C GLU D 423 -25.52 3.06 -31.35
N ASP D 424 -26.40 3.37 -30.40
CA ASP D 424 -26.62 4.72 -29.90
C ASP D 424 -25.34 5.26 -29.29
N MET D 425 -24.67 4.40 -28.52
CA MET D 425 -23.44 4.74 -27.84
C MET D 425 -22.34 5.05 -28.84
N ALA D 426 -22.27 4.24 -29.90
CA ALA D 426 -21.33 4.42 -31.00
C ALA D 426 -21.53 5.80 -31.61
N ALA D 427 -22.80 6.14 -31.90
CA ALA D 427 -23.21 7.43 -32.46
C ALA D 427 -22.73 8.57 -31.58
N LEU D 428 -22.97 8.45 -30.26
CA LEU D 428 -22.62 9.45 -29.25
C LEU D 428 -21.12 9.72 -29.31
N GLU D 429 -20.36 8.63 -29.29
CA GLU D 429 -18.91 8.65 -29.26
C GLU D 429 -18.39 9.34 -30.51
N LYS D 430 -18.96 8.98 -31.67
CA LYS D 430 -18.67 9.55 -32.98
C LYS D 430 -18.87 11.06 -32.96
N ASP D 431 -20.01 11.50 -32.36
CA ASP D 431 -20.37 12.91 -32.24
C ASP D 431 -19.30 13.67 -31.47
N TYR D 432 -18.85 13.10 -30.35
CA TYR D 432 -17.83 13.72 -29.51
C TYR D 432 -16.51 13.87 -30.25
N GLU D 433 -16.13 12.82 -30.98
CA GLU D 433 -14.97 12.81 -31.85
C GLU D 433 -15.03 13.97 -32.86
N GLU D 434 -16.20 14.16 -33.51
CA GLU D 434 -16.46 15.21 -34.48
C GLU D 434 -16.18 16.58 -33.86
N VAL D 435 -16.76 16.78 -32.67
CA VAL D 435 -16.68 18.00 -31.88
C VAL D 435 -15.22 18.30 -31.53
N GLY D 436 -14.48 17.28 -31.09
CA GLY D 436 -13.07 17.40 -30.76
C GLY D 436 -12.25 17.89 -31.95
N VAL D 437 -12.54 17.32 -33.14
CA VAL D 437 -11.89 17.67 -34.40
C VAL D 437 -12.15 19.15 -34.72
N MET E 1 -42.70 -6.39 4.32
CA MET E 1 -43.02 -7.08 3.05
C MET E 1 -41.91 -8.08 2.72
N ARG E 2 -42.09 -8.87 1.63
CA ARG E 2 -41.15 -9.85 1.08
C ARG E 2 -40.86 -11.00 2.07
N GLU E 3 -41.89 -11.72 2.51
CA GLU E 3 -41.74 -12.70 3.57
C GLU E 3 -41.36 -14.05 2.97
N ILE E 4 -40.60 -14.83 3.76
CA ILE E 4 -40.07 -16.11 3.31
C ILE E 4 -40.71 -17.26 4.09
N VAL E 5 -40.99 -18.34 3.35
CA VAL E 5 -41.60 -19.55 3.87
C VAL E 5 -40.55 -20.64 3.99
N HIS E 6 -40.12 -20.91 5.23
CA HIS E 6 -39.10 -21.91 5.49
C HIS E 6 -39.67 -23.32 5.39
N ILE E 7 -38.79 -24.30 5.07
CA ILE E 7 -39.08 -25.72 5.04
C ILE E 7 -37.85 -26.50 5.51
N GLN E 8 -38.10 -27.60 6.25
CA GLN E 8 -37.09 -28.52 6.76
C GLN E 8 -37.55 -29.94 6.49
N ALA E 9 -36.77 -30.67 5.68
CA ALA E 9 -37.12 -32.02 5.26
C ALA E 9 -35.94 -32.97 5.43
N GLY E 10 -36.23 -34.10 6.12
CA GLY E 10 -35.24 -35.11 6.46
C GLY E 10 -34.53 -34.76 7.76
N GLN E 11 -33.98 -35.79 8.44
CA GLN E 11 -33.31 -35.60 9.71
C GLN E 11 -32.35 -34.39 9.64
N CYS E 12 -31.50 -34.36 8.61
CA CYS E 12 -30.49 -33.34 8.30
C CYS E 12 -31.13 -31.96 8.12
N GLY E 13 -32.02 -31.84 7.13
CA GLY E 13 -32.83 -30.65 6.99
C GLY E 13 -33.47 -30.24 8.32
N ASN E 14 -33.99 -31.22 9.06
CA ASN E 14 -34.76 -30.91 10.26
C ASN E 14 -33.84 -30.38 11.35
N GLN E 15 -32.61 -30.88 11.38
CA GLN E 15 -31.72 -30.52 12.46
C GLN E 15 -31.03 -29.19 12.16
N ILE E 16 -30.59 -28.97 10.92
CA ILE E 16 -29.97 -27.70 10.56
C ILE E 16 -31.01 -26.60 10.76
N GLY E 17 -32.21 -26.90 10.29
CA GLY E 17 -33.33 -26.02 10.48
C GLY E 17 -33.53 -25.70 11.95
N ALA E 18 -33.43 -26.71 12.84
CA ALA E 18 -33.56 -26.56 14.30
C ALA E 18 -32.57 -25.52 14.79
N LYS E 19 -31.33 -25.75 14.41
CA LYS E 19 -30.31 -24.85 14.88
C LYS E 19 -30.47 -23.50 14.18
N PHE E 20 -30.97 -23.48 12.93
CA PHE E 20 -31.11 -22.27 12.12
C PHE E 20 -32.09 -21.31 12.76
N TRP E 21 -33.15 -21.89 13.30
CA TRP E 21 -34.22 -21.07 13.82
C TRP E 21 -33.75 -20.43 15.09
N GLU E 22 -33.05 -21.22 15.91
CA GLU E 22 -32.53 -20.83 17.20
C GLU E 22 -31.64 -19.59 16.99
N VAL E 23 -30.82 -19.68 15.94
CA VAL E 23 -29.83 -18.68 15.57
C VAL E 23 -30.54 -17.36 15.28
N ILE E 24 -31.51 -17.39 14.37
CA ILE E 24 -32.17 -16.17 13.92
C ILE E 24 -32.91 -15.57 15.10
N SER E 25 -33.53 -16.43 15.93
CA SER E 25 -34.26 -16.04 17.13
C SER E 25 -33.41 -15.09 17.95
N ASP E 26 -32.19 -15.53 18.21
CA ASP E 26 -31.27 -14.75 19.01
C ASP E 26 -30.96 -13.43 18.31
N GLU E 27 -30.83 -13.45 16.98
CA GLU E 27 -30.54 -12.27 16.16
C GLU E 27 -31.68 -11.25 16.20
N HIS E 28 -32.93 -11.72 16.37
CA HIS E 28 -34.12 -10.88 16.38
C HIS E 28 -34.70 -10.67 17.77
N GLY E 29 -34.02 -11.17 18.83
CA GLY E 29 -34.34 -10.89 20.22
C GLY E 29 -35.46 -11.76 20.81
N ILE E 30 -35.87 -12.81 20.08
CA ILE E 30 -36.95 -13.73 20.48
C ILE E 30 -36.36 -14.84 21.36
N ASP E 31 -37.02 -15.08 22.49
CA ASP E 31 -36.61 -16.08 23.48
C ASP E 31 -37.35 -17.41 23.17
N PRO E 32 -37.18 -18.49 23.98
CA PRO E 32 -37.83 -19.78 23.69
C PRO E 32 -39.36 -19.86 23.73
N THR E 33 -39.98 -18.84 24.33
CA THR E 33 -41.40 -18.86 24.60
C THR E 33 -42.16 -18.21 23.44
N GLY E 34 -41.42 -17.67 22.47
CA GLY E 34 -42.00 -16.90 21.38
C GLY E 34 -42.35 -15.47 21.79
N SER E 35 -41.72 -14.99 22.87
CA SER E 35 -41.83 -13.60 23.31
C SER E 35 -40.57 -12.84 22.88
N TYR E 36 -40.76 -11.54 22.58
CA TYR E 36 -39.64 -10.69 22.23
C TYR E 36 -39.10 -10.05 23.51
N HIS E 37 -37.77 -10.17 23.69
CA HIS E 37 -37.01 -9.52 24.76
C HIS E 37 -35.68 -9.02 24.19
N GLY E 38 -35.77 -8.19 23.14
CA GLY E 38 -34.60 -7.60 22.49
C GLY E 38 -34.58 -6.09 22.67
N ASP E 39 -33.38 -5.50 22.67
CA ASP E 39 -33.22 -4.07 22.90
C ASP E 39 -33.03 -3.30 21.59
N SER E 40 -33.02 -4.02 20.45
CA SER E 40 -32.84 -3.44 19.13
C SER E 40 -34.16 -3.38 18.37
N ASP E 41 -34.64 -2.15 18.16
CA ASP E 41 -35.89 -1.83 17.51
C ASP E 41 -35.91 -2.42 16.09
N LEU E 42 -34.70 -2.49 15.49
CA LEU E 42 -34.50 -2.93 14.11
C LEU E 42 -34.88 -4.39 13.92
N GLN E 43 -34.83 -5.17 15.01
CA GLN E 43 -35.20 -6.58 14.98
C GLN E 43 -36.68 -6.74 14.60
N LEU E 44 -37.53 -5.89 15.19
CA LEU E 44 -38.97 -5.97 15.04
C LEU E 44 -39.46 -5.06 13.92
N GLU E 45 -38.53 -4.31 13.33
CA GLU E 45 -38.80 -3.48 12.16
C GLU E 45 -39.18 -4.39 11.00
N ARG E 46 -38.49 -5.52 10.87
CA ARG E 46 -38.73 -6.42 9.78
C ARG E 46 -38.79 -7.85 10.31
N ILE E 47 -39.36 -8.02 11.49
CA ILE E 47 -39.55 -9.37 12.03
C ILE E 47 -40.29 -10.23 11.00
N ASN E 48 -41.19 -9.59 10.25
CA ASN E 48 -42.12 -10.13 9.28
C ASN E 48 -41.52 -11.31 8.55
N VAL E 49 -40.40 -11.02 7.90
CA VAL E 49 -39.81 -11.94 6.96
C VAL E 49 -39.89 -13.35 7.52
N TYR E 50 -39.48 -13.52 8.80
CA TYR E 50 -39.24 -14.82 9.38
C TYR E 50 -40.21 -15.20 10.49
N TYR E 51 -41.12 -14.30 10.87
CA TYR E 51 -42.04 -14.64 11.96
C TYR E 51 -43.42 -13.98 11.79
N ASN E 52 -44.46 -14.71 12.22
CA ASN E 52 -45.84 -14.26 12.41
C ASN E 52 -46.06 -13.88 13.86
N GLU E 53 -46.60 -12.69 14.06
CA GLU E 53 -47.00 -12.27 15.40
C GLU E 53 -48.46 -12.65 15.62
N ALA E 54 -48.81 -13.11 16.84
CA ALA E 54 -50.23 -13.18 17.23
C ALA E 54 -50.41 -12.50 18.59
N ALA E 55 -51.56 -12.82 19.19
CA ALA E 55 -52.10 -12.26 20.42
C ALA E 55 -51.11 -12.48 21.57
N GLY E 56 -50.80 -11.36 22.25
CA GLY E 56 -49.95 -11.36 23.42
C GLY E 56 -48.48 -11.41 23.06
N ASN E 57 -48.14 -10.85 21.88
CA ASN E 57 -46.80 -10.77 21.33
C ASN E 57 -46.25 -12.15 21.00
N LYS E 58 -47.09 -12.98 20.33
CA LYS E 58 -46.70 -14.30 19.90
C LYS E 58 -45.68 -14.16 18.78
N TYR E 59 -44.66 -15.03 18.77
CA TYR E 59 -43.73 -15.02 17.65
C TYR E 59 -43.58 -16.43 17.11
N VAL E 60 -44.09 -16.62 15.89
CA VAL E 60 -44.16 -17.91 15.26
C VAL E 60 -43.40 -17.92 13.94
N PRO E 61 -42.38 -18.78 13.78
CA PRO E 61 -41.71 -18.90 12.49
C PRO E 61 -42.69 -19.41 11.46
N ARG E 62 -42.61 -18.81 10.26
CA ARG E 62 -43.29 -19.34 9.09
C ARG E 62 -42.48 -20.51 8.54
N ALA E 63 -42.41 -21.58 9.35
CA ALA E 63 -41.64 -22.77 9.02
C ALA E 63 -42.52 -24.00 9.08
N ILE E 64 -42.38 -24.82 8.04
CA ILE E 64 -43.03 -26.11 7.90
C ILE E 64 -41.99 -27.20 8.10
N LEU E 65 -42.29 -28.16 8.99
CA LEU E 65 -41.38 -29.25 9.34
C LEU E 65 -41.93 -30.54 8.73
N VAL E 66 -41.12 -31.23 7.90
CA VAL E 66 -41.55 -32.47 7.25
C VAL E 66 -40.57 -33.60 7.58
N ASP E 67 -41.11 -34.75 8.02
CA ASP E 67 -40.35 -35.97 8.20
C ASP E 67 -41.26 -37.17 7.98
N LEU E 68 -40.82 -38.08 7.09
CA LEU E 68 -41.61 -39.28 6.84
C LEU E 68 -41.68 -40.21 8.06
N GLU E 69 -40.79 -39.98 9.04
CA GLU E 69 -40.85 -40.66 10.33
C GLU E 69 -41.30 -39.63 11.36
N PRO E 70 -41.80 -40.05 12.53
CA PRO E 70 -42.14 -39.07 13.55
C PRO E 70 -40.94 -38.66 14.40
N GLY E 71 -39.92 -39.52 14.51
CA GLY E 71 -38.98 -39.49 15.62
C GLY E 71 -38.13 -38.22 15.69
N THR E 72 -37.55 -37.81 14.55
CA THR E 72 -36.59 -36.72 14.54
C THR E 72 -37.29 -35.40 14.79
N MET E 73 -38.56 -35.36 14.39
CA MET E 73 -39.36 -34.16 14.49
C MET E 73 -40.03 -34.13 15.85
N ASP E 74 -39.90 -35.21 16.61
CA ASP E 74 -40.46 -35.31 17.96
C ASP E 74 -39.39 -34.93 18.96
N SER E 75 -38.17 -35.22 18.55
CA SER E 75 -36.98 -34.71 19.21
C SER E 75 -36.98 -33.18 19.10
N VAL E 76 -37.38 -32.67 17.92
CA VAL E 76 -37.46 -31.25 17.67
C VAL E 76 -38.29 -30.64 18.79
N ARG E 77 -39.47 -31.22 19.00
CA ARG E 77 -40.50 -30.73 19.92
C ARG E 77 -39.93 -30.69 21.34
N SER E 78 -39.25 -31.78 21.72
CA SER E 78 -38.66 -31.92 23.03
C SER E 78 -37.61 -30.83 23.28
N GLY E 79 -36.92 -30.43 22.19
CA GLY E 79 -35.83 -29.46 22.20
C GLY E 79 -36.23 -28.12 22.80
N PRO E 80 -35.27 -27.21 23.12
CA PRO E 80 -35.58 -25.97 23.83
C PRO E 80 -36.37 -24.99 22.96
N PHE E 81 -35.94 -24.88 21.69
CA PHE E 81 -36.49 -23.96 20.70
C PHE E 81 -37.65 -24.61 19.93
N GLY E 82 -37.79 -25.94 20.06
CA GLY E 82 -38.83 -26.75 19.45
C GLY E 82 -40.25 -26.25 19.74
N GLN E 83 -40.47 -25.69 20.94
CA GLN E 83 -41.79 -25.29 21.39
C GLN E 83 -42.17 -23.92 20.85
N ILE E 84 -41.31 -23.28 20.05
CA ILE E 84 -41.68 -22.02 19.42
C ILE E 84 -42.59 -22.31 18.23
N PHE E 85 -42.50 -23.49 17.63
CA PHE E 85 -43.29 -23.80 16.45
C PHE E 85 -44.77 -24.00 16.81
N ARG E 86 -45.69 -23.62 15.89
CA ARG E 86 -47.11 -23.91 16.08
C ARG E 86 -47.26 -25.36 15.66
N PRO E 87 -47.74 -26.21 16.58
CA PRO E 87 -47.63 -27.66 16.46
C PRO E 87 -48.28 -28.16 15.17
N ASP E 88 -49.13 -27.31 14.57
CA ASP E 88 -49.82 -27.67 13.35
C ASP E 88 -48.90 -27.66 12.14
N ASN E 89 -47.66 -27.23 12.39
CA ASN E 89 -46.64 -27.02 11.38
C ASN E 89 -45.75 -28.25 11.22
N PHE E 90 -45.86 -29.21 12.13
CA PHE E 90 -45.16 -30.48 12.04
C PHE E 90 -46.11 -31.43 11.32
N VAL E 91 -45.75 -31.76 10.09
CA VAL E 91 -46.52 -32.70 9.29
C VAL E 91 -45.67 -33.95 9.12
N PHE E 92 -46.15 -35.08 9.66
CA PHE E 92 -45.37 -36.31 9.60
C PHE E 92 -46.26 -37.50 9.29
N GLY E 93 -45.62 -38.50 8.67
CA GLY E 93 -46.13 -39.86 8.56
C GLY E 93 -45.30 -40.75 9.48
N GLN E 94 -45.49 -42.08 9.38
CA GLN E 94 -44.88 -43.00 10.32
C GLN E 94 -44.15 -44.15 9.61
N SER E 95 -43.92 -43.97 8.29
CA SER E 95 -43.14 -44.89 7.48
C SER E 95 -41.86 -44.19 7.04
N GLY E 96 -40.70 -44.75 7.42
CA GLY E 96 -39.42 -44.12 7.16
C GLY E 96 -38.98 -44.27 5.71
N ALA E 97 -38.42 -43.19 5.14
CA ALA E 97 -37.94 -43.21 3.76
C ALA E 97 -36.74 -44.14 3.62
N GLY E 98 -36.01 -44.29 4.74
CA GLY E 98 -34.89 -45.21 4.83
C GLY E 98 -33.94 -45.02 3.64
N ASN E 99 -33.55 -43.77 3.41
CA ASN E 99 -32.52 -43.43 2.45
C ASN E 99 -32.86 -44.07 1.10
N ASN E 100 -34.13 -43.96 0.75
CA ASN E 100 -34.61 -44.37 -0.55
C ASN E 100 -35.30 -43.15 -1.18
N TRP E 101 -34.76 -42.70 -2.33
CA TRP E 101 -35.33 -41.58 -3.09
C TRP E 101 -36.75 -41.91 -3.50
N ALA E 102 -36.97 -43.16 -3.92
CA ALA E 102 -38.27 -43.62 -4.41
C ALA E 102 -39.31 -43.61 -3.30
N LYS E 103 -38.90 -43.87 -2.05
CA LYS E 103 -39.85 -43.82 -0.94
C LYS E 103 -40.27 -42.37 -0.70
N GLY E 104 -39.30 -41.45 -0.76
CA GLY E 104 -39.50 -40.02 -0.53
C GLY E 104 -40.39 -39.36 -1.59
N HIS E 105 -40.12 -39.64 -2.88
CA HIS E 105 -40.74 -38.92 -3.98
C HIS E 105 -42.06 -39.57 -4.40
N TYR E 106 -42.06 -40.90 -4.54
CA TYR E 106 -43.05 -41.59 -5.33
C TYR E 106 -44.17 -42.13 -4.48
N THR E 107 -43.78 -42.67 -3.31
CA THR E 107 -44.61 -43.61 -2.56
C THR E 107 -45.04 -43.00 -1.24
N GLU E 108 -44.18 -43.09 -0.22
CA GLU E 108 -44.52 -42.75 1.16
C GLU E 108 -44.76 -41.26 1.28
N GLY E 109 -43.98 -40.49 0.53
CA GLY E 109 -43.98 -39.04 0.59
C GLY E 109 -45.02 -38.41 -0.31
N ALA E 110 -45.47 -39.15 -1.33
CA ALA E 110 -46.58 -38.73 -2.18
C ALA E 110 -47.88 -38.76 -1.38
N GLU E 111 -47.91 -39.56 -0.32
CA GLU E 111 -49.08 -39.70 0.55
C GLU E 111 -49.14 -38.53 1.52
N LEU E 112 -47.97 -37.98 1.85
CA LEU E 112 -47.88 -37.00 2.91
C LEU E 112 -47.69 -35.59 2.34
N VAL E 113 -47.63 -35.46 1.01
CA VAL E 113 -47.27 -34.19 0.38
C VAL E 113 -48.47 -33.26 0.42
N ASP E 114 -49.64 -33.80 0.08
CA ASP E 114 -50.83 -32.99 -0.11
C ASP E 114 -51.14 -32.24 1.19
N SER E 115 -51.02 -32.95 2.32
CA SER E 115 -51.18 -32.39 3.65
C SER E 115 -50.19 -31.26 3.91
N VAL E 116 -48.93 -31.49 3.49
CA VAL E 116 -47.87 -30.50 3.64
C VAL E 116 -48.17 -29.27 2.78
N LEU E 117 -48.63 -29.50 1.54
CA LEU E 117 -48.94 -28.44 0.58
C LEU E 117 -50.07 -27.58 1.11
N ASP E 118 -50.98 -28.20 1.86
CA ASP E 118 -52.06 -27.45 2.47
C ASP E 118 -51.50 -26.46 3.47
N VAL E 119 -50.52 -26.93 4.25
CA VAL E 119 -49.85 -26.07 5.21
C VAL E 119 -49.05 -25.00 4.46
N VAL E 120 -48.44 -25.34 3.32
CA VAL E 120 -47.77 -24.38 2.43
C VAL E 120 -48.73 -23.27 2.02
N ARG E 121 -49.97 -23.66 1.67
CA ARG E 121 -51.00 -22.77 1.14
C ARG E 121 -51.49 -21.87 2.24
N LYS E 122 -51.56 -22.39 3.48
CA LYS E 122 -51.93 -21.59 4.64
C LYS E 122 -50.99 -20.39 4.72
N GLU E 123 -49.70 -20.71 4.55
CA GLU E 123 -48.62 -19.80 4.88
C GLU E 123 -48.51 -18.69 3.83
N SER E 124 -48.71 -19.09 2.57
CA SER E 124 -48.64 -18.18 1.43
C SER E 124 -49.73 -17.12 1.53
N GLU E 125 -50.92 -17.55 1.97
CA GLU E 125 -52.06 -16.67 2.08
C GLU E 125 -51.95 -15.76 3.31
N SER E 126 -51.15 -16.18 4.29
CA SER E 126 -50.97 -15.41 5.51
C SER E 126 -49.87 -14.36 5.33
N CYS E 127 -49.28 -14.34 4.13
CA CYS E 127 -48.20 -13.42 3.80
C CYS E 127 -48.76 -12.12 3.22
N ASP E 128 -48.19 -11.02 3.73
CA ASP E 128 -48.42 -9.68 3.21
C ASP E 128 -47.97 -9.64 1.75
N CYS E 129 -46.77 -10.20 1.50
CA CYS E 129 -46.26 -10.48 0.16
C CYS E 129 -45.12 -11.49 0.24
N LEU E 130 -45.44 -12.72 -0.15
CA LEU E 130 -44.53 -13.86 -0.21
C LEU E 130 -43.35 -13.53 -1.11
N GLN E 131 -42.13 -13.71 -0.59
CA GLN E 131 -40.97 -13.54 -1.46
C GLN E 131 -40.47 -14.88 -1.97
N GLY E 132 -40.16 -15.79 -1.04
CA GLY E 132 -39.49 -17.03 -1.39
C GLY E 132 -39.73 -18.17 -0.41
N PHE E 133 -39.14 -19.33 -0.74
CA PHE E 133 -39.24 -20.56 0.02
C PHE E 133 -37.83 -21.12 0.26
N GLN E 134 -37.38 -21.15 1.53
CA GLN E 134 -36.10 -21.77 1.88
C GLN E 134 -36.31 -23.20 2.33
N LEU E 135 -35.67 -24.14 1.62
CA LEU E 135 -35.77 -25.56 1.94
C LEU E 135 -34.39 -26.08 2.34
N THR E 136 -34.30 -26.49 3.60
CA THR E 136 -33.12 -27.15 4.10
C THR E 136 -33.38 -28.64 3.99
N HIS E 137 -32.70 -29.30 3.05
CA HIS E 137 -32.96 -30.69 2.76
C HIS E 137 -31.69 -31.34 2.23
N SER E 138 -31.30 -32.45 2.86
CA SER E 138 -30.15 -33.23 2.43
C SER E 138 -30.36 -33.81 1.02
N LEU E 139 -29.28 -34.06 0.28
CA LEU E 139 -29.37 -34.56 -1.09
C LEU E 139 -29.32 -36.08 -1.11
N GLY E 140 -28.72 -36.66 -0.05
CA GLY E 140 -28.19 -38.01 -0.04
C GLY E 140 -29.00 -38.96 0.83
N GLY E 141 -30.00 -38.39 1.50
CA GLY E 141 -30.87 -39.13 2.40
C GLY E 141 -32.08 -39.70 1.69
N GLY E 142 -33.19 -39.82 2.42
CA GLY E 142 -34.43 -40.33 1.84
C GLY E 142 -35.50 -39.24 1.84
N THR E 143 -35.61 -38.55 2.97
CA THR E 143 -36.63 -37.56 3.23
C THR E 143 -36.18 -36.20 2.74
N GLY E 144 -34.89 -36.05 2.50
CA GLY E 144 -34.40 -34.82 1.90
C GLY E 144 -34.48 -34.85 0.37
N SER E 145 -34.04 -35.97 -0.22
CA SER E 145 -33.91 -36.15 -1.67
C SER E 145 -35.28 -36.25 -2.32
N GLY E 146 -35.94 -37.40 -2.08
CA GLY E 146 -37.20 -37.71 -2.73
C GLY E 146 -38.30 -36.77 -2.26
N MET E 147 -38.56 -36.79 -0.96
CA MET E 147 -39.63 -36.01 -0.35
C MET E 147 -39.38 -34.52 -0.55
N GLY E 148 -38.14 -34.09 -0.30
CA GLY E 148 -37.72 -32.72 -0.52
C GLY E 148 -37.96 -32.27 -1.96
N THR E 149 -37.52 -33.10 -2.94
CA THR E 149 -37.59 -32.75 -4.36
C THR E 149 -39.02 -32.64 -4.84
N LEU E 150 -39.85 -33.57 -4.36
CA LEU E 150 -41.28 -33.62 -4.67
C LEU E 150 -41.94 -32.35 -4.18
N LEU E 151 -41.55 -31.93 -2.98
CA LEU E 151 -42.08 -30.73 -2.34
C LEU E 151 -41.77 -29.49 -3.16
N ILE E 152 -40.53 -29.44 -3.69
CA ILE E 152 -40.02 -28.34 -4.49
C ILE E 152 -40.83 -28.20 -5.78
N SER E 153 -41.08 -29.33 -6.44
CA SER E 153 -41.73 -29.39 -7.75
C SER E 153 -43.13 -28.79 -7.67
N LYS E 154 -43.92 -29.32 -6.73
CA LYS E 154 -45.30 -28.93 -6.53
C LYS E 154 -45.40 -27.46 -6.11
N ILE E 155 -44.49 -27.03 -5.24
CA ILE E 155 -44.46 -25.65 -4.78
C ILE E 155 -44.13 -24.71 -5.95
N ARG E 156 -43.21 -25.12 -6.84
CA ARG E 156 -42.87 -24.31 -8.00
C ARG E 156 -44.06 -24.21 -8.95
N GLU E 157 -44.84 -25.29 -9.10
CA GLU E 157 -46.06 -25.26 -9.90
C GLU E 157 -47.05 -24.25 -9.31
N GLU E 158 -47.15 -24.22 -7.97
CA GLU E 158 -48.11 -23.36 -7.28
C GLU E 158 -47.69 -21.89 -7.35
N TYR E 159 -46.42 -21.58 -7.09
CA TYR E 159 -45.92 -20.21 -7.04
C TYR E 159 -44.69 -20.06 -7.94
N PRO E 160 -44.83 -20.06 -9.29
CA PRO E 160 -43.65 -20.07 -10.18
C PRO E 160 -42.82 -18.79 -10.27
N ASP E 161 -43.41 -17.68 -9.80
CA ASP E 161 -42.86 -16.35 -9.93
C ASP E 161 -41.94 -16.03 -8.76
N ARG E 162 -41.88 -16.95 -7.78
CA ARG E 162 -41.24 -16.70 -6.50
C ARG E 162 -39.87 -17.38 -6.43
N ILE E 163 -39.13 -17.04 -5.37
CA ILE E 163 -37.77 -17.50 -5.13
C ILE E 163 -37.82 -18.89 -4.48
N MET E 164 -37.04 -19.80 -5.04
CA MET E 164 -36.82 -21.08 -4.38
C MET E 164 -35.32 -21.26 -4.17
N ASN E 165 -34.93 -21.20 -2.91
CA ASN E 165 -33.56 -21.37 -2.48
C ASN E 165 -33.46 -22.53 -1.50
N THR E 166 -32.41 -23.35 -1.69
CA THR E 166 -32.29 -24.57 -0.93
C THR E 166 -30.86 -24.74 -0.45
N PHE E 167 -30.67 -24.66 0.86
CA PHE E 167 -29.39 -24.94 1.45
C PHE E 167 -29.23 -26.45 1.59
N SER E 168 -28.94 -27.10 0.44
CA SER E 168 -28.88 -28.56 0.31
C SER E 168 -27.52 -29.10 0.72
N VAL E 169 -27.54 -30.01 1.70
CA VAL E 169 -26.37 -30.64 2.29
C VAL E 169 -26.08 -31.88 1.44
N VAL E 170 -24.88 -31.92 0.88
CA VAL E 170 -24.56 -32.83 -0.20
C VAL E 170 -23.62 -33.94 0.31
N PRO E 171 -23.42 -35.01 -0.48
CA PRO E 171 -22.48 -36.06 -0.09
C PRO E 171 -21.06 -35.50 -0.09
N SER E 172 -20.23 -36.00 0.81
CA SER E 172 -18.79 -35.77 0.71
C SER E 172 -18.13 -37.09 0.29
N PRO E 173 -17.52 -37.17 -0.92
CA PRO E 173 -16.96 -38.45 -1.40
C PRO E 173 -16.01 -39.13 -0.41
N LYS E 174 -15.28 -38.32 0.38
CA LYS E 174 -14.25 -38.81 1.29
C LYS E 174 -14.87 -39.33 2.59
N VAL E 175 -16.05 -38.80 2.98
CA VAL E 175 -16.81 -39.28 4.12
C VAL E 175 -18.23 -39.60 3.69
N SER E 176 -18.39 -40.74 3.02
CA SER E 176 -19.70 -41.24 2.68
C SER E 176 -20.34 -41.76 3.97
N ASP E 177 -21.66 -41.55 4.11
CA ASP E 177 -22.38 -41.95 5.31
C ASP E 177 -23.41 -43.02 4.96
N THR E 178 -23.89 -43.02 3.70
CA THR E 178 -24.98 -43.90 3.32
C THR E 178 -24.64 -44.66 2.05
N VAL E 179 -25.43 -45.74 1.89
CA VAL E 179 -25.29 -46.82 0.94
C VAL E 179 -25.39 -46.32 -0.49
N VAL E 180 -26.52 -45.66 -0.76
CA VAL E 180 -26.93 -45.35 -2.12
C VAL E 180 -26.85 -43.85 -2.18
N GLU E 181 -26.01 -43.27 -1.31
CA GLU E 181 -25.78 -41.83 -1.35
C GLU E 181 -25.70 -41.34 -2.80
N PRO E 182 -24.86 -41.99 -3.67
CA PRO E 182 -24.83 -41.68 -5.11
C PRO E 182 -26.17 -41.65 -5.82
N TYR E 183 -26.98 -42.68 -5.56
CA TYR E 183 -28.29 -42.80 -6.17
C TYR E 183 -29.15 -41.60 -5.78
N ASN E 184 -29.18 -41.29 -4.48
CA ASN E 184 -30.03 -40.25 -3.90
C ASN E 184 -29.66 -38.89 -4.46
N ALA E 185 -28.35 -38.63 -4.46
CA ALA E 185 -27.82 -37.35 -4.89
C ALA E 185 -28.16 -37.15 -6.37
N THR E 186 -27.87 -38.17 -7.19
CA THR E 186 -28.01 -38.06 -8.64
C THR E 186 -29.47 -37.83 -9.02
N LEU E 187 -30.35 -38.61 -8.42
CA LEU E 187 -31.76 -38.42 -8.72
C LEU E 187 -32.26 -37.07 -8.24
N SER E 188 -31.76 -36.60 -7.09
CA SER E 188 -32.14 -35.32 -6.52
C SER E 188 -31.71 -34.16 -7.43
N VAL E 189 -30.43 -34.19 -7.84
CA VAL E 189 -29.79 -33.12 -8.59
C VAL E 189 -30.52 -32.91 -9.91
N HIS E 190 -30.83 -34.02 -10.59
CA HIS E 190 -31.52 -34.05 -11.87
C HIS E 190 -32.74 -33.14 -11.80
N GLN E 191 -33.51 -33.29 -10.72
CA GLN E 191 -34.71 -32.51 -10.45
C GLN E 191 -34.36 -31.10 -9.99
N LEU E 192 -33.39 -30.98 -9.08
CA LEU E 192 -33.03 -29.70 -8.48
C LEU E 192 -32.59 -28.68 -9.53
N VAL E 193 -31.72 -29.09 -10.47
CA VAL E 193 -31.18 -28.22 -11.51
C VAL E 193 -32.32 -27.41 -12.13
N GLU E 194 -33.48 -28.07 -12.30
CA GLU E 194 -34.59 -27.52 -13.06
C GLU E 194 -35.66 -26.88 -12.19
N ASN E 195 -35.50 -26.91 -10.86
CA ASN E 195 -36.62 -26.60 -9.98
C ASN E 195 -36.32 -25.50 -8.97
N THR E 196 -35.08 -25.00 -8.98
CA THR E 196 -34.63 -24.02 -8.00
C THR E 196 -33.88 -22.88 -8.69
N ASP E 197 -33.86 -21.72 -8.01
CA ASP E 197 -33.17 -20.55 -8.52
C ASP E 197 -31.77 -20.50 -7.95
N GLU E 198 -31.60 -21.06 -6.75
CA GLU E 198 -30.29 -21.02 -6.12
C GLU E 198 -30.21 -22.07 -5.02
N THR E 199 -29.07 -22.75 -5.03
CA THR E 199 -28.82 -23.86 -4.14
C THR E 199 -27.42 -23.74 -3.57
N TYR E 200 -27.38 -23.68 -2.25
CA TYR E 200 -26.15 -23.53 -1.50
C TYR E 200 -25.69 -24.90 -1.01
N CYS E 201 -24.62 -25.40 -1.64
CA CYS E 201 -24.21 -26.79 -1.52
C CYS E 201 -23.16 -26.91 -0.40
N ILE E 202 -23.55 -27.60 0.69
CA ILE E 202 -22.73 -27.64 1.89
C ILE E 202 -22.43 -29.09 2.22
N ASP E 203 -21.15 -29.49 2.18
CA ASP E 203 -20.76 -30.83 2.56
C ASP E 203 -20.10 -30.84 3.94
N ASN E 204 -20.21 -31.99 4.61
CA ASN E 204 -19.83 -32.15 6.01
C ASN E 204 -18.31 -32.14 6.19
N GLU E 205 -17.64 -32.52 5.11
CA GLU E 205 -16.20 -32.59 4.99
C GLU E 205 -15.62 -31.22 5.29
N ALA E 206 -16.15 -30.24 4.56
CA ALA E 206 -15.60 -28.91 4.59
C ALA E 206 -15.85 -28.31 5.98
N LEU E 207 -17.01 -28.66 6.56
CA LEU E 207 -17.39 -28.15 7.87
C LEU E 207 -16.37 -28.65 8.88
N TYR E 208 -16.05 -29.94 8.74
CA TYR E 208 -15.10 -30.55 9.65
C TYR E 208 -13.79 -29.81 9.55
N ASP E 209 -13.36 -29.53 8.31
CA ASP E 209 -12.11 -28.83 8.04
C ASP E 209 -12.08 -27.53 8.84
N ILE E 210 -13.18 -26.79 8.74
CA ILE E 210 -13.29 -25.52 9.39
C ILE E 210 -13.14 -25.68 10.90
N CYS E 211 -13.91 -26.62 11.46
CA CYS E 211 -13.96 -26.83 12.90
C CYS E 211 -12.58 -27.19 13.44
N PHE E 212 -11.92 -28.08 12.71
CA PHE E 212 -10.70 -28.71 13.17
C PHE E 212 -9.53 -27.73 13.15
N ARG E 213 -9.38 -27.11 11.98
CA ARG E 213 -8.25 -26.24 11.70
C ARG E 213 -8.39 -24.91 12.44
N THR E 214 -9.52 -24.23 12.25
CA THR E 214 -9.63 -22.79 12.44
C THR E 214 -10.32 -22.48 13.76
N LEU E 215 -11.45 -23.16 13.97
CA LEU E 215 -12.22 -23.03 15.19
C LEU E 215 -11.58 -23.91 16.28
N LYS E 216 -10.71 -24.82 15.85
CA LYS E 216 -9.90 -25.65 16.72
C LYS E 216 -10.78 -26.54 17.59
N LEU E 217 -11.93 -26.94 17.05
CA LEU E 217 -12.79 -27.87 17.74
C LEU E 217 -12.52 -29.25 17.17
N THR E 218 -11.84 -30.07 17.96
CA THR E 218 -11.39 -31.38 17.53
C THR E 218 -12.35 -32.45 18.03
N THR E 219 -13.46 -31.96 18.61
CA THR E 219 -14.67 -32.72 18.86
C THR E 219 -15.86 -32.00 18.21
N PRO E 220 -16.07 -32.10 16.86
CA PRO E 220 -17.20 -31.42 16.21
C PRO E 220 -18.48 -32.12 16.65
N THR E 221 -19.43 -31.35 17.21
CA THR E 221 -20.78 -31.88 17.41
C THR E 221 -21.56 -31.52 16.16
N TYR E 222 -22.53 -32.37 15.79
CA TYR E 222 -23.40 -31.99 14.69
C TYR E 222 -23.97 -30.60 14.92
N GLY E 223 -24.17 -30.28 16.21
CA GLY E 223 -24.51 -28.95 16.71
C GLY E 223 -23.61 -27.86 16.13
N ASP E 224 -22.29 -28.07 16.24
CA ASP E 224 -21.29 -27.13 15.77
C ASP E 224 -21.35 -26.96 14.24
N LEU E 225 -21.42 -28.09 13.51
CA LEU E 225 -21.54 -28.08 12.07
C LEU E 225 -22.81 -27.33 11.69
N ASN E 226 -23.88 -27.60 12.43
CA ASN E 226 -25.16 -26.96 12.18
C ASN E 226 -25.08 -25.46 12.45
N HIS E 227 -24.44 -25.10 13.57
CA HIS E 227 -24.30 -23.71 13.96
C HIS E 227 -23.68 -22.93 12.81
N LEU E 228 -22.73 -23.56 12.13
CA LEU E 228 -22.03 -23.01 10.97
C LEU E 228 -23.03 -22.67 9.86
N VAL E 229 -23.77 -23.68 9.41
CA VAL E 229 -24.65 -23.51 8.26
C VAL E 229 -25.68 -22.47 8.61
N SER E 230 -26.11 -22.47 9.87
CA SER E 230 -27.16 -21.57 10.35
C SER E 230 -26.75 -20.12 10.15
N ALA E 231 -25.56 -19.81 10.66
CA ALA E 231 -25.05 -18.48 10.49
C ALA E 231 -24.98 -18.12 9.00
N THR E 232 -24.61 -19.07 8.11
CA THR E 232 -24.51 -18.84 6.66
C THR E 232 -25.82 -18.31 6.09
N MET E 233 -26.91 -18.99 6.44
CA MET E 233 -28.23 -18.67 5.91
C MET E 233 -28.70 -17.31 6.44
N SER E 234 -28.46 -17.04 7.75
CA SER E 234 -28.75 -15.76 8.38
C SER E 234 -28.12 -14.62 7.60
N GLY E 235 -26.83 -14.78 7.33
CA GLY E 235 -26.08 -13.80 6.56
C GLY E 235 -26.71 -13.54 5.19
N VAL E 236 -27.17 -14.60 4.48
CA VAL E 236 -27.77 -14.53 3.16
C VAL E 236 -28.98 -13.58 3.19
N THR E 237 -29.74 -13.69 4.28
CA THR E 237 -31.04 -13.05 4.38
C THR E 237 -31.01 -11.82 5.30
N THR E 238 -29.81 -11.39 5.75
CA THR E 238 -29.69 -10.25 6.66
C THR E 238 -30.29 -8.98 6.06
N CYS E 239 -30.02 -8.75 4.78
CA CYS E 239 -30.41 -7.56 4.06
C CYS E 239 -31.91 -7.29 4.08
N LEU E 240 -32.69 -8.33 3.82
CA LEU E 240 -34.15 -8.26 3.79
C LEU E 240 -34.65 -7.86 5.17
N ARG E 241 -33.93 -8.32 6.21
CA ARG E 241 -34.37 -8.28 7.60
C ARG E 241 -33.81 -7.07 8.34
N PHE E 242 -32.83 -6.41 7.75
CA PHE E 242 -32.25 -5.26 8.41
C PHE E 242 -31.88 -4.19 7.39
N PRO E 243 -31.88 -2.89 7.79
CA PRO E 243 -31.49 -1.78 6.90
C PRO E 243 -30.03 -1.90 6.49
N GLY E 244 -29.65 -1.33 5.34
CA GLY E 244 -28.27 -1.45 4.88
C GLY E 244 -27.84 -0.30 3.99
N GLN E 245 -26.52 -0.15 3.88
CA GLN E 245 -25.91 0.86 3.06
C GLN E 245 -26.03 0.45 1.60
N LEU E 246 -26.03 -0.85 1.34
CA LEU E 246 -26.40 -1.40 0.06
C LEU E 246 -27.12 -2.72 0.32
N ASN E 247 -28.36 -2.92 -0.16
CA ASN E 247 -29.17 -4.03 0.34
C ASN E 247 -29.48 -5.03 -0.75
N ALA E 248 -29.11 -6.29 -0.49
CA ALA E 248 -29.25 -7.39 -1.43
C ALA E 248 -30.36 -8.35 -1.00
N ASP E 249 -31.43 -8.17 -1.76
CA ASP E 249 -32.56 -9.06 -1.85
C ASP E 249 -32.07 -10.41 -2.33
N LEU E 250 -32.91 -11.41 -2.04
CA LEU E 250 -32.61 -12.77 -2.42
C LEU E 250 -32.55 -12.82 -3.94
N ARG E 251 -33.51 -12.17 -4.59
CA ARG E 251 -33.55 -12.11 -6.04
C ARG E 251 -32.32 -11.35 -6.54
N LYS E 252 -31.93 -10.28 -5.82
CA LYS E 252 -30.77 -9.47 -6.16
C LYS E 252 -29.53 -10.36 -6.22
N LEU E 253 -29.36 -11.20 -5.20
CA LEU E 253 -28.21 -12.07 -5.12
C LEU E 253 -28.22 -13.04 -6.30
N ALA E 254 -29.37 -13.68 -6.52
CA ALA E 254 -29.53 -14.62 -7.60
C ALA E 254 -29.15 -13.96 -8.93
N VAL E 255 -29.65 -12.73 -9.13
CA VAL E 255 -29.52 -12.04 -10.40
C VAL E 255 -28.07 -11.66 -10.65
N ASN E 256 -27.38 -11.31 -9.56
CA ASN E 256 -25.98 -10.91 -9.58
C ASN E 256 -25.05 -12.11 -9.67
N MET E 257 -25.58 -13.31 -9.42
CA MET E 257 -24.71 -14.44 -9.16
C MET E 257 -24.78 -15.44 -10.32
N VAL E 258 -25.68 -15.20 -11.27
CA VAL E 258 -26.02 -16.27 -12.16
C VAL E 258 -25.82 -15.83 -13.59
N PRO E 259 -24.78 -16.33 -14.29
CA PRO E 259 -24.59 -16.04 -15.71
C PRO E 259 -25.61 -16.70 -16.62
N PHE E 260 -26.13 -17.84 -16.18
CA PHE E 260 -26.99 -18.61 -17.05
C PHE E 260 -28.03 -19.31 -16.20
N PRO E 261 -29.19 -19.60 -16.81
CA PRO E 261 -30.30 -20.29 -16.14
C PRO E 261 -29.92 -21.40 -15.16
N ARG E 262 -28.92 -22.18 -15.56
CA ARG E 262 -28.70 -23.49 -14.98
C ARG E 262 -27.69 -23.40 -13.85
N LEU E 263 -26.66 -22.57 -13.96
CA LEU E 263 -25.49 -22.77 -13.11
C LEU E 263 -25.66 -21.99 -11.81
N HIS E 264 -26.70 -22.37 -11.06
CA HIS E 264 -27.17 -21.58 -9.93
C HIS E 264 -26.56 -22.07 -8.62
N PHE E 265 -25.72 -23.11 -8.70
CA PHE E 265 -25.14 -23.72 -7.53
C PHE E 265 -24.05 -22.81 -6.98
N PHE E 266 -23.94 -22.79 -5.65
CA PHE E 266 -23.04 -21.89 -4.95
C PHE E 266 -22.32 -22.60 -3.83
N MET E 267 -21.26 -21.93 -3.38
CA MET E 267 -20.51 -22.30 -2.21
C MET E 267 -20.59 -21.11 -1.26
N PRO E 268 -21.22 -21.30 -0.10
CA PRO E 268 -21.16 -20.27 0.93
C PRO E 268 -19.92 -20.45 1.79
N GLY E 269 -19.52 -19.33 2.38
CA GLY E 269 -18.56 -19.29 3.46
C GLY E 269 -19.04 -18.35 4.57
N PHE E 270 -18.18 -18.19 5.57
CA PHE E 270 -18.40 -17.22 6.62
C PHE E 270 -17.03 -16.77 7.14
N ALA E 271 -16.96 -15.55 7.68
CA ALA E 271 -15.82 -15.06 8.46
C ALA E 271 -16.36 -14.11 9.52
N PRO E 272 -15.72 -13.91 10.70
CA PRO E 272 -14.40 -14.46 11.03
C PRO E 272 -14.51 -15.85 11.66
N LEU E 273 -13.85 -16.84 11.03
CA LEU E 273 -13.79 -18.19 11.55
C LEU E 273 -12.53 -18.36 12.40
N THR E 274 -12.71 -18.27 13.72
CA THR E 274 -11.63 -18.31 14.69
C THR E 274 -12.09 -19.13 15.91
N SER E 275 -11.13 -19.76 16.60
CA SER E 275 -11.34 -20.42 17.89
C SER E 275 -11.47 -19.37 18.99
N ARG E 276 -12.01 -19.78 20.15
CA ARG E 276 -12.08 -18.91 21.31
C ARG E 276 -10.68 -18.64 21.86
N GLY E 277 -10.36 -17.35 22.03
CA GLY E 277 -9.02 -16.91 22.31
C GLY E 277 -8.15 -16.88 21.05
N SER E 278 -8.51 -17.69 20.03
CA SER E 278 -7.81 -17.61 18.75
C SER E 278 -8.10 -16.25 18.11
N GLN E 279 -9.37 -15.83 18.20
CA GLN E 279 -9.80 -14.52 17.68
C GLN E 279 -8.77 -13.45 18.06
N GLN E 280 -8.45 -13.39 19.36
CA GLN E 280 -7.35 -12.59 19.88
C GLN E 280 -6.33 -12.20 18.81
N TYR E 281 -5.68 -13.19 18.18
CA TYR E 281 -4.52 -12.89 17.34
C TYR E 281 -4.94 -12.13 16.09
N ARG E 282 -6.23 -12.23 15.75
CA ARG E 282 -6.81 -11.43 14.67
C ARG E 282 -7.21 -10.06 15.25
N ALA E 283 -7.47 -9.09 14.37
CA ALA E 283 -8.09 -7.82 14.74
C ALA E 283 -9.01 -7.39 13.59
N LEU E 284 -10.30 -7.18 13.93
CA LEU E 284 -11.38 -7.26 12.96
C LEU E 284 -11.33 -6.05 12.02
N THR E 285 -11.03 -6.34 10.75
CA THR E 285 -10.95 -5.34 9.69
C THR E 285 -11.54 -5.94 8.42
N VAL E 286 -11.93 -5.06 7.51
CA VAL E 286 -12.48 -5.46 6.23
C VAL E 286 -11.48 -6.37 5.49
N PRO E 287 -10.19 -5.97 5.36
CA PRO E 287 -9.20 -6.83 4.74
C PRO E 287 -9.13 -8.22 5.38
N GLU E 288 -9.12 -8.26 6.72
CA GLU E 288 -9.04 -9.50 7.46
C GLU E 288 -10.14 -10.44 7.00
N LEU E 289 -11.36 -9.92 7.05
CA LEU E 289 -12.54 -10.72 6.75
C LEU E 289 -12.47 -11.24 5.32
N THR E 290 -12.10 -10.37 4.36
CA THR E 290 -12.05 -10.74 2.96
C THR E 290 -11.04 -11.88 2.76
N GLN E 291 -9.87 -11.73 3.41
CA GLN E 291 -8.80 -12.71 3.27
C GLN E 291 -9.28 -14.07 3.78
N GLN E 292 -9.97 -14.06 4.93
CA GLN E 292 -10.52 -15.27 5.53
C GLN E 292 -11.51 -15.93 4.56
N MET E 293 -12.43 -15.13 4.02
CA MET E 293 -13.48 -15.61 3.14
C MET E 293 -12.91 -16.25 1.88
N PHE E 294 -11.86 -15.65 1.30
CA PHE E 294 -11.35 -16.09 0.00
C PHE E 294 -10.32 -17.22 0.17
N ASP E 295 -10.05 -17.60 1.42
CA ASP E 295 -9.21 -18.76 1.73
C ASP E 295 -10.03 -20.04 1.62
N ALA E 296 -9.36 -21.12 1.19
CA ALA E 296 -9.95 -22.42 0.91
C ALA E 296 -10.48 -23.08 2.19
N LYS E 297 -9.82 -22.81 3.33
CA LYS E 297 -10.17 -23.36 4.64
C LYS E 297 -11.54 -22.87 5.13
N ASN E 298 -12.06 -21.80 4.52
CA ASN E 298 -13.30 -21.18 4.98
C ASN E 298 -14.40 -21.33 3.93
N MET E 299 -14.27 -22.36 3.10
CA MET E 299 -15.25 -22.76 2.11
C MET E 299 -16.04 -23.94 2.66
N MET E 300 -17.36 -23.90 2.52
CA MET E 300 -18.18 -24.95 3.08
C MET E 300 -18.63 -25.91 1.96
N ALA E 301 -17.80 -26.01 0.91
CA ALA E 301 -17.99 -26.92 -0.21
C ALA E 301 -16.75 -27.79 -0.43
N ALA E 302 -16.95 -28.89 -1.18
CA ALA E 302 -15.97 -29.93 -1.45
C ALA E 302 -14.79 -29.42 -2.25
N CYS E 303 -15.12 -28.72 -3.35
CA CYS E 303 -14.17 -28.27 -4.35
C CYS E 303 -13.15 -27.32 -3.72
N ASP E 304 -11.89 -27.50 -4.08
CA ASP E 304 -10.87 -26.50 -3.85
C ASP E 304 -11.09 -25.41 -4.90
N PRO E 305 -11.32 -24.14 -4.50
CA PRO E 305 -11.56 -23.05 -5.45
C PRO E 305 -10.55 -22.88 -6.58
N ARG E 306 -9.27 -23.15 -6.25
CA ARG E 306 -8.13 -22.90 -7.11
C ARG E 306 -8.05 -23.97 -8.20
N HIS E 307 -8.95 -24.96 -8.14
CA HIS E 307 -9.10 -25.98 -9.17
C HIS E 307 -10.19 -25.58 -10.16
N GLY E 308 -10.14 -24.31 -10.58
CA GLY E 308 -11.18 -23.60 -11.28
C GLY E 308 -11.09 -22.10 -10.97
N ARG E 309 -12.05 -21.31 -11.49
CA ARG E 309 -12.11 -19.86 -11.32
C ARG E 309 -13.53 -19.46 -10.95
N TYR E 310 -13.71 -18.58 -9.95
CA TYR E 310 -15.02 -18.09 -9.58
C TYR E 310 -15.65 -17.35 -10.77
N LEU E 311 -16.80 -17.84 -11.26
CA LEU E 311 -17.58 -17.19 -12.31
C LEU E 311 -18.06 -15.83 -11.82
N THR E 312 -18.63 -15.81 -10.61
CA THR E 312 -19.15 -14.62 -9.95
C THR E 312 -18.89 -14.76 -8.46
N VAL E 313 -19.00 -13.67 -7.72
CA VAL E 313 -18.85 -13.66 -6.27
C VAL E 313 -19.80 -12.62 -5.71
N ALA E 314 -20.39 -12.90 -4.54
CA ALA E 314 -21.23 -11.94 -3.84
C ALA E 314 -20.98 -12.02 -2.35
N ALA E 315 -20.27 -11.00 -1.86
CA ALA E 315 -19.89 -10.93 -0.48
C ALA E 315 -20.82 -9.98 0.27
N VAL E 316 -21.74 -10.56 1.04
CA VAL E 316 -22.71 -9.83 1.82
C VAL E 316 -22.17 -9.58 3.24
N PHE E 317 -21.52 -8.44 3.44
CA PHE E 317 -20.91 -8.14 4.73
C PHE E 317 -21.98 -7.71 5.72
N ARG E 318 -21.59 -7.70 6.99
CA ARG E 318 -22.44 -7.26 8.08
C ARG E 318 -21.62 -6.34 9.00
N GLY E 319 -22.33 -5.53 9.80
CA GLY E 319 -21.71 -4.58 10.72
C GLY E 319 -21.18 -3.33 10.02
N ARG E 320 -20.63 -2.36 10.79
CA ARG E 320 -20.48 -0.95 10.43
C ARG E 320 -19.12 -0.72 9.78
N MET E 321 -19.10 -0.48 8.47
CA MET E 321 -17.82 -0.45 7.74
C MET E 321 -17.89 0.55 6.61
N SER E 322 -16.70 0.89 6.11
CA SER E 322 -16.56 1.81 5.00
C SER E 322 -16.71 1.06 3.69
N MET E 323 -17.78 1.37 2.96
CA MET E 323 -18.00 0.91 1.59
C MET E 323 -16.73 1.08 0.77
N LYS E 324 -16.04 2.22 0.93
CA LYS E 324 -14.78 2.48 0.26
C LYS E 324 -13.77 1.39 0.59
N GLU E 325 -13.66 1.07 1.89
CA GLU E 325 -12.70 0.09 2.33
C GLU E 325 -12.98 -1.23 1.62
N VAL E 326 -14.24 -1.65 1.66
CA VAL E 326 -14.71 -2.90 1.05
C VAL E 326 -14.43 -2.86 -0.45
N ASP E 327 -14.76 -1.72 -1.09
CA ASP E 327 -14.60 -1.54 -2.53
C ASP E 327 -13.14 -1.76 -2.90
N GLU E 328 -12.29 -0.99 -2.22
CA GLU E 328 -10.86 -0.90 -2.48
C GLU E 328 -10.22 -2.26 -2.18
N GLN E 329 -10.72 -2.92 -1.13
CA GLN E 329 -10.19 -4.18 -0.64
C GLN E 329 -10.45 -5.29 -1.65
N MET E 330 -11.65 -5.29 -2.23
CA MET E 330 -12.07 -6.36 -3.11
C MET E 330 -11.68 -6.07 -4.56
N LEU E 331 -11.03 -4.93 -4.77
CA LEU E 331 -10.44 -4.59 -6.06
C LEU E 331 -9.06 -5.21 -6.16
N ASN E 332 -8.27 -5.01 -5.09
CA ASN E 332 -7.03 -5.70 -4.84
C ASN E 332 -7.21 -7.19 -5.08
N VAL E 333 -8.28 -7.73 -4.49
CA VAL E 333 -8.55 -9.16 -4.50
C VAL E 333 -8.72 -9.66 -5.93
N GLN E 334 -9.54 -8.95 -6.72
CA GLN E 334 -9.68 -9.22 -8.15
C GLN E 334 -8.30 -9.33 -8.82
N ASN E 335 -7.40 -8.39 -8.50
CA ASN E 335 -6.05 -8.31 -9.06
C ASN E 335 -5.19 -9.49 -8.61
N LYS E 336 -5.26 -9.82 -7.31
CA LYS E 336 -4.46 -10.89 -6.72
C LYS E 336 -4.80 -12.24 -7.36
N ASN E 337 -6.09 -12.57 -7.44
CA ASN E 337 -6.57 -13.84 -8.00
C ASN E 337 -6.86 -13.67 -9.48
N SER E 338 -5.84 -13.28 -10.24
CA SER E 338 -5.97 -13.02 -11.66
C SER E 338 -6.45 -14.29 -12.37
N SER E 339 -6.00 -15.45 -11.89
CA SER E 339 -6.28 -16.74 -12.49
C SER E 339 -7.57 -17.38 -11.98
N TYR E 340 -8.04 -16.96 -10.79
CA TYR E 340 -9.25 -17.51 -10.21
C TYR E 340 -10.39 -16.48 -10.19
N PHE E 341 -10.50 -15.70 -11.27
CA PHE E 341 -11.69 -14.92 -11.57
C PHE E 341 -11.92 -15.00 -13.08
N VAL E 342 -13.16 -15.36 -13.47
CA VAL E 342 -13.48 -15.58 -14.86
C VAL E 342 -13.49 -14.24 -15.62
N GLU E 343 -12.99 -14.31 -16.86
CA GLU E 343 -12.75 -13.14 -17.71
C GLU E 343 -14.08 -12.56 -18.19
N TRP E 344 -15.00 -13.44 -18.61
CA TRP E 344 -16.27 -13.10 -19.21
C TRP E 344 -16.86 -11.86 -18.56
N ILE E 345 -16.82 -11.87 -17.21
CA ILE E 345 -17.52 -10.93 -16.36
C ILE E 345 -16.49 -10.02 -15.68
N PRO E 346 -16.51 -8.71 -15.95
CA PRO E 346 -15.72 -7.77 -15.18
C PRO E 346 -16.55 -7.43 -13.94
N ASN E 347 -15.88 -6.83 -12.95
CA ASN E 347 -16.50 -6.64 -11.65
C ASN E 347 -17.13 -7.97 -11.26
N ASN E 348 -16.27 -8.97 -11.12
CA ASN E 348 -16.70 -10.31 -10.77
C ASN E 348 -17.44 -10.29 -9.44
N VAL E 349 -16.92 -9.50 -8.50
CA VAL E 349 -17.46 -9.46 -7.14
C VAL E 349 -18.64 -8.51 -7.13
N LYS E 350 -19.51 -8.71 -6.12
CA LYS E 350 -20.66 -7.87 -5.84
C LYS E 350 -20.80 -7.73 -4.34
N THR E 351 -20.63 -6.50 -3.86
CA THR E 351 -20.52 -6.17 -2.44
C THR E 351 -21.86 -5.64 -1.96
N ALA E 352 -22.35 -6.23 -0.88
CA ALA E 352 -23.54 -5.74 -0.22
C ALA E 352 -23.25 -5.59 1.26
N VAL E 353 -23.59 -4.42 1.81
CA VAL E 353 -23.19 -4.07 3.15
C VAL E 353 -24.44 -3.88 4.01
N CYS E 354 -24.77 -4.90 4.78
CA CYS E 354 -25.82 -4.73 5.77
C CYS E 354 -25.23 -3.94 6.94
N ASP E 355 -26.09 -3.13 7.56
CA ASP E 355 -25.70 -2.21 8.60
C ASP E 355 -25.86 -2.86 9.98
N ILE E 356 -26.16 -4.16 10.01
CA ILE E 356 -26.39 -4.85 11.28
C ILE E 356 -25.29 -5.89 11.48
N PRO E 357 -24.58 -5.86 12.63
CA PRO E 357 -23.67 -6.95 12.98
C PRO E 357 -24.48 -8.14 13.51
N PRO E 358 -23.91 -9.37 13.63
CA PRO E 358 -24.64 -10.51 14.22
C PRO E 358 -24.57 -10.68 15.74
N ARG E 359 -24.99 -9.63 16.48
CA ARG E 359 -25.11 -9.62 17.93
C ARG E 359 -23.95 -10.34 18.62
N GLY E 360 -22.74 -9.77 18.52
CA GLY E 360 -21.60 -10.19 19.33
C GLY E 360 -20.25 -10.15 18.60
N LEU E 361 -20.28 -9.92 17.29
CA LEU E 361 -19.11 -9.67 16.48
C LEU E 361 -19.24 -8.26 15.91
N LYS E 362 -18.23 -7.41 16.17
CA LYS E 362 -18.29 -6.02 15.75
C LYS E 362 -18.39 -5.93 14.23
N MET E 363 -17.69 -6.82 13.53
CA MET E 363 -17.81 -7.01 12.10
C MET E 363 -17.98 -8.49 11.81
N SER E 364 -18.47 -8.79 10.62
CA SER E 364 -18.67 -10.16 10.13
C SER E 364 -18.86 -10.09 8.60
N ALA E 365 -18.81 -11.26 7.93
CA ALA E 365 -19.03 -11.35 6.50
C ALA E 365 -19.62 -12.70 6.13
N THR E 366 -20.17 -12.81 4.92
CA THR E 366 -20.71 -14.06 4.39
C THR E 366 -20.48 -14.14 2.89
N PHE E 367 -19.72 -15.16 2.48
CA PHE E 367 -19.35 -15.33 1.10
C PHE E 367 -20.41 -16.14 0.38
N ILE E 368 -20.56 -15.89 -0.92
CA ILE E 368 -21.27 -16.74 -1.88
C ILE E 368 -20.46 -16.73 -3.17
N GLY E 369 -19.97 -17.92 -3.51
CA GLY E 369 -19.17 -18.05 -4.70
C GLY E 369 -19.81 -19.00 -5.68
N ASN E 370 -19.66 -18.64 -6.95
CA ASN E 370 -20.00 -19.54 -8.02
C ASN E 370 -18.69 -19.85 -8.75
N SER E 371 -18.18 -21.06 -8.49
CA SER E 371 -16.91 -21.50 -9.04
C SER E 371 -17.14 -22.65 -10.03
N THR E 372 -16.45 -22.58 -11.17
CA THR E 372 -16.37 -23.64 -12.16
C THR E 372 -15.85 -24.91 -11.49
N ALA E 373 -15.12 -24.74 -10.37
CA ALA E 373 -14.46 -25.81 -9.66
C ALA E 373 -15.47 -26.81 -9.07
N ILE E 374 -16.67 -26.33 -8.78
CA ILE E 374 -17.66 -27.17 -8.13
C ILE E 374 -18.10 -28.30 -9.06
N GLN E 375 -17.71 -28.22 -10.34
CA GLN E 375 -17.89 -29.32 -11.28
C GLN E 375 -17.28 -30.61 -10.73
N GLU E 376 -16.21 -30.45 -9.94
CA GLU E 376 -15.46 -31.58 -9.39
C GLU E 376 -16.34 -32.36 -8.42
N LEU E 377 -17.13 -31.66 -7.60
CA LEU E 377 -18.08 -32.28 -6.69
C LEU E 377 -19.02 -33.20 -7.47
N PHE E 378 -19.56 -32.67 -8.58
CA PHE E 378 -20.50 -33.40 -9.42
C PHE E 378 -19.84 -34.61 -10.07
N LYS E 379 -18.58 -34.43 -10.50
CA LYS E 379 -17.77 -35.49 -11.09
C LYS E 379 -17.67 -36.67 -10.12
N ARG E 380 -17.39 -36.38 -8.85
CA ARG E 380 -17.10 -37.41 -7.84
C ARG E 380 -18.33 -38.29 -7.66
N ILE E 381 -19.47 -37.64 -7.55
CA ILE E 381 -20.74 -38.33 -7.37
C ILE E 381 -21.13 -39.07 -8.64
N SER E 382 -20.92 -38.45 -9.81
CA SER E 382 -21.18 -39.07 -11.10
C SER E 382 -20.39 -40.38 -11.22
N GLU E 383 -19.10 -40.35 -10.86
CA GLU E 383 -18.20 -41.49 -10.90
C GLU E 383 -18.68 -42.61 -9.98
N GLN E 384 -18.94 -42.25 -8.72
CA GLN E 384 -19.40 -43.15 -7.66
C GLN E 384 -20.65 -43.86 -8.15
N PHE E 385 -21.63 -43.06 -8.60
CA PHE E 385 -22.88 -43.53 -9.12
C PHE E 385 -22.64 -44.47 -10.29
N THR E 386 -21.85 -44.03 -11.28
CA THR E 386 -21.71 -44.70 -12.56
C THR E 386 -21.24 -46.13 -12.37
N ALA E 387 -20.22 -46.30 -11.51
CA ALA E 387 -19.61 -47.60 -11.24
C ALA E 387 -20.67 -48.57 -10.71
N MET E 388 -21.48 -48.11 -9.75
CA MET E 388 -22.50 -48.93 -9.14
C MET E 388 -23.64 -49.23 -10.12
N PHE E 389 -23.95 -48.28 -11.00
CA PHE E 389 -24.93 -48.54 -12.02
C PHE E 389 -24.41 -49.58 -13.02
N ARG E 390 -23.10 -49.61 -13.28
CA ARG E 390 -22.52 -50.64 -14.11
C ARG E 390 -22.87 -52.05 -13.61
N ARG E 391 -23.05 -52.24 -12.30
CA ARG E 391 -23.40 -53.54 -11.75
C ARG E 391 -24.89 -53.60 -11.44
N LYS E 392 -25.64 -52.56 -11.84
CA LYS E 392 -27.09 -52.37 -11.68
C LYS E 392 -27.47 -52.48 -10.20
N ALA E 393 -26.56 -51.99 -9.35
CA ALA E 393 -26.53 -52.31 -7.94
C ALA E 393 -27.66 -51.62 -7.20
N PHE E 394 -28.24 -52.34 -6.23
CA PHE E 394 -29.23 -51.82 -5.30
C PHE E 394 -30.51 -51.44 -6.04
N LEU E 395 -30.53 -51.87 -7.30
CA LEU E 395 -31.57 -51.62 -8.24
C LEU E 395 -32.91 -52.02 -7.64
N HIS E 396 -32.95 -53.15 -6.91
CA HIS E 396 -34.21 -53.81 -6.57
C HIS E 396 -35.05 -52.92 -5.65
N TRP E 397 -34.38 -52.14 -4.81
CA TRP E 397 -35.08 -51.24 -3.91
C TRP E 397 -35.85 -50.17 -4.66
N TYR E 398 -35.33 -49.76 -5.82
CA TYR E 398 -35.89 -48.66 -6.58
C TYR E 398 -36.91 -49.16 -7.58
N THR E 399 -36.60 -50.26 -8.27
CA THR E 399 -37.50 -50.85 -9.25
C THR E 399 -38.79 -51.27 -8.52
N GLY E 400 -38.62 -51.71 -7.26
CA GLY E 400 -39.72 -52.02 -6.35
C GLY E 400 -40.69 -50.86 -6.14
N GLU E 401 -40.22 -49.62 -6.32
CA GLU E 401 -41.03 -48.42 -6.08
C GLU E 401 -41.45 -47.77 -7.39
N GLY E 402 -41.21 -48.45 -8.53
CA GLY E 402 -41.75 -48.05 -9.82
C GLY E 402 -40.72 -47.41 -10.75
N MET E 403 -39.52 -47.17 -10.22
CA MET E 403 -38.51 -46.42 -10.94
C MET E 403 -37.78 -47.31 -11.94
N ASP E 404 -37.17 -46.67 -12.93
CA ASP E 404 -36.72 -47.36 -14.13
C ASP E 404 -35.29 -46.98 -14.45
N GLU E 405 -34.60 -47.89 -15.14
CA GLU E 405 -33.21 -47.75 -15.56
C GLU E 405 -33.02 -46.52 -16.44
N MET E 406 -34.03 -46.23 -17.27
CA MET E 406 -33.93 -45.14 -18.24
C MET E 406 -33.85 -43.81 -17.50
N GLU E 407 -34.64 -43.69 -16.43
CA GLU E 407 -34.62 -42.56 -15.51
C GLU E 407 -33.19 -42.32 -15.02
N PHE E 408 -32.53 -43.39 -14.56
CA PHE E 408 -31.18 -43.30 -14.02
C PHE E 408 -30.20 -42.82 -15.09
N THR E 409 -30.35 -43.36 -16.31
CA THR E 409 -29.56 -42.96 -17.46
C THR E 409 -29.74 -41.46 -17.71
N GLU E 410 -30.99 -40.99 -17.62
CA GLU E 410 -31.34 -39.59 -17.82
C GLU E 410 -30.75 -38.73 -16.70
N ALA E 411 -30.72 -39.24 -15.46
CA ALA E 411 -30.11 -38.57 -14.33
C ALA E 411 -28.61 -38.43 -14.55
N GLU E 412 -27.98 -39.48 -15.10
CA GLU E 412 -26.57 -39.45 -15.48
C GLU E 412 -26.33 -38.38 -16.54
N SER E 413 -27.26 -38.29 -17.51
CA SER E 413 -27.18 -37.28 -18.56
C SER E 413 -27.19 -35.88 -17.96
N ASN E 414 -28.05 -35.67 -16.93
CA ASN E 414 -28.16 -34.40 -16.22
C ASN E 414 -26.83 -34.01 -15.60
N MET E 415 -26.19 -34.99 -14.95
CA MET E 415 -24.92 -34.79 -14.29
C MET E 415 -23.84 -34.40 -15.29
N ASN E 416 -23.81 -35.14 -16.41
CA ASN E 416 -22.87 -34.94 -17.50
C ASN E 416 -23.06 -33.53 -18.06
N ASP E 417 -24.33 -33.12 -18.25
CA ASP E 417 -24.67 -31.80 -18.78
C ASP E 417 -24.14 -30.71 -17.86
N LEU E 418 -24.23 -30.91 -16.55
CA LEU E 418 -23.81 -29.92 -15.57
C LEU E 418 -22.30 -29.68 -15.63
N VAL E 419 -21.53 -30.75 -15.85
CA VAL E 419 -20.07 -30.67 -15.75
C VAL E 419 -19.48 -30.05 -17.03
N SER E 420 -20.08 -30.34 -18.20
CA SER E 420 -19.65 -29.85 -19.50
C SER E 420 -19.80 -28.33 -19.61
N GLU E 421 -20.91 -27.81 -19.08
CA GLU E 421 -21.22 -26.38 -19.11
C GLU E 421 -20.18 -25.61 -18.30
N TYR E 422 -19.84 -26.12 -17.11
CA TYR E 422 -18.78 -25.50 -16.33
C TYR E 422 -17.44 -25.50 -17.07
N GLN E 423 -17.11 -26.60 -17.75
CA GLN E 423 -15.88 -26.75 -18.52
C GLN E 423 -15.81 -25.66 -19.59
N GLN E 424 -16.95 -25.44 -20.27
CA GLN E 424 -17.06 -24.46 -21.35
C GLN E 424 -16.72 -23.07 -20.84
N TYR E 425 -17.20 -22.74 -19.63
CA TYR E 425 -17.02 -21.43 -19.05
C TYR E 425 -15.90 -21.46 -18.01
N GLN E 426 -14.89 -22.31 -18.25
CA GLN E 426 -13.70 -22.33 -17.44
C GLN E 426 -12.78 -21.19 -17.91
#